data_9C2I
#
_entry.id   9C2I
#
_cell.length_a   1.00
_cell.length_b   1.00
_cell.length_c   1.00
_cell.angle_alpha   90.00
_cell.angle_beta   90.00
_cell.angle_gamma   90.00
#
_symmetry.space_group_name_H-M   'P 1'
#
loop_
_entity.id
_entity.type
_entity.pdbx_description
1 polymer 'ATP-binding cassette sub-family C member 2'
2 non-polymer 'UNKNOWN LIGAND'
3 non-polymer CHOLESTEROL
#
_entity_poly.entity_id   1
_entity_poly.type   'polypeptide(L)'
_entity_poly.pdbx_seq_one_letter_code
;MLEKFCNSTFWNSSFLDSPEADLPLCFEQTVLVWIPLGYLWLLAPWQLLHVYKSRTKRSSTTKLYLAKQVFVGFLLILAA
IELALVLTEDSGQATVPAVRYTNPSLYLGTWLLVLLIQYSRQWCVQKNSWFLSLFWILSILCGTFQFQTLIRTLLQGDNS
NLAYSCLFFISYGFQILILIFSAFSENNESSNNPSSIASFLSSITYSWYDSIILKGYKRPLTLEDVWEVDEEMKTKTLVS
KFETHMKRELQKARRALQRRQEKSSQQNSGARLPGLNKNQSQSQDALVLEDVEKKKKKSGTKKDVPKSWLMKALFKTFYM
VLLKSFLLKLVNDIFTFVSPQLLKLLISFASDRDTYLWIGYLCAILLFTAALIQSFCLQCYFQLCFKLGVKVRTAIMASV
YKKALTLSNLARKEYTVGETVNLMSVDAQKLMDVTNFMHMLWSSVLQIVLSIFFLWRELGPSVLAGVGVMVLVIPINAIL
STKSKTIQVKNMKNKDKRLKIMNEILSGIKILKYFAWEPSFRDQVQNLRKKELKNLLAFSQLQCVVIFVFQLTPVLVSVV
TFSVYVLVDSNNILDAQKAFTSITLFNILRFPLSMLPMMISSMLQASVSTERLEKYLGGDDLDTSAIRHDCNFDKAMQFS
EASFTWEHDSEATVRDVNLDIMAGQLVAVIGPVGSGKSSLISAMLGEMENVHGHITIKGTTAYVPQQSWIQNGTIKDNIL
FGTEFNEKRYQQVLEACALLPDLEMLPGGDLAEIGEKGINLSGGQKQRISLARATYQNLDIYLLDDPLSAVDAHVGKHIF
NKVLGPNGLLKGKTRLLVTHSMHFLPQVDEIVVLGNGTIVEKGSYSALLAKKGEFAKNLKTFLRHTGPEEEATVHDGSEE
EDDDYGLISSVEEIPEDAASITMRRENSFRRTLSRSSRSNGRHLKSLRNSLKTRNVNSLKEDEELVKGQKLIKKEFIETG
KVKFSIYLEYLQAIGLFSIFFIILAFVMNSVAFIGSNLWLSAWTSDSKIFNSTDYPASQRDMRVGVYGALGLAQGIFVFI
AHFWSAFGFVHASNILHKQLLNNILRAPMRFFDTTPTGRIVNRFAGDISTVDDTLPQSLRSWITCFLGIISTLVMICMAT
PVFTIIVIPLGIIYVSVQMFYVSTSRQLRRLDSVTRSPIYSHFSETVSGLPVIRAFEHQQRFLKHNEVRIDTNQKCVFSW
ITSNRWLAIRLELVGNLTVFFSALMMVIYRDTLSGDTVGFVLSNALNITQTLNWLVRMTSEIETNIVAVERITEYTKVEN
EAPWVTDKRPPPDWPSKGKIQFNNYQVRYRPELDLVLRGITCDIGSMEKIGVVGRTGAGKSSLTNCLFRILEAAGGQIII
DGVDIASIGLHDLREKLTIIPQDPILFSGSLRMNLDPFNNYSDEEIWKALELAHLKSFVASLQLGLSHEVTEAGGNLSIG
QRQLLCLGRALLRKSKILVLDEATAAVDLETDNLIQTTIQNEFAHCTVITIAHRLHTIMDSDKVMVLDNGKIIECGSPEE
LLQIPGPFYFMAKEAGIENVNSTKF
;
_entity_poly.pdbx_strand_id   A
#
loop_
_chem_comp.id
_chem_comp.type
_chem_comp.name
_chem_comp.formula
CLR non-polymer CHOLESTEROL 'C27 H46 O'
UNL non-polymer 'UNKNOWN LIGAND' ?
#
# COMPACT_ATOMS: atom_id res chain seq x y z
N LEU A 2 -26.78 -33.31 -52.90
CA LEU A 2 -26.03 -32.08 -53.28
C LEU A 2 -25.48 -32.21 -54.71
N GLU A 3 -25.39 -33.44 -55.24
CA GLU A 3 -24.78 -33.61 -56.55
C GLU A 3 -25.63 -33.00 -57.65
N LYS A 4 -26.96 -33.13 -57.55
CA LYS A 4 -27.83 -32.53 -58.54
C LYS A 4 -27.98 -31.02 -58.35
N PHE A 5 -27.91 -30.55 -57.10
CA PHE A 5 -27.97 -29.08 -56.85
C PHE A 5 -26.76 -28.42 -57.54
N CYS A 6 -25.56 -28.94 -57.27
CA CYS A 6 -24.34 -28.44 -57.88
C CYS A 6 -24.08 -29.20 -59.18
N ASN A 7 -22.83 -29.15 -59.67
CA ASN A 7 -22.48 -29.91 -60.89
C ASN A 7 -21.15 -30.66 -60.66
N SER A 8 -20.29 -30.15 -59.77
CA SER A 8 -18.94 -30.76 -59.56
C SER A 8 -18.95 -31.71 -58.35
N THR A 9 -17.85 -32.45 -58.16
CA THR A 9 -17.73 -33.40 -57.01
C THR A 9 -17.40 -32.62 -55.74
N PHE A 10 -17.90 -33.08 -54.59
CA PHE A 10 -17.68 -32.34 -53.32
C PHE A 10 -16.22 -32.45 -52.89
N TRP A 11 -15.67 -33.67 -52.86
CA TRP A 11 -14.27 -33.84 -52.39
C TRP A 11 -13.60 -35.04 -53.08
N ASN A 12 -12.43 -34.83 -53.68
CA ASN A 12 -11.68 -35.93 -54.34
C ASN A 12 -10.19 -35.78 -53.98
N SER A 13 -9.50 -36.89 -53.78
CA SER A 13 -8.07 -36.85 -53.38
C SER A 13 -7.26 -36.11 -54.45
N SER A 14 -7.62 -36.28 -55.73
CA SER A 14 -6.87 -35.63 -56.84
C SER A 14 -6.86 -34.12 -56.66
N PHE A 15 -7.92 -33.55 -56.09
CA PHE A 15 -7.96 -32.09 -55.83
C PHE A 15 -6.72 -31.71 -54.99
N LEU A 16 -6.40 -32.53 -53.99
CA LEU A 16 -5.19 -32.27 -53.16
C LEU A 16 -4.11 -33.29 -53.54
N ASP A 17 -3.30 -33.72 -52.58
CA ASP A 17 -2.27 -34.76 -52.86
C ASP A 17 -1.50 -34.39 -54.12
N SER A 18 -1.00 -33.14 -54.20
CA SER A 18 -0.24 -32.68 -55.38
C SER A 18 0.60 -31.46 -55.01
N PRO A 19 1.76 -31.18 -55.65
CA PRO A 19 2.51 -29.97 -55.34
C PRO A 19 1.56 -28.77 -55.24
N GLU A 20 0.65 -28.67 -56.21
CA GLU A 20 -0.40 -27.61 -56.18
C GLU A 20 -1.70 -28.28 -55.74
N ALA A 21 -2.40 -27.69 -54.78
CA ALA A 21 -3.61 -28.32 -54.20
C ALA A 21 -4.62 -27.21 -53.92
N ASP A 22 -5.91 -27.47 -54.12
CA ASP A 22 -6.93 -26.40 -53.97
C ASP A 22 -8.30 -27.08 -53.79
N LEU A 23 -9.16 -26.49 -52.96
CA LEU A 23 -10.54 -27.04 -52.79
C LEU A 23 -11.33 -26.69 -54.05
N PRO A 24 -12.21 -27.58 -54.56
CA PRO A 24 -12.93 -27.32 -55.81
C PRO A 24 -13.95 -26.19 -55.63
N LEU A 25 -14.44 -25.63 -56.74
CA LEU A 25 -15.47 -24.56 -56.66
C LEU A 25 -16.83 -25.19 -56.32
N CYS A 26 -16.81 -26.40 -55.77
CA CYS A 26 -18.08 -27.05 -55.33
C CYS A 26 -18.14 -27.02 -53.81
N PHE A 27 -17.03 -27.37 -53.14
CA PHE A 27 -16.97 -27.35 -51.67
C PHE A 27 -16.95 -25.90 -51.19
N GLU A 28 -16.27 -25.02 -51.94
CA GLU A 28 -16.14 -23.59 -51.54
C GLU A 28 -17.44 -22.84 -51.78
N GLN A 29 -18.22 -23.23 -52.80
CA GLN A 29 -19.46 -22.48 -53.12
C GLN A 29 -20.65 -23.14 -52.42
N THR A 30 -20.37 -23.89 -51.36
CA THR A 30 -21.46 -24.58 -50.61
C THR A 30 -21.29 -24.30 -49.12
N VAL A 31 -20.49 -25.10 -48.41
CA VAL A 31 -20.36 -24.96 -46.94
C VAL A 31 -19.72 -23.60 -46.59
N LEU A 32 -18.78 -23.12 -47.41
CA LEU A 32 -18.04 -21.87 -47.07
C LEU A 32 -18.94 -20.64 -47.27
N VAL A 33 -20.11 -20.82 -47.89
CA VAL A 33 -21.06 -19.68 -48.03
C VAL A 33 -22.32 -19.99 -47.22
N TRP A 34 -22.24 -20.96 -46.31
CA TRP A 34 -23.40 -21.32 -45.46
C TRP A 34 -23.08 -20.97 -44.00
N ILE A 35 -21.84 -21.20 -43.58
CA ILE A 35 -21.42 -20.90 -42.18
C ILE A 35 -21.65 -19.41 -41.89
N PRO A 36 -21.13 -18.45 -42.68
CA PRO A 36 -21.29 -17.02 -42.37
C PRO A 36 -22.77 -16.65 -42.30
N LEU A 37 -23.58 -17.14 -43.25
CA LEU A 37 -25.02 -16.78 -43.29
C LEU A 37 -25.69 -17.33 -42.04
N GLY A 38 -25.39 -18.57 -41.66
CA GLY A 38 -26.03 -19.18 -40.49
C GLY A 38 -25.82 -18.35 -39.24
N TYR A 39 -24.59 -17.91 -39.01
CA TYR A 39 -24.28 -17.08 -37.81
C TYR A 39 -25.19 -15.85 -37.80
N LEU A 40 -25.31 -15.17 -38.94
CA LEU A 40 -26.13 -13.93 -39.00
C LEU A 40 -27.61 -14.28 -38.79
N TRP A 41 -28.13 -15.28 -39.51
CA TRP A 41 -29.58 -15.61 -39.42
C TRP A 41 -29.90 -16.19 -38.04
N LEU A 42 -29.28 -17.30 -37.66
CA LEU A 42 -29.62 -17.94 -36.40
C LEU A 42 -29.60 -16.94 -35.24
N LEU A 43 -28.53 -16.15 -35.10
CA LEU A 43 -28.46 -15.30 -33.89
C LEU A 43 -28.86 -13.84 -34.17
N ALA A 44 -29.86 -13.59 -35.03
CA ALA A 44 -30.32 -12.20 -35.22
C ALA A 44 -31.50 -11.90 -34.29
N PRO A 45 -32.59 -12.70 -34.28
CA PRO A 45 -33.77 -12.37 -33.47
C PRO A 45 -33.42 -11.79 -32.09
N TRP A 46 -32.70 -12.55 -31.26
CA TRP A 46 -32.31 -12.05 -29.92
C TRP A 46 -31.63 -10.69 -30.08
N GLN A 47 -30.66 -10.58 -30.99
CA GLN A 47 -29.91 -9.31 -31.13
C GLN A 47 -30.88 -8.24 -31.61
N LEU A 48 -32.15 -8.62 -31.81
CA LEU A 48 -33.18 -7.58 -32.12
C LEU A 48 -34.09 -7.52 -30.90
N LEU A 49 -34.40 -8.65 -30.25
CA LEU A 49 -35.13 -8.54 -28.99
C LEU A 49 -34.37 -7.72 -27.97
N HIS A 50 -33.05 -7.92 -27.89
CA HIS A 50 -32.26 -7.16 -26.93
C HIS A 50 -32.32 -5.66 -27.23
N VAL A 51 -32.35 -5.30 -28.51
CA VAL A 51 -32.51 -3.84 -28.83
C VAL A 51 -33.95 -3.42 -28.57
N TYR A 52 -34.93 -4.23 -29.00
CA TYR A 52 -36.36 -3.84 -28.89
C TYR A 52 -36.72 -3.40 -27.48
N LYS A 53 -36.44 -4.25 -26.48
CA LYS A 53 -36.86 -3.93 -25.09
C LYS A 53 -36.17 -2.66 -24.59
N SER A 54 -34.90 -2.44 -24.96
CA SER A 54 -34.14 -1.28 -24.42
C SER A 54 -33.98 -0.19 -25.48
N ARG A 55 -35.06 0.15 -26.20
CA ARG A 55 -34.99 1.21 -27.24
C ARG A 55 -35.07 2.59 -26.56
N THR A 56 -34.13 3.48 -26.87
CA THR A 56 -34.11 4.84 -26.28
C THR A 56 -34.10 5.88 -27.41
N LYS A 57 -33.66 7.10 -27.11
CA LYS A 57 -33.64 8.18 -28.14
C LYS A 57 -32.61 7.86 -29.21
N ARG A 58 -32.85 8.28 -30.45
CA ARG A 58 -31.87 8.07 -31.55
C ARG A 58 -30.69 9.02 -31.36
N SER A 59 -29.51 8.62 -31.82
CA SER A 59 -28.29 9.48 -31.68
C SER A 59 -28.09 10.29 -32.96
N SER A 60 -27.46 11.47 -32.85
CA SER A 60 -27.18 12.27 -34.03
C SER A 60 -26.44 11.45 -35.08
N THR A 61 -26.73 11.78 -36.35
CA THR A 61 -26.10 11.04 -37.48
C THR A 61 -24.70 11.56 -37.74
N THR A 62 -23.74 10.65 -37.94
CA THR A 62 -22.36 10.98 -38.21
C THR A 62 -21.95 10.40 -39.55
N LYS A 63 -20.84 10.93 -40.09
CA LYS A 63 -20.38 10.54 -41.42
C LYS A 63 -20.17 9.03 -41.51
N LEU A 64 -19.68 8.42 -40.44
CA LEU A 64 -19.43 6.98 -40.45
C LEU A 64 -20.73 6.20 -40.71
N TYR A 65 -21.83 6.69 -40.14
CA TYR A 65 -23.13 6.00 -40.33
C TYR A 65 -23.48 5.99 -41.82
N LEU A 66 -23.47 7.16 -42.47
CA LEU A 66 -23.84 7.19 -43.88
C LEU A 66 -22.87 6.41 -44.74
N ALA A 67 -21.58 6.41 -44.41
CA ALA A 67 -20.63 5.60 -45.16
C ALA A 67 -20.96 4.11 -45.03
N LYS A 68 -21.24 3.66 -43.80
CA LYS A 68 -21.57 2.26 -43.58
C LYS A 68 -22.87 1.87 -44.27
N GLN A 69 -23.79 2.82 -44.40
CA GLN A 69 -25.10 2.52 -45.03
C GLN A 69 -24.95 2.53 -46.56
N VAL A 70 -24.12 3.42 -47.11
CA VAL A 70 -23.97 3.49 -48.56
C VAL A 70 -23.12 2.34 -49.09
N PHE A 71 -22.14 1.87 -48.31
CA PHE A 71 -21.40 0.68 -48.76
C PHE A 71 -22.31 -0.54 -48.82
N VAL A 72 -23.18 -0.70 -47.83
CA VAL A 72 -24.12 -1.85 -47.85
C VAL A 72 -25.07 -1.68 -49.03
N GLY A 73 -25.52 -0.45 -49.32
CA GLY A 73 -26.35 -0.24 -50.50
C GLY A 73 -25.65 -0.61 -51.79
N PHE A 74 -24.35 -0.30 -51.88
CA PHE A 74 -23.57 -0.70 -53.04
C PHE A 74 -23.50 -2.23 -53.15
N LEU A 75 -23.31 -2.90 -52.02
CA LEU A 75 -23.36 -4.36 -52.03
C LEU A 75 -24.70 -4.88 -52.52
N LEU A 76 -25.77 -4.23 -52.08
CA LEU A 76 -27.14 -4.67 -52.46
C LEU A 76 -27.31 -4.52 -53.98
N ILE A 77 -26.96 -3.36 -54.54
CA ILE A 77 -27.17 -3.15 -55.97
C ILE A 77 -26.26 -4.06 -56.79
N LEU A 78 -25.04 -4.31 -56.30
CA LEU A 78 -24.14 -5.23 -56.99
C LEU A 78 -24.71 -6.64 -57.03
N ALA A 79 -25.23 -7.12 -55.90
CA ALA A 79 -25.83 -8.45 -55.88
C ALA A 79 -27.05 -8.51 -56.80
N ALA A 80 -27.86 -7.45 -56.81
CA ALA A 80 -29.04 -7.43 -57.67
C ALA A 80 -28.67 -7.49 -59.14
N ILE A 81 -27.68 -6.69 -59.56
CA ILE A 81 -27.29 -6.69 -60.96
C ILE A 81 -26.66 -8.03 -61.33
N GLU A 82 -25.92 -8.65 -60.41
CA GLU A 82 -25.36 -9.97 -60.69
C GLU A 82 -26.47 -11.00 -60.89
N LEU A 83 -27.49 -10.97 -60.03
CA LEU A 83 -28.60 -11.89 -60.19
C LEU A 83 -29.32 -11.67 -61.52
N ALA A 84 -29.54 -10.40 -61.87
CA ALA A 84 -30.22 -10.11 -63.13
C ALA A 84 -29.42 -10.61 -64.32
N LEU A 85 -28.10 -10.38 -64.33
CA LEU A 85 -27.26 -10.84 -65.42
C LEU A 85 -27.25 -12.37 -65.50
N VAL A 86 -27.17 -13.04 -64.36
CA VAL A 86 -27.15 -14.51 -64.37
C VAL A 86 -28.46 -15.05 -64.92
N LEU A 87 -29.59 -14.48 -64.48
CA LEU A 87 -30.89 -14.94 -64.98
C LEU A 87 -31.03 -14.66 -66.47
N THR A 88 -30.55 -13.52 -66.94
CA THR A 88 -30.69 -13.17 -68.35
C THR A 88 -29.76 -13.98 -69.23
N GLU A 89 -28.65 -14.49 -68.68
CA GLU A 89 -27.64 -15.15 -69.49
C GLU A 89 -28.18 -16.38 -70.19
N ASP A 90 -28.81 -17.29 -69.44
CA ASP A 90 -29.26 -18.57 -69.98
C ASP A 90 -30.65 -18.87 -69.42
N SER A 91 -31.65 -18.87 -70.29
CA SER A 91 -33.03 -19.19 -69.90
C SER A 91 -33.59 -20.39 -70.66
N GLY A 92 -33.41 -20.43 -71.98
CA GLY A 92 -33.99 -21.49 -72.79
C GLY A 92 -33.01 -22.60 -73.06
N GLN A 93 -33.48 -23.85 -72.88
CA GLN A 93 -32.69 -25.05 -73.16
C GLN A 93 -31.37 -25.04 -72.39
N ALA A 94 -31.41 -24.56 -71.15
CA ALA A 94 -30.22 -24.46 -70.31
C ALA A 94 -30.61 -24.78 -68.87
N THR A 95 -30.26 -25.99 -68.43
CA THR A 95 -30.51 -26.41 -67.05
C THR A 95 -29.40 -25.87 -66.16
N VAL A 96 -29.44 -24.56 -65.96
CA VAL A 96 -28.41 -23.89 -65.15
C VAL A 96 -28.51 -24.38 -63.71
N PRO A 97 -27.42 -24.79 -63.09
CA PRO A 97 -27.49 -25.28 -61.70
C PRO A 97 -27.94 -24.19 -60.75
N ALA A 98 -28.62 -24.59 -59.68
CA ALA A 98 -29.17 -23.65 -58.72
C ALA A 98 -28.10 -22.93 -57.90
N VAL A 99 -26.84 -23.37 -57.97
CA VAL A 99 -25.77 -22.66 -57.30
C VAL A 99 -25.63 -21.25 -57.85
N ARG A 100 -26.06 -21.03 -59.08
CA ARG A 100 -26.11 -19.70 -59.67
C ARG A 100 -27.42 -18.98 -59.39
N TYR A 101 -28.33 -19.59 -58.64
CA TYR A 101 -29.62 -19.00 -58.35
C TYR A 101 -29.81 -18.69 -56.87
N THR A 102 -29.52 -19.70 -56.04
CA THR A 102 -29.67 -19.55 -54.57
C THR A 102 -28.60 -18.60 -54.03
N ASN A 103 -27.32 -18.91 -54.24
CA ASN A 103 -26.24 -18.07 -53.66
C ASN A 103 -26.51 -16.59 -53.95
N PRO A 104 -26.73 -16.15 -55.21
CA PRO A 104 -27.02 -14.74 -55.46
C PRO A 104 -28.20 -14.29 -54.59
N SER A 105 -29.30 -15.05 -54.61
CA SER A 105 -30.51 -14.65 -53.85
C SER A 105 -30.19 -14.61 -52.35
N LEU A 106 -29.46 -15.61 -51.85
CA LEU A 106 -29.15 -15.66 -50.40
C LEU A 106 -28.55 -14.32 -49.98
N TYR A 107 -27.44 -13.94 -50.59
CA TYR A 107 -26.77 -12.66 -50.23
C TYR A 107 -27.79 -11.53 -50.27
N LEU A 108 -28.50 -11.39 -51.40
CA LEU A 108 -29.47 -10.27 -51.53
C LEU A 108 -30.37 -10.27 -50.29
N GLY A 109 -30.74 -11.44 -49.79
CA GLY A 109 -31.58 -11.53 -48.58
C GLY A 109 -30.84 -11.07 -47.34
N THR A 110 -29.59 -11.49 -47.17
CA THR A 110 -28.82 -11.15 -45.93
C THR A 110 -28.58 -9.63 -45.87
N TRP A 111 -28.06 -9.05 -46.95
CA TRP A 111 -27.71 -7.60 -46.90
C TRP A 111 -28.85 -6.80 -46.27
N LEU A 112 -30.10 -7.23 -46.50
CA LEU A 112 -31.27 -6.49 -45.97
C LEU A 112 -31.20 -6.52 -44.43
N LEU A 113 -30.97 -7.70 -43.85
CA LEU A 113 -30.90 -7.83 -42.38
C LEU A 113 -29.75 -6.96 -41.86
N VAL A 114 -28.63 -6.93 -42.60
CA VAL A 114 -27.45 -6.12 -42.17
C VAL A 114 -27.87 -4.64 -42.10
N LEU A 115 -28.58 -4.15 -43.12
CA LEU A 115 -29.06 -2.74 -43.11
C LEU A 115 -29.93 -2.52 -41.87
N LEU A 116 -30.90 -3.41 -41.63
CA LEU A 116 -31.83 -3.23 -40.49
C LEU A 116 -31.05 -3.26 -39.17
N ILE A 117 -30.23 -4.28 -38.95
CA ILE A 117 -29.56 -4.40 -37.62
C ILE A 117 -28.73 -3.14 -37.38
N GLN A 118 -28.10 -2.59 -38.42
CA GLN A 118 -27.21 -1.40 -38.23
C GLN A 118 -28.06 -0.23 -37.73
N TYR A 119 -29.22 -0.01 -38.35
CA TYR A 119 -30.10 1.12 -37.92
C TYR A 119 -30.50 0.92 -36.46
N SER A 120 -30.87 -0.30 -36.08
CA SER A 120 -31.33 -0.56 -34.70
C SER A 120 -30.22 -0.19 -33.72
N ARG A 121 -28.96 -0.44 -34.09
CA ARG A 121 -27.84 -0.13 -33.16
C ARG A 121 -27.84 1.37 -32.87
N GLN A 122 -28.35 2.18 -33.79
CA GLN A 122 -28.33 3.66 -33.61
C GLN A 122 -29.10 4.03 -32.32
N TRP A 123 -29.80 3.08 -31.71
CA TRP A 123 -30.61 3.38 -30.51
C TRP A 123 -30.01 2.75 -29.26
N CYS A 124 -28.71 2.44 -29.29
CA CYS A 124 -28.04 1.85 -28.10
C CYS A 124 -26.74 2.61 -27.80
N VAL A 125 -26.10 2.32 -26.66
CA VAL A 125 -24.84 3.02 -26.25
C VAL A 125 -23.70 2.57 -27.17
N GLN A 126 -23.24 1.32 -27.02
CA GLN A 126 -22.15 0.79 -27.89
C GLN A 126 -22.70 0.61 -29.32
N LYS A 127 -22.21 1.42 -30.26
CA LYS A 127 -22.77 1.37 -31.65
C LYS A 127 -22.27 0.10 -32.35
N ASN A 128 -20.96 -0.12 -32.41
CA ASN A 128 -20.39 -1.30 -33.11
C ASN A 128 -20.26 -2.44 -32.11
N SER A 129 -21.20 -3.37 -32.07
CA SER A 129 -21.19 -4.46 -31.05
C SER A 129 -20.27 -5.60 -31.47
N TRP A 130 -20.37 -6.75 -30.80
CA TRP A 130 -19.56 -7.88 -31.21
C TRP A 130 -20.18 -8.68 -32.34
N PHE A 131 -21.51 -8.61 -32.51
CA PHE A 131 -22.21 -9.44 -33.48
C PHE A 131 -21.70 -9.18 -34.89
N LEU A 132 -21.89 -7.95 -35.38
CA LEU A 132 -21.46 -7.62 -36.73
C LEU A 132 -19.95 -7.72 -36.88
N SER A 133 -19.22 -7.33 -35.84
CA SER A 133 -17.77 -7.33 -35.94
C SER A 133 -17.22 -8.73 -36.10
N LEU A 134 -17.87 -9.72 -35.48
CA LEU A 134 -17.47 -11.11 -35.69
C LEU A 134 -17.96 -11.65 -37.02
N PHE A 135 -19.16 -11.23 -37.43
CA PHE A 135 -19.71 -11.69 -38.73
C PHE A 135 -18.74 -11.30 -39.85
N TRP A 136 -18.29 -10.05 -39.86
CA TRP A 136 -17.43 -9.60 -40.95
C TRP A 136 -16.14 -10.39 -41.01
N ILE A 137 -15.54 -10.68 -39.85
CA ILE A 137 -14.31 -11.47 -39.81
C ILE A 137 -14.56 -12.87 -40.36
N LEU A 138 -15.67 -13.50 -39.93
CA LEU A 138 -16.00 -14.85 -40.43
C LEU A 138 -16.16 -14.81 -41.95
N SER A 139 -16.89 -13.82 -42.46
CA SER A 139 -17.13 -13.71 -43.92
C SER A 139 -15.80 -13.59 -44.66
N ILE A 140 -14.91 -12.73 -44.18
CA ILE A 140 -13.65 -12.50 -44.88
C ILE A 140 -12.80 -13.76 -44.86
N LEU A 141 -12.71 -14.43 -43.71
CA LEU A 141 -11.91 -15.65 -43.62
C LEU A 141 -12.44 -16.73 -44.53
N CYS A 142 -13.77 -16.85 -44.63
CA CYS A 142 -14.36 -17.89 -45.50
C CYS A 142 -14.18 -17.52 -46.97
N GLY A 143 -14.24 -16.22 -47.31
CA GLY A 143 -14.16 -15.83 -48.70
C GLY A 143 -12.76 -15.73 -49.27
N THR A 144 -11.74 -15.75 -48.41
CA THR A 144 -10.34 -15.73 -48.90
C THR A 144 -10.12 -16.95 -49.81
N PHE A 145 -10.76 -18.08 -49.49
CA PHE A 145 -10.52 -19.31 -50.27
C PHE A 145 -11.04 -19.15 -51.70
N GLN A 146 -12.29 -18.71 -51.85
CA GLN A 146 -12.81 -18.46 -53.22
C GLN A 146 -11.79 -17.59 -53.95
N PHE A 147 -11.35 -16.49 -53.33
CA PHE A 147 -10.42 -15.55 -53.99
C PHE A 147 -9.14 -16.30 -54.39
N GLN A 148 -8.66 -17.19 -53.51
CA GLN A 148 -7.42 -17.94 -53.78
C GLN A 148 -7.56 -18.77 -55.06
N THR A 149 -8.70 -19.45 -55.23
CA THR A 149 -8.90 -20.33 -56.40
C THR A 149 -9.28 -19.51 -57.64
N LEU A 150 -10.35 -18.71 -57.55
CA LEU A 150 -10.82 -17.89 -58.68
C LEU A 150 -9.60 -17.28 -59.39
N ILE A 151 -8.82 -16.46 -58.68
CA ILE A 151 -7.64 -15.79 -59.30
C ILE A 151 -6.85 -16.83 -60.10
N ARG A 152 -6.45 -17.93 -59.45
CA ARG A 152 -5.64 -18.97 -60.12
C ARG A 152 -6.32 -19.37 -61.43
N THR A 153 -7.58 -19.81 -61.35
CA THR A 153 -8.33 -20.22 -62.57
C THR A 153 -8.09 -19.20 -63.69
N LEU A 154 -8.36 -17.93 -63.41
CA LEU A 154 -8.19 -16.87 -64.43
C LEU A 154 -6.71 -16.80 -64.83
N LEU A 155 -5.83 -16.57 -63.85
CA LEU A 155 -4.38 -16.44 -64.14
C LEU A 155 -3.94 -17.60 -65.02
N GLN A 156 -4.38 -18.82 -64.69
CA GLN A 156 -4.04 -20.01 -65.52
C GLN A 156 -4.30 -19.81 -67.02
N GLY A 157 -5.22 -18.91 -67.37
CA GLY A 157 -5.51 -18.67 -68.76
C GLY A 157 -6.89 -18.91 -69.32
N ASP A 158 -7.87 -19.12 -68.44
CA ASP A 158 -9.23 -19.40 -68.90
C ASP A 158 -9.95 -18.07 -68.76
N ASN A 159 -10.74 -17.72 -69.78
CA ASN A 159 -11.44 -16.44 -69.84
C ASN A 159 -12.95 -16.61 -69.75
N SER A 160 -13.42 -17.83 -69.44
CA SER A 160 -14.85 -18.14 -69.55
C SER A 160 -15.70 -17.27 -68.63
N ASN A 161 -15.26 -17.08 -67.39
CA ASN A 161 -16.02 -16.30 -66.41
C ASN A 161 -15.18 -15.11 -65.97
N LEU A 162 -15.60 -13.92 -66.38
CA LEU A 162 -14.91 -12.69 -65.99
C LEU A 162 -15.80 -11.73 -65.21
N ALA A 163 -17.09 -11.68 -65.53
CA ALA A 163 -18.01 -10.86 -64.75
C ALA A 163 -18.06 -11.33 -63.31
N TYR A 164 -18.22 -12.65 -63.12
CA TYR A 164 -18.35 -13.20 -61.75
C TYR A 164 -17.11 -12.83 -60.94
N SER A 165 -15.93 -13.10 -61.51
CA SER A 165 -14.66 -12.80 -60.80
C SER A 165 -14.63 -11.32 -60.43
N CYS A 166 -14.82 -10.45 -61.44
CA CYS A 166 -14.76 -8.99 -61.17
C CYS A 166 -15.81 -8.65 -60.10
N LEU A 167 -17.03 -9.17 -60.24
CA LEU A 167 -18.10 -8.90 -59.24
C LEU A 167 -17.63 -9.37 -57.86
N PHE A 168 -17.18 -10.62 -57.75
CA PHE A 168 -16.75 -11.15 -56.43
C PHE A 168 -15.61 -10.29 -55.89
N PHE A 169 -14.68 -9.92 -56.76
CA PHE A 169 -13.49 -9.15 -56.30
C PHE A 169 -13.96 -7.81 -55.70
N ILE A 170 -14.89 -7.13 -56.38
CA ILE A 170 -15.39 -5.82 -55.90
C ILE A 170 -16.02 -6.03 -54.51
N SER A 171 -16.86 -7.05 -54.37
CA SER A 171 -17.55 -7.30 -53.08
C SER A 171 -16.51 -7.56 -51.98
N TYR A 172 -15.49 -8.39 -52.27
CA TYR A 172 -14.49 -8.73 -51.23
C TYR A 172 -13.80 -7.45 -50.75
N GLY A 173 -13.51 -6.53 -51.67
CA GLY A 173 -12.90 -5.25 -51.27
C GLY A 173 -13.84 -4.45 -50.38
N PHE A 174 -15.04 -4.17 -50.84
CA PHE A 174 -16.02 -3.44 -50.05
C PHE A 174 -16.19 -4.07 -48.67
N GLN A 175 -16.12 -5.39 -48.57
CA GLN A 175 -16.16 -6.04 -47.27
C GLN A 175 -14.97 -5.62 -46.40
N ILE A 176 -13.78 -5.58 -47.00
CA ILE A 176 -12.61 -5.11 -46.28
C ILE A 176 -12.83 -3.69 -45.75
N LEU A 177 -13.33 -2.82 -46.63
CA LEU A 177 -13.54 -1.42 -46.24
C LEU A 177 -14.58 -1.30 -45.13
N ILE A 178 -15.65 -2.10 -45.21
CA ILE A 178 -16.67 -2.06 -44.17
C ILE A 178 -16.11 -2.52 -42.84
N LEU A 179 -15.31 -3.58 -42.85
CA LEU A 179 -14.71 -4.03 -41.60
C LEU A 179 -13.80 -2.96 -41.02
N ILE A 180 -13.03 -2.29 -41.87
CA ILE A 180 -12.16 -1.21 -41.39
C ILE A 180 -12.99 -0.09 -40.76
N PHE A 181 -14.10 0.28 -41.42
CA PHE A 181 -14.95 1.34 -40.88
C PHE A 181 -15.69 0.92 -39.62
N SER A 182 -15.84 -0.39 -39.38
CA SER A 182 -16.58 -0.87 -38.22
C SER A 182 -15.71 -1.01 -36.97
N ALA A 183 -14.59 -0.27 -36.90
CA ALA A 183 -13.73 -0.29 -35.73
C ALA A 183 -13.62 1.04 -35.02
N PHE A 184 -13.97 2.14 -35.67
CA PHE A 184 -13.84 3.46 -35.06
C PHE A 184 -14.81 3.61 -33.89
N SER A 185 -14.33 4.25 -32.82
CA SER A 185 -15.13 4.37 -31.62
C SER A 185 -16.40 5.17 -31.86
N GLU A 186 -16.29 6.28 -32.60
CA GLU A 186 -17.40 7.20 -32.86
C GLU A 186 -18.04 7.62 -31.54
N ASN A 187 -17.23 8.32 -30.75
CA ASN A 187 -17.56 8.60 -29.36
C ASN A 187 -18.54 9.77 -29.25
N ASN A 188 -19.39 9.70 -28.23
CA ASN A 188 -20.19 10.85 -27.82
C ASN A 188 -19.40 11.80 -26.92
N GLU A 189 -18.17 11.44 -26.57
CA GLU A 189 -17.28 12.27 -25.74
C GLU A 189 -17.89 12.52 -24.36
N SER A 190 -18.27 11.43 -23.70
CA SER A 190 -18.76 11.50 -22.32
C SER A 190 -17.57 11.47 -21.36
N SER A 191 -17.51 12.46 -20.47
CA SER A 191 -16.36 12.61 -19.59
C SER A 191 -16.23 11.50 -18.55
N ASN A 192 -17.26 10.67 -18.38
CA ASN A 192 -17.22 9.62 -17.37
C ASN A 192 -16.10 8.63 -17.68
N ASN A 193 -16.23 7.89 -18.77
CA ASN A 193 -15.22 6.92 -19.19
C ASN A 193 -15.55 6.43 -20.60
N PRO A 194 -14.55 6.23 -21.45
CA PRO A 194 -14.81 5.70 -22.80
C PRO A 194 -15.03 4.19 -22.84
N SER A 195 -15.06 3.51 -21.69
CA SER A 195 -15.22 2.06 -21.71
C SER A 195 -16.59 1.66 -22.23
N SER A 196 -17.64 2.37 -21.81
CA SER A 196 -18.99 2.03 -22.25
C SER A 196 -19.16 2.24 -23.75
N ILE A 197 -18.61 3.33 -24.27
CA ILE A 197 -18.69 3.65 -25.70
C ILE A 197 -17.37 3.28 -26.35
N ALA A 198 -17.30 2.05 -26.86
CA ALA A 198 -16.12 1.54 -27.52
C ALA A 198 -16.52 0.34 -28.35
N SER A 199 -16.01 0.26 -29.57
CA SER A 199 -16.34 -0.84 -30.47
C SER A 199 -15.75 -2.14 -29.92
N PHE A 200 -15.97 -3.23 -30.66
CA PHE A 200 -15.46 -4.52 -30.22
C PHE A 200 -13.94 -4.54 -30.23
N LEU A 201 -13.33 -4.09 -31.33
CA LEU A 201 -11.87 -4.16 -31.44
C LEU A 201 -11.18 -3.29 -30.40
N SER A 202 -11.69 -2.09 -30.17
CA SER A 202 -11.10 -1.23 -29.14
C SER A 202 -11.23 -1.86 -27.77
N SER A 203 -12.38 -2.45 -27.47
CA SER A 203 -12.59 -3.05 -26.16
C SER A 203 -11.92 -4.40 -26.02
N ILE A 204 -11.35 -4.95 -27.09
CA ILE A 204 -10.64 -6.22 -27.01
C ILE A 204 -9.13 -6.05 -27.11
N THR A 205 -8.63 -4.94 -27.65
CA THR A 205 -7.21 -4.64 -27.63
C THR A 205 -6.87 -3.48 -26.71
N TYR A 206 -7.84 -2.98 -25.93
CA TYR A 206 -7.64 -1.91 -24.96
C TYR A 206 -7.00 -0.68 -25.58
N SER A 207 -7.33 -0.36 -26.82
CA SER A 207 -6.81 0.84 -27.44
C SER A 207 -7.71 2.04 -27.19
N TRP A 208 -8.14 2.20 -25.95
CA TRP A 208 -8.80 3.41 -25.48
C TRP A 208 -8.19 3.96 -24.21
N TYR A 209 -7.51 3.14 -23.42
CA TYR A 209 -6.75 3.61 -22.28
C TYR A 209 -5.57 4.46 -22.69
N ASP A 210 -5.07 4.28 -23.91
CA ASP A 210 -3.80 4.89 -24.29
C ASP A 210 -3.84 6.40 -24.22
N SER A 211 -5.02 7.01 -24.24
CA SER A 211 -5.12 8.45 -24.02
C SER A 211 -4.41 8.86 -22.74
N ILE A 212 -4.72 8.19 -21.64
CA ILE A 212 -4.04 8.48 -20.38
C ILE A 212 -2.53 8.28 -20.54
N ILE A 213 -2.14 7.25 -21.30
CA ILE A 213 -0.73 6.99 -21.51
C ILE A 213 -0.06 8.20 -22.16
N LEU A 214 -0.76 8.88 -23.05
CA LEU A 214 -0.21 10.09 -23.65
C LEU A 214 -0.27 11.27 -22.70
N LYS A 215 -1.28 11.32 -21.83
CA LYS A 215 -1.44 12.48 -20.95
C LYS A 215 -0.42 12.48 -19.82
N GLY A 216 -0.15 11.31 -19.23
CA GLY A 216 0.81 11.25 -18.15
C GLY A 216 2.26 11.32 -18.58
N TYR A 217 2.54 11.04 -19.85
CA TYR A 217 3.93 11.06 -20.32
C TYR A 217 4.48 12.49 -20.33
N LYS A 218 3.67 13.45 -20.76
CA LYS A 218 4.15 14.83 -20.89
C LYS A 218 4.26 15.50 -19.52
N ARG A 219 3.16 15.54 -18.76
CA ARG A 219 3.11 16.22 -17.49
C ARG A 219 2.54 15.28 -16.44
N PRO A 220 2.88 15.49 -15.16
CA PRO A 220 2.30 14.65 -14.11
C PRO A 220 0.79 14.81 -14.06
N LEU A 221 0.11 13.70 -13.77
CA LEU A 221 -1.33 13.64 -13.79
C LEU A 221 -1.86 13.54 -12.36
N THR A 222 -2.95 14.26 -12.09
CA THR A 222 -3.55 14.32 -10.77
C THR A 222 -4.90 13.63 -10.79
N LEU A 223 -5.58 13.67 -9.64
CA LEU A 223 -6.84 12.96 -9.49
C LEU A 223 -7.94 13.51 -10.38
N GLU A 224 -7.77 14.71 -10.93
CA GLU A 224 -8.80 15.30 -11.78
C GLU A 224 -8.93 14.53 -13.09
N ASP A 225 -7.81 14.10 -13.66
CA ASP A 225 -7.79 13.54 -15.03
C ASP A 225 -7.78 12.02 -15.06
N VAL A 226 -8.39 11.36 -14.08
CA VAL A 226 -8.56 9.92 -14.07
C VAL A 226 -10.04 9.62 -14.20
N TRP A 227 -10.40 8.80 -15.19
CA TRP A 227 -11.81 8.56 -15.50
C TRP A 227 -12.55 8.01 -14.29
N GLU A 228 -13.81 8.43 -14.12
CA GLU A 228 -14.63 7.95 -12.97
C GLU A 228 -15.01 6.47 -13.18
N VAL A 229 -15.40 5.77 -12.10
CA VAL A 229 -15.78 4.33 -12.18
C VAL A 229 -17.23 4.23 -12.70
N ASP A 230 -17.60 3.09 -13.28
CA ASP A 230 -18.95 2.93 -13.88
C ASP A 230 -20.00 2.85 -12.77
N GLU A 231 -21.27 3.13 -13.10
CA GLU A 231 -22.36 3.13 -12.08
C GLU A 231 -22.51 1.74 -11.47
N GLU A 232 -22.30 0.69 -12.27
CA GLU A 232 -22.49 -0.71 -11.77
C GLU A 232 -21.54 -0.99 -10.60
N MET A 233 -20.50 -0.18 -10.42
CA MET A 233 -19.50 -0.46 -9.36
C MET A 233 -19.57 0.59 -8.25
N LYS A 234 -20.39 1.63 -8.42
CA LYS A 234 -20.46 2.71 -7.39
C LYS A 234 -20.83 2.09 -6.04
N THR A 235 -20.20 2.54 -4.95
CA THR A 235 -20.43 1.90 -3.62
C THR A 235 -21.92 1.82 -3.30
N LYS A 236 -22.67 2.89 -3.55
CA LYS A 236 -24.11 2.91 -3.17
C LYS A 236 -24.83 1.71 -3.80
N THR A 237 -24.49 1.37 -5.05
CA THR A 237 -25.18 0.26 -5.75
C THR A 237 -24.76 -1.09 -5.16
N LEU A 238 -23.46 -1.34 -5.03
CA LEU A 238 -22.98 -2.66 -4.55
C LEU A 238 -23.57 -2.97 -3.19
N VAL A 239 -23.59 -2.01 -2.26
CA VAL A 239 -24.07 -2.30 -0.88
C VAL A 239 -25.51 -2.82 -0.95
N SER A 240 -26.43 -2.05 -1.53
CA SER A 240 -27.83 -2.48 -1.57
C SER A 240 -27.95 -3.92 -2.05
N LYS A 241 -27.24 -4.26 -3.14
CA LYS A 241 -27.32 -5.59 -3.70
C LYS A 241 -26.86 -6.65 -2.69
N PHE A 242 -25.73 -6.39 -2.03
CA PHE A 242 -25.24 -7.35 -1.05
C PHE A 242 -26.14 -7.40 0.18
N GLU A 243 -26.69 -6.25 0.58
CA GLU A 243 -27.51 -6.19 1.79
C GLU A 243 -28.78 -7.01 1.65
N THR A 244 -29.40 -6.99 0.47
CA THR A 244 -30.61 -7.78 0.28
C THR A 244 -30.36 -9.25 0.60
N HIS A 245 -29.33 -9.83 -0.01
CA HIS A 245 -29.05 -11.25 0.17
C HIS A 245 -28.52 -11.54 1.57
N MET A 246 -27.69 -10.66 2.12
CA MET A 246 -27.23 -10.87 3.51
C MET A 246 -28.45 -10.97 4.42
N LYS A 247 -29.34 -9.97 4.37
CA LYS A 247 -30.50 -9.99 5.24
C LYS A 247 -31.32 -11.24 5.04
N ARG A 248 -31.51 -11.65 3.78
CA ARG A 248 -32.33 -12.84 3.52
C ARG A 248 -31.68 -14.10 4.04
N GLU A 249 -30.34 -14.16 4.07
CA GLU A 249 -29.64 -15.40 4.46
C GLU A 249 -29.53 -15.49 5.99
N LEU A 250 -28.97 -14.47 6.62
CA LEU A 250 -28.76 -14.52 8.10
C LEU A 250 -30.03 -15.00 8.80
N GLN A 251 -31.20 -14.39 8.54
CA GLN A 251 -32.37 -14.81 9.31
C GLN A 251 -32.56 -16.32 9.22
N LYS A 252 -32.40 -16.89 8.03
CA LYS A 252 -32.54 -18.34 7.88
C LYS A 252 -31.45 -19.07 8.65
N ALA A 253 -30.21 -18.56 8.62
CA ALA A 253 -29.15 -19.18 9.39
C ALA A 253 -29.44 -19.12 10.88
N ARG A 254 -29.96 -17.98 11.36
CA ARG A 254 -30.31 -17.85 12.77
C ARG A 254 -31.42 -18.83 13.16
N ARG A 255 -32.42 -18.98 12.29
CA ARG A 255 -33.47 -19.94 12.55
C ARG A 255 -32.93 -21.36 12.65
N ALA A 256 -32.02 -21.72 11.73
CA ALA A 256 -31.43 -23.05 11.76
C ALA A 256 -30.63 -23.26 13.03
N LEU A 257 -29.87 -22.24 13.46
CA LEU A 257 -29.09 -22.36 14.69
C LEU A 257 -29.98 -22.45 15.91
N GLN A 258 -31.14 -21.80 15.89
CA GLN A 258 -32.05 -21.85 17.03
C GLN A 258 -32.78 -23.19 17.10
N ARG A 259 -33.16 -23.74 15.95
CA ARG A 259 -33.89 -25.01 15.95
C ARG A 259 -33.03 -26.13 16.51
N ARG A 260 -31.77 -26.20 16.10
CA ARG A 260 -30.84 -27.19 16.62
C ARG A 260 -30.15 -26.66 17.87
N GLN A 261 -29.43 -27.56 18.55
CA GLN A 261 -28.70 -27.23 19.78
C GLN A 261 -29.62 -26.60 20.81
N GLU A 262 -30.84 -27.13 20.92
CA GLU A 262 -31.82 -26.64 21.87
C GLU A 262 -32.88 -27.69 22.15
N VAL A 305 -25.55 -17.29 16.93
CA VAL A 305 -24.21 -17.50 16.41
C VAL A 305 -24.24 -18.37 15.15
N PRO A 306 -24.45 -17.78 13.95
CA PRO A 306 -24.47 -18.55 12.70
C PRO A 306 -23.10 -19.18 12.40
N LYS A 307 -23.05 -20.10 11.41
CA LYS A 307 -21.79 -20.83 11.12
C LYS A 307 -21.28 -20.45 9.72
N SER A 308 -22.14 -20.54 8.71
CA SER A 308 -21.70 -20.23 7.31
C SER A 308 -22.78 -19.46 6.55
N TRP A 309 -22.66 -18.14 6.46
CA TRP A 309 -23.62 -17.35 5.64
C TRP A 309 -22.88 -16.41 4.67
N LEU A 310 -21.74 -15.85 5.09
CA LEU A 310 -21.04 -14.85 4.23
C LEU A 310 -20.70 -15.46 2.87
N MET A 311 -20.09 -16.65 2.85
CA MET A 311 -19.62 -17.24 1.56
C MET A 311 -20.82 -17.35 0.62
N LYS A 312 -21.96 -17.83 1.10
CA LYS A 312 -23.15 -18.00 0.24
C LYS A 312 -23.62 -16.63 -0.26
N ALA A 313 -23.74 -15.65 0.65
CA ALA A 313 -24.24 -14.31 0.27
C ALA A 313 -23.44 -13.79 -0.93
N LEU A 314 -22.18 -14.16 -1.05
CA LEU A 314 -21.32 -13.68 -2.13
C LEU A 314 -21.57 -14.45 -3.42
N PHE A 315 -21.72 -15.77 -3.33
CA PHE A 315 -21.99 -16.55 -4.53
C PHE A 315 -23.33 -16.19 -5.14
N LYS A 316 -24.37 -16.13 -4.30
CA LYS A 316 -25.70 -15.80 -4.80
C LYS A 316 -25.75 -14.41 -5.40
N THR A 317 -24.83 -13.52 -4.99
CA THR A 317 -24.82 -12.17 -5.54
C THR A 317 -24.03 -12.10 -6.85
N PHE A 318 -22.92 -12.84 -6.96
CA PHE A 318 -22.01 -12.66 -8.10
C PHE A 318 -21.78 -13.95 -8.87
N TYR A 319 -22.80 -14.82 -9.00
CA TYR A 319 -22.62 -16.04 -9.79
C TYR A 319 -22.38 -15.78 -11.28
N MET A 320 -22.95 -14.71 -11.83
CA MET A 320 -22.90 -14.52 -13.28
C MET A 320 -21.47 -14.27 -13.78
N VAL A 321 -20.74 -13.40 -13.10
CA VAL A 321 -19.35 -13.14 -13.46
C VAL A 321 -18.53 -14.41 -13.32
N LEU A 322 -18.83 -15.21 -12.29
CA LEU A 322 -18.16 -16.49 -12.13
C LEU A 322 -18.38 -17.38 -13.34
N LEU A 323 -19.61 -17.46 -13.83
CA LEU A 323 -19.91 -18.30 -14.99
C LEU A 323 -19.15 -17.83 -16.22
N LYS A 324 -19.19 -16.52 -16.49
CA LYS A 324 -18.52 -16.00 -17.69
C LYS A 324 -17.02 -16.23 -17.63
N SER A 325 -16.41 -15.95 -16.48
CA SER A 325 -14.97 -16.16 -16.34
C SER A 325 -14.62 -17.63 -16.46
N PHE A 326 -15.47 -18.52 -15.94
CA PHE A 326 -15.22 -19.95 -16.06
C PHE A 326 -15.22 -20.37 -17.53
N LEU A 327 -16.18 -19.87 -18.31
CA LEU A 327 -16.21 -20.22 -19.72
C LEU A 327 -14.95 -19.74 -20.45
N LEU A 328 -14.54 -18.49 -20.19
CA LEU A 328 -13.35 -17.97 -20.86
C LEU A 328 -12.11 -18.75 -20.47
N LYS A 329 -11.97 -19.11 -19.20
CA LYS A 329 -10.82 -19.89 -18.76
C LYS A 329 -10.83 -21.27 -19.41
N LEU A 330 -12.01 -21.88 -19.55
CA LEU A 330 -12.09 -23.17 -20.23
C LEU A 330 -11.62 -23.07 -21.68
N VAL A 331 -12.04 -22.01 -22.38
CA VAL A 331 -11.63 -21.85 -23.78
C VAL A 331 -10.11 -21.69 -23.86
N ASN A 332 -9.54 -20.85 -23.00
CA ASN A 332 -8.08 -20.65 -23.04
C ASN A 332 -7.33 -21.94 -22.72
N ASP A 333 -7.84 -22.69 -21.73
CA ASP A 333 -7.13 -23.93 -21.30
C ASP A 333 -6.87 -24.83 -22.52
N ILE A 334 -7.72 -24.74 -23.55
CA ILE A 334 -7.57 -25.61 -24.75
C ILE A 334 -6.30 -25.23 -25.53
N PHE A 335 -6.07 -23.93 -25.75
CA PHE A 335 -4.92 -23.48 -26.57
C PHE A 335 -3.59 -23.90 -25.93
N THR A 336 -3.57 -24.09 -24.61
CA THR A 336 -2.30 -24.42 -23.90
C THR A 336 -1.71 -25.72 -24.47
N PHE A 337 -2.54 -26.61 -25.01
CA PHE A 337 -2.04 -27.92 -25.50
C PHE A 337 -2.09 -27.98 -27.04
N VAL A 338 -2.60 -26.93 -27.69
CA VAL A 338 -2.73 -26.92 -29.17
C VAL A 338 -1.34 -26.75 -29.80
N SER A 339 -0.55 -25.78 -29.31
CA SER A 339 0.79 -25.49 -29.90
C SER A 339 1.62 -26.77 -30.10
N PRO A 340 1.87 -27.60 -29.07
CA PRO A 340 2.75 -28.78 -29.22
C PRO A 340 2.44 -29.63 -30.44
N GLN A 341 1.17 -29.77 -30.82
CA GLN A 341 0.85 -30.57 -31.99
C GLN A 341 1.36 -29.91 -33.27
N LEU A 342 1.20 -28.60 -33.39
CA LEU A 342 1.74 -27.89 -34.55
C LEU A 342 3.26 -27.96 -34.57
N LEU A 343 3.89 -27.92 -33.39
CA LEU A 343 5.35 -28.06 -33.33
C LEU A 343 5.78 -29.43 -33.82
N LYS A 344 5.07 -30.47 -33.41
CA LYS A 344 5.39 -31.81 -33.90
C LYS A 344 5.19 -31.91 -35.40
N LEU A 345 4.15 -31.27 -35.92
CA LEU A 345 3.94 -31.26 -37.37
C LEU A 345 5.08 -30.54 -38.09
N LEU A 346 5.55 -29.43 -37.53
CA LEU A 346 6.69 -28.72 -38.13
C LEU A 346 7.93 -29.60 -38.14
N ILE A 347 8.20 -30.30 -37.04
CA ILE A 347 9.37 -31.17 -36.98
C ILE A 347 9.26 -32.27 -38.02
N SER A 348 8.07 -32.89 -38.12
CA SER A 348 7.88 -33.95 -39.10
C SER A 348 8.06 -33.44 -40.53
N PHE A 349 7.52 -32.26 -40.83
CA PHE A 349 7.64 -31.71 -42.18
C PHE A 349 9.08 -31.38 -42.52
N ALA A 350 9.83 -30.82 -41.58
CA ALA A 350 11.21 -30.48 -41.85
C ALA A 350 12.14 -31.68 -41.83
N SER A 351 11.71 -32.81 -41.26
CA SER A 351 12.57 -33.98 -41.19
C SER A 351 12.86 -34.56 -42.58
N ASP A 352 11.81 -34.73 -43.39
CA ASP A 352 11.97 -35.33 -44.71
C ASP A 352 12.18 -34.25 -45.77
N ARG A 353 12.19 -34.66 -47.02
CA ARG A 353 12.46 -33.77 -48.15
C ARG A 353 11.34 -33.73 -49.18
N ASP A 354 10.71 -34.87 -49.47
CA ASP A 354 9.66 -34.92 -50.48
C ASP A 354 8.32 -34.56 -49.84
N THR A 355 8.11 -33.25 -49.69
CA THR A 355 6.85 -32.71 -49.18
C THR A 355 6.48 -31.50 -50.03
N TYR A 356 5.47 -30.77 -49.56
CA TYR A 356 5.00 -29.58 -50.31
C TYR A 356 5.09 -28.37 -49.37
N LEU A 357 5.34 -27.18 -49.92
CA LEU A 357 5.53 -25.98 -49.13
C LEU A 357 4.23 -25.54 -48.45
N TRP A 358 3.11 -25.80 -49.11
CA TRP A 358 1.80 -25.30 -48.58
C TRP A 358 1.59 -25.82 -47.15
N ILE A 359 2.01 -27.05 -46.88
CA ILE A 359 1.82 -27.62 -45.55
C ILE A 359 2.53 -26.77 -44.50
N GLY A 360 3.80 -26.44 -44.75
CA GLY A 360 4.54 -25.63 -43.80
C GLY A 360 3.96 -24.23 -43.65
N TYR A 361 3.57 -23.63 -44.78
CA TYR A 361 3.02 -22.26 -44.73
C TYR A 361 1.71 -22.27 -43.93
N LEU A 362 0.83 -23.26 -44.17
CA LEU A 362 -0.42 -23.35 -43.45
C LEU A 362 -0.19 -23.58 -41.96
N CYS A 363 0.80 -24.42 -41.61
CA CYS A 363 1.09 -24.67 -40.21
C CYS A 363 1.59 -23.41 -39.51
N ALA A 364 2.46 -22.64 -40.17
CA ALA A 364 2.93 -21.39 -39.57
C ALA A 364 1.77 -20.41 -39.34
N ILE A 365 0.89 -20.28 -40.34
CA ILE A 365 -0.25 -19.38 -40.19
C ILE A 365 -1.13 -19.83 -39.03
N LEU A 366 -1.37 -21.14 -38.92
CA LEU A 366 -2.19 -21.66 -37.83
C LEU A 366 -1.56 -21.37 -36.48
N LEU A 367 -0.23 -21.52 -36.37
CA LEU A 367 0.44 -21.24 -35.11
C LEU A 367 0.26 -19.78 -34.71
N PHE A 368 0.45 -18.88 -35.67
CA PHE A 368 0.25 -17.45 -35.39
C PHE A 368 -1.17 -17.18 -34.91
N THR A 369 -2.17 -17.72 -35.61
CA THR A 369 -3.55 -17.46 -35.25
C THR A 369 -3.89 -18.02 -33.86
N ALA A 370 -3.41 -19.22 -33.56
CA ALA A 370 -3.67 -19.81 -32.25
C ALA A 370 -3.08 -18.98 -31.13
N ALA A 371 -1.84 -18.52 -31.31
CA ALA A 371 -1.24 -17.69 -30.26
C ALA A 371 -2.03 -16.40 -30.06
N LEU A 372 -2.44 -15.76 -31.15
CA LEU A 372 -3.21 -14.51 -31.04
C LEU A 372 -4.51 -14.74 -30.27
N ILE A 373 -5.25 -15.77 -30.66
CA ILE A 373 -6.55 -16.02 -30.02
C ILE A 373 -6.37 -16.33 -28.54
N GLN A 374 -5.37 -17.14 -28.20
CA GLN A 374 -5.15 -17.47 -26.79
C GLN A 374 -4.86 -16.22 -25.97
N SER A 375 -4.00 -15.34 -26.48
CA SER A 375 -3.70 -14.11 -25.73
C SER A 375 -4.94 -13.25 -25.56
N PHE A 376 -5.73 -13.11 -26.63
CA PHE A 376 -6.92 -12.26 -26.55
C PHE A 376 -7.92 -12.77 -25.53
N CYS A 377 -8.05 -14.10 -25.42
CA CYS A 377 -8.99 -14.63 -24.44
C CYS A 377 -8.44 -14.51 -23.02
N LEU A 378 -7.14 -14.76 -22.84
CA LEU A 378 -6.56 -14.73 -21.50
C LEU A 378 -6.67 -13.34 -20.88
N GLN A 379 -6.39 -12.29 -21.67
CA GLN A 379 -6.43 -10.94 -21.09
C GLN A 379 -7.83 -10.58 -20.60
N CYS A 380 -8.85 -10.92 -21.39
CA CYS A 380 -10.22 -10.62 -20.98
C CYS A 380 -10.60 -11.39 -19.72
N TYR A 381 -10.18 -12.65 -19.61
CA TYR A 381 -10.47 -13.39 -18.40
C TYR A 381 -9.82 -12.72 -17.19
N PHE A 382 -8.58 -12.27 -17.33
CA PHE A 382 -7.87 -11.60 -16.21
C PHE A 382 -8.66 -10.36 -15.80
N GLN A 383 -9.08 -9.55 -16.77
CA GLN A 383 -9.79 -8.32 -16.45
C GLN A 383 -11.08 -8.62 -15.69
N LEU A 384 -11.86 -9.60 -16.14
CA LEU A 384 -13.11 -9.93 -15.47
C LEU A 384 -12.86 -10.36 -14.03
N CYS A 385 -11.89 -11.25 -13.83
CA CYS A 385 -11.65 -11.76 -12.47
C CYS A 385 -11.20 -10.65 -11.52
N PHE A 386 -10.32 -9.78 -11.98
CA PHE A 386 -9.82 -8.74 -11.08
C PHE A 386 -10.91 -7.71 -10.77
N LYS A 387 -11.76 -7.39 -11.74
CA LYS A 387 -12.88 -6.50 -11.47
C LYS A 387 -13.80 -7.11 -10.41
N LEU A 388 -14.07 -8.42 -10.51
CA LEU A 388 -14.90 -9.06 -9.49
C LEU A 388 -14.26 -8.99 -8.12
N GLY A 389 -12.94 -9.18 -8.05
CA GLY A 389 -12.27 -9.07 -6.76
C GLY A 389 -12.45 -7.70 -6.13
N VAL A 390 -12.26 -6.64 -6.92
CA VAL A 390 -12.42 -5.29 -6.39
C VAL A 390 -13.85 -5.07 -5.91
N LYS A 391 -14.83 -5.57 -6.67
CA LYS A 391 -16.22 -5.40 -6.26
C LYS A 391 -16.49 -6.06 -4.91
N VAL A 392 -15.96 -7.28 -4.72
CA VAL A 392 -16.18 -7.96 -3.44
C VAL A 392 -15.54 -7.19 -2.29
N ARG A 393 -14.31 -6.70 -2.50
CA ARG A 393 -13.64 -5.97 -1.43
C ARG A 393 -14.44 -4.73 -1.03
N THR A 394 -14.93 -3.96 -1.99
CA THR A 394 -15.73 -2.75 -1.68
C THR A 394 -17.03 -3.14 -0.97
N ALA A 395 -17.71 -4.18 -1.46
CA ALA A 395 -19.00 -4.55 -0.86
C ALA A 395 -18.83 -5.04 0.56
N ILE A 396 -17.65 -5.55 0.93
CA ILE A 396 -17.44 -5.98 2.34
C ILE A 396 -17.04 -4.77 3.19
N MET A 397 -16.13 -3.92 2.69
CA MET A 397 -15.65 -2.81 3.51
C MET A 397 -16.79 -1.86 3.86
N ALA A 398 -17.60 -1.47 2.88
CA ALA A 398 -18.69 -0.52 3.13
C ALA A 398 -19.71 -1.13 4.11
N SER A 399 -20.03 -2.42 3.95
CA SER A 399 -21.00 -3.05 4.84
C SER A 399 -20.49 -3.13 6.27
N VAL A 400 -19.20 -3.43 6.45
CA VAL A 400 -18.62 -3.43 7.82
C VAL A 400 -18.81 -2.02 8.39
N TYR A 401 -18.42 -0.99 7.64
CA TYR A 401 -18.52 0.40 8.16
C TYR A 401 -19.98 0.65 8.58
N LYS A 402 -20.93 0.29 7.72
CA LYS A 402 -22.34 0.58 8.02
C LYS A 402 -22.79 -0.14 9.28
N LYS A 403 -22.29 -1.35 9.55
CA LYS A 403 -22.67 -2.02 10.82
C LYS A 403 -22.05 -1.30 12.02
N ALA A 404 -20.76 -0.99 11.95
CA ALA A 404 -20.03 -0.40 13.10
C ALA A 404 -20.89 0.60 13.88
N LEU A 405 -21.69 1.42 13.19
CA LEU A 405 -22.38 2.45 13.95
C LEU A 405 -23.81 2.06 14.32
N THR A 406 -24.11 0.76 14.39
CA THR A 406 -25.41 0.32 14.88
C THR A 406 -25.31 -0.93 15.76
N LEU A 407 -24.10 -1.23 16.25
CA LEU A 407 -23.91 -2.48 17.04
C LEU A 407 -24.19 -2.21 18.50
N SER A 408 -24.53 -3.26 19.27
CA SER A 408 -24.83 -3.14 20.68
C SER A 408 -23.58 -2.76 21.45
N ASN A 409 -23.78 -2.31 22.70
CA ASN A 409 -22.62 -1.85 23.51
C ASN A 409 -21.80 -3.07 23.97
N LEU A 410 -22.45 -4.18 24.30
CA LEU A 410 -21.70 -5.33 24.83
C LEU A 410 -20.64 -5.79 23.84
N ALA A 411 -21.06 -6.04 22.59
CA ALA A 411 -20.11 -6.51 21.58
C ALA A 411 -19.05 -5.47 21.28
N ARG A 412 -19.44 -4.20 21.24
CA ARG A 412 -18.46 -3.13 21.00
C ARG A 412 -17.43 -3.08 22.12
N LYS A 413 -17.87 -3.18 23.38
CA LYS A 413 -16.93 -3.15 24.48
C LYS A 413 -16.07 -4.40 24.53
N GLU A 414 -16.56 -5.51 23.95
CA GLU A 414 -15.74 -6.72 23.88
C GLU A 414 -14.52 -6.50 23.00
N TYR A 415 -14.72 -5.76 21.91
CA TYR A 415 -13.61 -5.54 20.95
C TYR A 415 -12.75 -4.36 21.39
N THR A 416 -11.70 -4.07 20.63
CA THR A 416 -10.79 -2.97 20.88
C THR A 416 -10.85 -1.99 19.72
N VAL A 417 -10.49 -0.73 20.00
CA VAL A 417 -10.62 0.32 19.00
C VAL A 417 -9.76 0.00 17.78
N GLY A 418 -8.51 -0.40 18.01
CA GLY A 418 -7.64 -0.75 16.89
C GLY A 418 -7.97 -2.07 16.25
N GLU A 419 -8.62 -2.97 16.99
CA GLU A 419 -8.90 -4.31 16.47
C GLU A 419 -9.85 -4.24 15.28
N THR A 420 -10.90 -3.42 15.37
CA THR A 420 -11.87 -3.33 14.27
C THR A 420 -11.25 -2.68 13.03
N VAL A 421 -10.42 -1.65 13.23
CA VAL A 421 -9.73 -1.04 12.11
C VAL A 421 -8.81 -2.04 11.44
N ASN A 422 -8.06 -2.80 12.23
CA ASN A 422 -7.24 -3.87 11.65
C ASN A 422 -8.09 -4.91 10.96
N LEU A 423 -9.32 -5.10 11.46
CA LEU A 423 -10.26 -6.10 10.87
C LEU A 423 -10.61 -5.67 9.44
N MET A 424 -11.00 -4.42 9.26
CA MET A 424 -11.31 -3.93 7.91
C MET A 424 -10.05 -3.87 7.05
N SER A 425 -8.91 -3.50 7.63
CA SER A 425 -7.71 -3.29 6.84
C SER A 425 -7.02 -4.58 6.43
N VAL A 426 -7.29 -5.70 7.11
CA VAL A 426 -6.58 -6.96 6.87
C VAL A 426 -7.53 -8.04 6.33
N ASP A 427 -8.62 -8.27 7.05
CA ASP A 427 -9.55 -9.37 6.66
C ASP A 427 -10.06 -9.12 5.24
N ALA A 428 -10.63 -7.95 4.99
CA ALA A 428 -11.22 -7.68 3.65
C ALA A 428 -10.16 -7.92 2.57
N GLN A 429 -8.93 -7.48 2.80
CA GLN A 429 -7.86 -7.63 1.78
C GLN A 429 -7.57 -9.11 1.55
N LYS A 430 -7.58 -9.92 2.62
CA LYS A 430 -7.35 -11.38 2.47
C LYS A 430 -8.43 -11.98 1.59
N LEU A 431 -9.69 -11.54 1.75
CA LEU A 431 -10.81 -12.12 0.96
C LEU A 431 -10.67 -11.70 -0.52
N MET A 432 -10.12 -10.51 -0.76
CA MET A 432 -9.92 -10.04 -2.17
C MET A 432 -8.94 -10.98 -2.88
N ASP A 433 -7.88 -11.41 -2.19
CA ASP A 433 -6.86 -12.29 -2.83
C ASP A 433 -7.47 -13.65 -3.16
N VAL A 434 -8.21 -14.26 -2.23
CA VAL A 434 -8.76 -15.63 -2.46
C VAL A 434 -9.87 -15.58 -3.52
N THR A 435 -10.33 -14.39 -3.91
CA THR A 435 -11.35 -14.30 -4.99
C THR A 435 -10.69 -13.84 -6.29
N ASN A 436 -9.39 -13.51 -6.26
CA ASN A 436 -8.68 -13.10 -7.49
C ASN A 436 -8.08 -14.34 -8.16
N PHE A 437 -7.89 -15.43 -7.40
CA PHE A 437 -7.29 -16.67 -7.97
C PHE A 437 -8.02 -17.91 -7.43
N MET A 438 -9.31 -18.04 -7.73
CA MET A 438 -10.05 -19.25 -7.31
C MET A 438 -10.18 -20.21 -8.50
N HIS A 439 -10.40 -19.69 -9.70
CA HIS A 439 -10.63 -20.57 -10.88
C HIS A 439 -9.44 -21.51 -11.08
N MET A 440 -8.27 -21.13 -10.56
CA MET A 440 -7.07 -21.99 -10.66
C MET A 440 -7.41 -23.40 -10.16
N LEU A 441 -8.12 -23.51 -9.04
CA LEU A 441 -8.41 -24.83 -8.45
C LEU A 441 -8.84 -25.83 -9.52
N TRP A 442 -9.85 -25.50 -10.34
CA TRP A 442 -10.38 -26.44 -11.34
C TRP A 442 -9.51 -26.43 -12.60
N SER A 443 -8.83 -25.32 -12.87
CA SER A 443 -8.01 -25.20 -14.11
C SER A 443 -6.67 -25.87 -13.90
N SER A 444 -6.47 -26.49 -12.74
CA SER A 444 -5.20 -27.24 -12.50
C SER A 444 -5.50 -28.74 -12.62
N VAL A 445 -6.40 -29.26 -11.78
CA VAL A 445 -6.71 -30.71 -11.79
C VAL A 445 -7.07 -31.15 -13.21
N LEU A 446 -7.43 -30.20 -14.08
CA LEU A 446 -7.72 -30.54 -15.47
C LEU A 446 -6.47 -30.43 -16.31
N GLN A 447 -5.79 -29.28 -16.25
CA GLN A 447 -4.58 -29.11 -17.03
C GLN A 447 -3.62 -30.26 -16.80
N ILE A 448 -3.34 -30.55 -15.52
CA ILE A 448 -2.38 -31.61 -15.21
C ILE A 448 -2.80 -32.89 -15.89
N VAL A 449 -4.06 -33.28 -15.71
CA VAL A 449 -4.53 -34.53 -16.27
C VAL A 449 -4.28 -34.54 -17.77
N LEU A 450 -4.72 -33.49 -18.46
CA LEU A 450 -4.56 -33.46 -19.91
C LEU A 450 -3.10 -33.61 -20.28
N SER A 451 -2.23 -32.86 -19.61
CA SER A 451 -0.81 -32.93 -19.94
C SER A 451 -0.31 -34.36 -19.81
N ILE A 452 -0.61 -34.99 -18.67
CA ILE A 452 -0.14 -36.40 -18.44
C ILE A 452 -0.60 -37.27 -19.62
N PHE A 453 -1.86 -37.14 -20.05
CA PHE A 453 -2.34 -37.96 -21.15
C PHE A 453 -1.45 -37.83 -22.37
N PHE A 454 -1.16 -36.59 -22.77
CA PHE A 454 -0.37 -36.38 -23.97
C PHE A 454 0.98 -37.06 -23.83
N LEU A 455 1.62 -36.86 -22.66
CA LEU A 455 3.00 -37.40 -22.44
C LEU A 455 3.08 -38.89 -22.74
N TRP A 456 2.21 -39.70 -22.12
CA TRP A 456 2.30 -41.18 -22.29
C TRP A 456 2.13 -41.53 -23.77
N ARG A 457 1.10 -40.96 -24.42
CA ARG A 457 0.86 -41.21 -25.87
C ARG A 457 2.13 -40.85 -26.65
N GLU A 458 2.96 -39.95 -26.11
CA GLU A 458 4.15 -39.49 -26.80
C GLU A 458 5.39 -40.32 -26.48
N LEU A 459 5.57 -40.63 -25.19
CA LEU A 459 6.72 -41.47 -24.75
C LEU A 459 6.18 -42.79 -24.18
N GLY A 460 6.01 -42.85 -22.86
CA GLY A 460 5.51 -44.08 -22.21
C GLY A 460 5.66 -44.03 -20.69
N PRO A 461 5.83 -45.17 -20.01
CA PRO A 461 5.91 -45.22 -18.54
C PRO A 461 7.10 -44.41 -18.00
N SER A 462 8.13 -44.22 -18.82
CA SER A 462 9.34 -43.48 -18.37
C SER A 462 8.93 -42.11 -17.82
N VAL A 463 7.91 -41.49 -18.43
CA VAL A 463 7.43 -40.16 -17.95
C VAL A 463 7.33 -40.16 -16.42
N LEU A 464 6.79 -41.25 -15.84
CA LEU A 464 6.57 -41.25 -14.36
C LEU A 464 7.87 -40.87 -13.65
N ALA A 465 9.02 -41.32 -14.16
CA ALA A 465 10.31 -41.03 -13.49
C ALA A 465 10.49 -39.51 -13.35
N GLY A 466 10.21 -38.77 -14.42
CA GLY A 466 10.33 -37.31 -14.37
C GLY A 466 9.36 -36.71 -13.36
N VAL A 467 8.09 -37.10 -13.42
CA VAL A 467 7.05 -36.54 -12.51
C VAL A 467 7.51 -36.73 -11.07
N GLY A 468 7.98 -37.92 -10.70
CA GLY A 468 8.34 -38.14 -9.31
C GLY A 468 9.38 -37.17 -8.83
N VAL A 469 10.43 -36.95 -9.63
CA VAL A 469 11.45 -35.97 -9.30
C VAL A 469 10.84 -34.57 -9.23
N MET A 470 9.80 -34.32 -10.03
CA MET A 470 9.14 -32.99 -10.01
C MET A 470 8.14 -32.91 -8.85
N VAL A 471 7.89 -34.03 -8.16
CA VAL A 471 6.96 -34.03 -6.98
C VAL A 471 7.78 -33.93 -5.70
N LEU A 472 8.95 -34.56 -5.65
CA LEU A 472 9.78 -34.58 -4.41
C LEU A 472 10.23 -33.17 -4.04
N VAL A 473 10.28 -32.25 -5.01
CA VAL A 473 10.79 -30.87 -4.74
C VAL A 473 9.90 -30.17 -3.69
N ILE A 474 8.58 -30.26 -3.83
CA ILE A 474 7.67 -29.51 -2.91
C ILE A 474 7.98 -29.84 -1.44
N PRO A 475 7.98 -31.11 -0.97
CA PRO A 475 8.35 -31.43 0.40
C PRO A 475 9.58 -30.64 0.86
N ILE A 476 10.68 -30.75 0.10
CA ILE A 476 11.95 -30.04 0.47
C ILE A 476 11.66 -28.55 0.63
N ASN A 477 10.88 -27.97 -0.28
CA ASN A 477 10.63 -26.50 -0.24
C ASN A 477 10.04 -26.14 1.13
N ALA A 478 9.18 -27.00 1.68
CA ALA A 478 8.51 -26.68 2.96
C ALA A 478 9.54 -26.59 4.10
N ILE A 479 10.39 -27.60 4.27
CA ILE A 479 11.36 -27.61 5.41
C ILE A 479 12.16 -26.31 5.45
N LEU A 480 12.36 -25.65 4.30
CA LEU A 480 13.17 -24.45 4.24
C LEU A 480 12.33 -23.20 4.50
N SER A 481 11.06 -23.20 4.09
CA SER A 481 10.18 -22.08 4.42
C SER A 481 9.97 -21.97 5.93
N THR A 482 9.76 -23.10 6.61
CA THR A 482 9.61 -23.05 8.06
C THR A 482 10.86 -22.50 8.73
N LYS A 483 12.05 -22.93 8.27
CA LYS A 483 13.28 -22.40 8.83
C LYS A 483 13.40 -20.90 8.59
N SER A 484 13.03 -20.44 7.40
CA SER A 484 13.10 -19.02 7.10
C SER A 484 12.21 -18.20 8.02
N LYS A 485 10.97 -18.67 8.25
CA LYS A 485 10.08 -17.96 9.16
C LYS A 485 10.65 -17.92 10.58
N THR A 486 11.20 -19.07 11.03
CA THR A 486 11.77 -19.13 12.37
C THR A 486 12.88 -18.10 12.54
N ILE A 487 13.74 -17.95 11.53
CA ILE A 487 14.80 -16.95 11.62
C ILE A 487 14.23 -15.54 11.58
N GLN A 488 13.27 -15.30 10.69
CA GLN A 488 12.76 -13.94 10.49
C GLN A 488 12.09 -13.40 11.74
N VAL A 489 11.51 -14.27 12.57
CA VAL A 489 10.87 -13.79 13.80
C VAL A 489 11.89 -13.09 14.71
N LYS A 490 13.02 -13.77 14.97
CA LYS A 490 14.04 -13.17 15.83
C LYS A 490 14.67 -11.95 15.17
N ASN A 491 14.83 -12.01 13.84
CA ASN A 491 15.30 -10.83 13.11
C ASN A 491 14.42 -9.63 13.41
N MET A 492 13.10 -9.81 13.32
CA MET A 492 12.19 -8.70 13.57
C MET A 492 12.29 -8.21 15.02
N LYS A 493 12.42 -9.13 15.97
CA LYS A 493 12.53 -8.72 17.37
C LYS A 493 13.74 -7.82 17.60
N ASN A 494 14.91 -8.25 17.10
CA ASN A 494 16.11 -7.47 17.30
C ASN A 494 16.04 -6.13 16.56
N LYS A 495 15.43 -6.12 15.37
CA LYS A 495 15.27 -4.86 14.65
C LYS A 495 14.42 -3.88 15.44
N ASP A 496 13.33 -4.37 16.04
CA ASP A 496 12.48 -3.49 16.84
C ASP A 496 13.24 -2.93 18.03
N LYS A 497 14.03 -3.76 18.70
CA LYS A 497 14.84 -3.26 19.80
C LYS A 497 15.79 -2.15 19.36
N ARG A 498 16.39 -2.27 18.17
CA ARG A 498 17.36 -1.24 17.71
C ARG A 498 16.68 0.11 17.51
N LEU A 499 15.56 0.14 16.78
CA LEU A 499 14.89 1.43 16.46
C LEU A 499 14.54 2.20 17.73
N LYS A 500 14.20 1.52 18.82
CA LYS A 500 13.75 2.21 20.05
C LYS A 500 14.87 3.09 20.63
N ILE A 501 16.11 2.64 20.57
CA ILE A 501 17.23 3.51 21.04
C ILE A 501 17.43 4.67 20.04
N MET A 502 17.28 4.41 18.75
CA MET A 502 17.47 5.48 17.73
C MET A 502 16.54 6.66 18.03
N ASN A 503 15.25 6.42 18.24
CA ASN A 503 14.27 7.52 18.48
C ASN A 503 14.76 8.43 19.62
N GLU A 504 15.18 7.86 20.73
CA GLU A 504 15.57 8.68 21.91
C GLU A 504 16.75 9.59 21.56
N ILE A 505 17.83 9.04 21.01
CA ILE A 505 19.05 9.86 20.75
C ILE A 505 18.72 10.97 19.75
N LEU A 506 17.97 10.66 18.68
CA LEU A 506 17.69 11.67 17.63
C LEU A 506 16.89 12.80 18.25
N SER A 507 15.90 12.47 19.08
CA SER A 507 15.01 13.52 19.67
C SER A 507 15.78 14.38 20.67
N GLY A 508 16.61 13.75 21.51
CA GLY A 508 17.37 14.50 22.53
C GLY A 508 18.84 14.65 22.15
N ILE A 509 19.11 15.19 20.96
CA ILE A 509 20.52 15.29 20.48
C ILE A 509 21.23 16.40 21.24
N LYS A 510 20.49 17.35 21.81
CA LYS A 510 21.13 18.51 22.49
C LYS A 510 21.91 18.01 23.71
N ILE A 511 21.28 17.21 24.56
CA ILE A 511 21.93 16.79 25.84
C ILE A 511 23.18 15.96 25.54
N LEU A 512 23.10 15.09 24.52
CA LEU A 512 24.28 14.27 24.13
C LEU A 512 25.45 15.19 23.80
N LYS A 513 25.21 16.22 22.99
CA LYS A 513 26.31 17.13 22.58
C LYS A 513 26.90 17.80 23.82
N TYR A 514 26.05 18.31 24.70
CA TYR A 514 26.54 19.05 25.90
C TYR A 514 27.49 18.20 26.73
N PHE A 515 27.13 16.95 27.02
CA PHE A 515 27.96 16.12 27.94
C PHE A 515 28.98 15.29 27.16
N ALA A 516 28.97 15.39 25.82
CA ALA A 516 29.91 14.60 24.99
C ALA A 516 29.74 13.11 25.28
N TRP A 517 28.58 12.54 24.94
CA TRP A 517 28.34 11.13 25.13
C TRP A 517 28.18 10.38 23.81
N GLU A 518 28.53 11.04 22.70
CA GLU A 518 28.33 10.43 21.38
C GLU A 518 29.09 9.13 21.17
N PRO A 519 30.37 9.00 21.55
CA PRO A 519 31.09 7.76 21.20
C PRO A 519 30.47 6.49 21.76
N SER A 520 29.88 6.53 22.95
CA SER A 520 29.36 5.30 23.55
C SER A 520 28.23 4.71 22.74
N PHE A 521 27.28 5.55 22.31
CA PHE A 521 26.11 5.04 21.60
C PHE A 521 26.48 4.41 20.27
N ARG A 522 27.60 4.85 19.67
CA ARG A 522 28.09 4.23 18.45
C ARG A 522 28.23 2.73 18.63
N ASP A 523 29.07 2.30 19.56
CA ASP A 523 29.25 0.87 19.80
C ASP A 523 27.98 0.24 20.38
N GLN A 524 27.25 0.98 21.23
CA GLN A 524 26.05 0.43 21.83
C GLN A 524 25.03 0.01 20.78
N VAL A 525 25.03 0.70 19.64
CA VAL A 525 24.08 0.35 18.54
C VAL A 525 24.76 -0.58 17.54
N GLN A 526 26.09 -0.50 17.40
CA GLN A 526 26.78 -1.39 16.47
C GLN A 526 26.73 -2.83 16.94
N ASN A 527 26.70 -3.06 18.26
CA ASN A 527 26.54 -4.42 18.76
C ASN A 527 25.24 -5.03 18.25
N LEU A 528 24.13 -4.30 18.37
CA LEU A 528 22.86 -4.79 17.87
C LEU A 528 22.90 -4.97 16.36
N ARG A 529 23.58 -4.06 15.65
CA ARG A 529 23.68 -4.18 14.21
C ARG A 529 24.35 -5.51 13.81
N LYS A 530 25.45 -5.85 14.47
CA LYS A 530 26.14 -7.11 14.14
C LYS A 530 25.30 -8.32 14.53
N LYS A 531 24.66 -8.26 15.70
CA LYS A 531 23.82 -9.36 16.13
C LYS A 531 22.68 -9.61 15.16
N GLU A 532 22.18 -8.55 14.52
CA GLU A 532 21.17 -8.72 13.48
C GLU A 532 21.79 -9.21 12.17
N LEU A 533 23.00 -8.76 11.86
CA LEU A 533 23.63 -9.10 10.59
C LEU A 533 23.88 -10.59 10.47
N LYS A 534 24.27 -11.25 11.56
CA LYS A 534 24.52 -12.68 11.46
C LYS A 534 23.26 -13.46 11.08
N ASN A 535 22.12 -13.13 11.70
CA ASN A 535 20.86 -13.76 11.34
C ASN A 535 20.49 -13.43 9.90
N LEU A 536 20.74 -12.20 9.47
CA LEU A 536 20.44 -11.83 8.09
C LEU A 536 21.23 -12.69 7.11
N LEU A 537 22.51 -12.92 7.39
CA LEU A 537 23.33 -13.74 6.51
C LEU A 537 22.81 -15.17 6.46
N ALA A 538 22.44 -15.73 7.62
CA ALA A 538 21.90 -17.10 7.63
C ALA A 538 20.64 -17.20 6.78
N PHE A 539 19.70 -16.26 6.97
CA PHE A 539 18.47 -16.28 6.18
C PHE A 539 18.77 -16.12 4.70
N SER A 540 19.72 -15.25 4.35
CA SER A 540 20.06 -15.03 2.95
C SER A 540 20.58 -16.31 2.30
N GLN A 541 21.47 -17.02 2.97
CA GLN A 541 22.01 -18.24 2.36
C GLN A 541 20.95 -19.34 2.27
N LEU A 542 20.02 -19.38 3.23
CA LEU A 542 18.90 -20.33 3.09
C LEU A 542 18.05 -20.02 1.87
N GLN A 543 17.76 -18.74 1.62
CA GLN A 543 16.86 -18.43 0.48
C GLN A 543 17.54 -18.85 -0.83
N CYS A 544 18.88 -18.86 -0.86
CA CYS A 544 19.62 -19.22 -2.08
C CYS A 544 19.44 -20.72 -2.40
N VAL A 545 19.42 -21.57 -1.38
CA VAL A 545 19.19 -23.03 -1.63
C VAL A 545 17.83 -23.21 -2.29
N VAL A 546 16.80 -22.50 -1.83
CA VAL A 546 15.44 -22.67 -2.38
C VAL A 546 15.45 -22.24 -3.86
N ILE A 547 16.06 -21.11 -4.19
CA ILE A 547 16.00 -20.65 -5.60
C ILE A 547 16.76 -21.66 -6.47
N PHE A 548 17.84 -22.24 -5.93
CA PHE A 548 18.64 -23.23 -6.69
C PHE A 548 17.77 -24.41 -7.09
N VAL A 549 17.02 -24.98 -6.14
CA VAL A 549 16.20 -26.20 -6.43
C VAL A 549 15.11 -25.85 -7.45
N PHE A 550 14.53 -24.65 -7.37
CA PHE A 550 13.46 -24.23 -8.31
C PHE A 550 14.09 -23.84 -9.64
N GLN A 551 15.40 -23.64 -9.66
CA GLN A 551 16.07 -23.16 -10.90
C GLN A 551 16.57 -24.33 -11.74
N LEU A 552 17.08 -25.40 -11.12
CA LEU A 552 17.71 -26.49 -11.91
C LEU A 552 16.72 -27.63 -12.21
N THR A 553 15.50 -27.55 -11.67
CA THR A 553 14.55 -28.70 -11.82
C THR A 553 14.28 -29.03 -13.30
N PRO A 554 14.10 -28.06 -14.23
CA PRO A 554 13.94 -28.39 -15.66
C PRO A 554 15.00 -29.37 -16.20
N VAL A 555 16.28 -29.08 -15.97
CA VAL A 555 17.37 -29.93 -16.53
C VAL A 555 17.30 -31.31 -15.87
N LEU A 556 17.16 -31.35 -14.55
CA LEU A 556 17.13 -32.64 -13.81
C LEU A 556 16.06 -33.55 -14.41
N VAL A 557 14.83 -33.05 -14.54
CA VAL A 557 13.70 -33.89 -15.05
C VAL A 557 14.07 -34.39 -16.45
N SER A 558 14.69 -33.54 -17.28
CA SER A 558 15.07 -33.95 -18.66
C SER A 558 16.10 -35.06 -18.62
N VAL A 559 17.18 -34.90 -17.84
CA VAL A 559 18.27 -35.93 -17.81
C VAL A 559 17.69 -37.26 -17.32
N VAL A 560 16.92 -37.24 -16.23
CA VAL A 560 16.37 -38.50 -15.66
C VAL A 560 15.40 -39.14 -16.67
N THR A 561 14.45 -38.37 -17.20
CA THR A 561 13.43 -38.96 -18.11
C THR A 561 14.12 -39.55 -19.34
N PHE A 562 15.01 -38.80 -19.99
CA PHE A 562 15.61 -39.32 -21.22
C PHE A 562 16.51 -40.52 -20.95
N SER A 563 17.29 -40.47 -19.87
CA SER A 563 18.17 -41.60 -19.56
C SER A 563 17.36 -42.85 -19.26
N VAL A 564 16.31 -42.73 -18.46
CA VAL A 564 15.50 -43.90 -18.13
C VAL A 564 14.81 -44.44 -19.38
N TYR A 565 14.28 -43.55 -20.23
CA TYR A 565 13.59 -44.00 -21.43
C TYR A 565 14.52 -44.73 -22.38
N VAL A 566 15.74 -44.21 -22.59
CA VAL A 566 16.61 -44.83 -23.59
C VAL A 566 17.33 -46.05 -23.02
N LEU A 567 17.50 -46.15 -21.71
CA LEU A 567 18.27 -47.25 -21.13
C LEU A 567 17.42 -48.40 -20.64
N VAL A 568 16.09 -48.26 -20.63
CA VAL A 568 15.25 -49.32 -20.07
C VAL A 568 15.01 -50.46 -21.06
N ASP A 569 15.20 -50.21 -22.36
CA ASP A 569 14.96 -51.23 -23.37
C ASP A 569 15.76 -50.89 -24.62
N SER A 570 16.36 -51.92 -25.22
CA SER A 570 17.19 -51.69 -26.41
C SER A 570 16.37 -51.31 -27.63
N ASN A 571 15.09 -51.68 -27.67
CA ASN A 571 14.27 -51.37 -28.84
C ASN A 571 13.98 -49.87 -28.93
N ASN A 572 13.99 -49.19 -27.78
CA ASN A 572 13.66 -47.73 -27.75
C ASN A 572 14.66 -46.93 -28.59
N ILE A 573 14.17 -46.07 -29.48
CA ILE A 573 15.07 -45.20 -30.30
C ILE A 573 14.59 -43.75 -30.13
N LEU A 574 15.48 -42.84 -29.73
CA LEU A 574 15.07 -41.42 -29.49
C LEU A 574 15.01 -40.66 -30.81
N ASP A 575 13.89 -40.00 -31.10
CA ASP A 575 13.75 -39.22 -32.32
C ASP A 575 13.33 -37.80 -31.95
N ALA A 576 13.57 -36.87 -32.87
CA ALA A 576 13.49 -35.45 -32.54
C ALA A 576 12.09 -35.05 -32.09
N GLN A 577 11.07 -35.50 -32.81
CA GLN A 577 9.71 -35.07 -32.51
C GLN A 577 9.31 -35.44 -31.09
N LYS A 578 9.52 -36.70 -30.71
CA LYS A 578 9.15 -37.15 -29.37
C LYS A 578 9.88 -36.37 -28.30
N ALA A 579 11.19 -36.20 -28.46
CA ALA A 579 11.98 -35.52 -27.43
C ALA A 579 11.54 -34.08 -27.25
N PHE A 580 11.48 -33.32 -28.35
CA PHE A 580 11.17 -31.87 -28.24
C PHE A 580 9.72 -31.66 -27.81
N THR A 581 8.77 -32.46 -28.28
CA THR A 581 7.40 -32.33 -27.79
C THR A 581 7.32 -32.66 -26.30
N SER A 582 8.06 -33.67 -25.84
CA SER A 582 8.06 -33.99 -24.42
C SER A 582 8.60 -32.83 -23.60
N ILE A 583 9.65 -32.17 -24.09
CA ILE A 583 10.18 -31.00 -23.39
C ILE A 583 9.11 -29.91 -23.30
N THR A 584 8.39 -29.68 -24.41
CA THR A 584 7.37 -28.64 -24.40
C THR A 584 6.26 -28.94 -23.39
N LEU A 585 5.77 -30.19 -23.36
CA LEU A 585 4.73 -30.53 -22.39
C LEU A 585 5.25 -30.47 -20.95
N PHE A 586 6.52 -30.81 -20.71
CA PHE A 586 7.06 -30.64 -19.36
C PHE A 586 7.04 -29.17 -18.95
N ASN A 587 7.44 -28.29 -19.87
CA ASN A 587 7.40 -26.86 -19.57
C ASN A 587 5.98 -26.37 -19.31
N ILE A 588 5.01 -26.93 -20.04
CA ILE A 588 3.61 -26.57 -19.80
C ILE A 588 3.17 -27.01 -18.42
N LEU A 589 3.51 -28.25 -18.03
CA LEU A 589 3.02 -28.82 -16.78
C LEU A 589 3.75 -28.28 -15.55
N ARG A 590 4.92 -27.69 -15.70
CA ARG A 590 5.74 -27.29 -14.52
C ARG A 590 5.05 -26.30 -13.58
N PHE A 591 4.06 -25.53 -14.06
CA PHE A 591 3.49 -24.47 -13.22
C PHE A 591 2.43 -24.93 -12.22
N PRO A 592 1.36 -25.62 -12.63
CA PRO A 592 0.28 -25.91 -11.68
C PRO A 592 0.73 -26.71 -10.47
N LEU A 593 1.60 -27.70 -10.69
CA LEU A 593 2.07 -28.56 -9.58
C LEU A 593 2.86 -27.69 -8.60
N SER A 594 3.11 -26.42 -8.95
CA SER A 594 3.92 -25.54 -8.09
C SER A 594 3.09 -24.37 -7.58
N MET A 595 1.85 -24.24 -8.03
CA MET A 595 0.97 -23.15 -7.55
C MET A 595 -0.18 -23.77 -6.73
N LEU A 596 -0.49 -25.05 -6.98
CA LEU A 596 -1.53 -25.74 -6.20
C LEU A 596 -1.16 -25.73 -4.71
N PRO A 597 0.07 -26.06 -4.28
CA PRO A 597 0.44 -25.97 -2.87
C PRO A 597 0.12 -24.59 -2.30
N MET A 598 0.48 -23.52 -3.03
CA MET A 598 0.24 -22.13 -2.54
C MET A 598 -1.26 -21.88 -2.39
N MET A 599 -2.06 -22.26 -3.39
CA MET A 599 -3.52 -21.96 -3.32
C MET A 599 -4.11 -22.60 -2.06
N ILE A 600 -3.72 -23.84 -1.75
CA ILE A 600 -4.32 -24.55 -0.58
C ILE A 600 -3.99 -23.76 0.69
N SER A 601 -2.74 -23.30 0.83
CA SER A 601 -2.35 -22.51 2.03
C SER A 601 -3.20 -21.24 2.13
N SER A 602 -3.41 -20.54 1.01
CA SER A 602 -4.19 -19.28 1.03
C SER A 602 -5.61 -19.55 1.52
N MET A 603 -6.28 -20.56 0.97
CA MET A 603 -7.68 -20.87 1.35
C MET A 603 -7.73 -21.16 2.86
N LEU A 604 -6.67 -21.75 3.41
CA LEU A 604 -6.63 -22.03 4.85
C LEU A 604 -6.65 -20.74 5.66
N GLN A 605 -5.96 -19.69 5.18
CA GLN A 605 -6.00 -18.41 5.88
C GLN A 605 -7.36 -17.72 5.73
N ALA A 606 -7.94 -17.77 4.52
CA ALA A 606 -9.23 -17.14 4.30
C ALA A 606 -10.32 -17.77 5.16
N SER A 607 -10.16 -19.04 5.54
CA SER A 607 -11.16 -19.67 6.40
C SER A 607 -11.28 -18.94 7.73
N VAL A 608 -10.16 -18.73 8.43
CA VAL A 608 -10.22 -18.05 9.72
C VAL A 608 -10.59 -16.59 9.54
N SER A 609 -10.14 -15.96 8.44
CA SER A 609 -10.54 -14.57 8.21
C SER A 609 -12.05 -14.45 8.07
N THR A 610 -12.65 -15.31 7.26
CA THR A 610 -14.13 -15.30 7.11
C THR A 610 -14.76 -15.53 8.49
N GLU A 611 -14.29 -16.53 9.23
CA GLU A 611 -14.94 -16.81 10.51
C GLU A 611 -14.95 -15.58 11.40
N ARG A 612 -13.87 -14.81 11.41
CA ARG A 612 -13.81 -13.63 12.31
C ARG A 612 -14.83 -12.56 11.90
N LEU A 613 -14.93 -12.25 10.60
CA LEU A 613 -15.83 -11.17 10.14
C LEU A 613 -17.30 -11.53 10.40
N GLU A 614 -17.68 -12.80 10.26
CA GLU A 614 -19.10 -13.22 10.41
C GLU A 614 -19.58 -12.95 11.83
N LYS A 615 -18.68 -12.96 12.82
CA LYS A 615 -19.08 -12.63 14.22
C LYS A 615 -19.48 -11.15 14.30
N TYR A 616 -18.70 -10.26 13.71
CA TYR A 616 -18.99 -8.80 13.77
C TYR A 616 -20.22 -8.46 12.93
N LEU A 617 -20.26 -8.90 11.67
CA LEU A 617 -21.36 -8.52 10.76
C LEU A 617 -22.66 -9.21 11.18
N GLY A 618 -22.59 -10.19 12.08
CA GLY A 618 -23.78 -10.94 12.51
C GLY A 618 -24.12 -10.68 13.97
N GLY A 619 -23.49 -9.67 14.56
CA GLY A 619 -23.73 -9.37 16.00
C GLY A 619 -25.10 -8.79 16.25
N ASP A 620 -25.56 -8.81 17.50
CA ASP A 620 -26.88 -8.30 17.81
C ASP A 620 -26.91 -6.78 17.73
N ASP A 621 -28.11 -6.20 17.85
CA ASP A 621 -28.23 -4.71 17.83
C ASP A 621 -28.75 -4.23 19.19
N LEU A 622 -28.45 -2.98 19.55
CA LEU A 622 -28.90 -2.42 20.84
C LEU A 622 -30.43 -2.34 20.87
N ASP A 623 -31.04 -2.52 22.04
CA ASP A 623 -32.53 -2.49 22.15
C ASP A 623 -33.00 -1.04 22.29
N THR A 624 -34.08 -0.67 21.60
CA THR A 624 -34.59 0.69 21.69
C THR A 624 -36.04 0.74 22.17
N SER A 625 -36.59 -0.38 22.64
CA SER A 625 -37.98 -0.41 23.10
C SER A 625 -38.09 -0.03 24.57
N ALA A 626 -37.35 0.99 24.96
CA ALA A 626 -37.41 1.52 26.33
C ALA A 626 -37.52 3.04 26.39
N ILE A 627 -37.16 3.77 25.34
CA ILE A 627 -37.23 5.22 25.31
C ILE A 627 -38.34 5.59 24.33
N ARG A 628 -39.35 6.29 24.87
CA ARG A 628 -40.51 6.69 24.04
C ARG A 628 -40.39 8.16 23.66
N HIS A 629 -40.20 8.46 22.37
CA HIS A 629 -40.02 9.87 21.93
C HIS A 629 -41.39 10.48 21.68
N ASP A 630 -42.21 10.54 22.74
CA ASP A 630 -43.60 11.07 22.60
C ASP A 630 -43.62 12.57 22.88
N CYS A 631 -44.60 13.29 22.33
CA CYS A 631 -44.74 14.73 22.63
C CYS A 631 -45.58 14.90 23.90
N ASN A 632 -45.04 14.52 25.05
CA ASN A 632 -45.79 14.59 26.32
C ASN A 632 -46.28 16.02 26.53
N PHE A 633 -45.43 17.01 26.23
CA PHE A 633 -45.81 18.45 26.35
C PHE A 633 -45.95 18.83 27.83
N ASP A 634 -46.67 18.03 28.62
CA ASP A 634 -46.83 18.31 30.08
C ASP A 634 -45.45 18.32 30.72
N LYS A 635 -44.57 17.40 30.28
CA LYS A 635 -43.17 17.36 30.81
C LYS A 635 -42.22 17.05 29.66
N ALA A 636 -40.98 17.55 29.74
CA ALA A 636 -39.97 17.21 28.70
C ALA A 636 -39.16 15.99 29.18
N MET A 637 -39.46 15.49 30.38
CA MET A 637 -38.75 14.32 30.93
C MET A 637 -39.63 13.61 31.96
N GLN A 638 -39.57 12.28 32.01
CA GLN A 638 -40.36 11.50 32.96
C GLN A 638 -39.67 10.17 33.20
N PHE A 639 -39.59 9.77 34.48
CA PHE A 639 -38.96 8.51 34.87
C PHE A 639 -39.97 7.71 35.69
N SER A 640 -40.45 6.60 35.12
CA SER A 640 -41.42 5.75 35.78
C SER A 640 -40.71 4.55 36.40
N GLU A 641 -40.01 4.81 37.51
CA GLU A 641 -39.30 3.77 38.27
C GLU A 641 -38.37 2.97 37.37
N ALA A 642 -37.51 3.68 36.64
CA ALA A 642 -36.61 3.04 35.70
C ALA A 642 -35.52 2.26 36.44
N SER A 643 -34.95 1.29 35.73
CA SER A 643 -33.84 0.48 36.26
C SER A 643 -33.09 -0.11 35.08
N PHE A 644 -31.85 0.33 34.88
CA PHE A 644 -31.04 -0.08 33.76
C PHE A 644 -29.73 -0.69 34.25
N THR A 645 -29.11 -1.51 33.40
CA THR A 645 -27.86 -2.17 33.74
C THR A 645 -26.86 -2.04 32.60
N TRP A 646 -25.59 -1.87 32.95
CA TRP A 646 -24.55 -1.76 31.93
C TRP A 646 -24.29 -3.10 31.26
N GLU A 647 -24.16 -4.15 32.04
CA GLU A 647 -23.93 -5.48 31.51
C GLU A 647 -25.25 -6.09 31.06
N HIS A 648 -25.24 -7.38 30.73
CA HIS A 648 -26.45 -8.04 30.23
C HIS A 648 -27.45 -8.27 31.36
N ASP A 649 -27.03 -8.99 32.40
CA ASP A 649 -27.92 -9.32 33.51
C ASP A 649 -27.22 -9.16 34.85
N SER A 650 -26.28 -8.23 34.96
CA SER A 650 -25.57 -8.00 36.21
C SER A 650 -26.40 -7.08 37.10
N GLU A 651 -25.79 -6.57 38.16
CA GLU A 651 -26.49 -5.67 39.06
C GLU A 651 -26.85 -4.38 38.35
N ALA A 652 -28.03 -3.84 38.69
CA ALA A 652 -28.50 -2.62 38.05
C ALA A 652 -27.72 -1.43 38.57
N THR A 653 -27.03 -0.73 37.66
CA THR A 653 -26.26 0.44 38.06
C THR A 653 -27.17 1.55 38.57
N VAL A 654 -28.31 1.76 37.91
CA VAL A 654 -29.31 2.74 38.33
C VAL A 654 -30.57 1.97 38.71
N ARG A 655 -31.05 2.20 39.93
CA ARG A 655 -32.16 1.43 40.49
C ARG A 655 -33.23 2.37 41.02
N ASP A 656 -34.47 2.18 40.56
CA ASP A 656 -35.65 2.84 41.12
C ASP A 656 -35.50 4.35 41.13
N VAL A 657 -35.41 4.93 39.93
CA VAL A 657 -35.28 6.37 39.75
C VAL A 657 -36.61 6.90 39.20
N ASN A 658 -37.12 7.96 39.82
CA ASN A 658 -38.37 8.57 39.39
C ASN A 658 -38.27 10.08 39.60
N LEU A 659 -38.29 10.83 38.51
CA LEU A 659 -38.23 12.28 38.58
C LEU A 659 -38.79 12.86 37.30
N ASP A 660 -39.16 14.14 37.35
CA ASP A 660 -39.68 14.84 36.18
C ASP A 660 -39.32 16.31 36.29
N ILE A 661 -38.88 16.89 35.18
CA ILE A 661 -38.46 18.29 35.12
C ILE A 661 -39.16 18.95 33.95
N MET A 662 -39.76 20.12 34.20
CA MET A 662 -40.45 20.86 33.16
C MET A 662 -39.45 21.53 32.23
N ALA A 663 -39.95 21.97 31.08
CA ALA A 663 -39.11 22.65 30.10
C ALA A 663 -38.63 23.99 30.65
N GLY A 664 -37.45 24.40 30.19
CA GLY A 664 -36.86 25.65 30.66
C GLY A 664 -36.45 25.63 32.11
N GLN A 665 -35.94 24.50 32.60
CA GLN A 665 -35.51 24.36 33.98
C GLN A 665 -34.08 23.86 34.02
N LEU A 666 -33.22 24.57 34.75
CA LEU A 666 -31.83 24.18 34.93
C LEU A 666 -31.72 23.48 36.29
N VAL A 667 -31.44 22.19 36.26
CA VAL A 667 -31.29 21.38 37.46
C VAL A 667 -29.89 20.78 37.47
N ALA A 668 -29.33 20.62 38.67
CA ALA A 668 -27.97 20.15 38.84
C ALA A 668 -27.98 18.80 39.55
N VAL A 669 -27.16 17.87 39.03
CA VAL A 669 -27.04 16.52 39.63
C VAL A 669 -25.67 16.42 40.31
N ILE A 670 -25.64 16.16 41.61
CA ILE A 670 -24.41 16.08 42.38
C ILE A 670 -24.40 14.76 43.15
N GLY A 671 -23.21 14.34 43.54
CA GLY A 671 -23.03 13.12 44.28
C GLY A 671 -21.57 12.75 44.45
N PRO A 672 -21.31 11.64 45.14
CA PRO A 672 -19.94 11.20 45.37
C PRO A 672 -19.38 10.50 44.13
N VAL A 673 -18.12 10.07 44.24
CA VAL A 673 -17.46 9.39 43.15
C VAL A 673 -18.06 8.00 42.96
N GLY A 674 -18.33 7.63 41.71
CA GLY A 674 -18.96 6.36 41.43
C GLY A 674 -20.43 6.28 41.74
N SER A 675 -21.11 7.43 41.82
CA SER A 675 -22.54 7.42 42.17
C SER A 675 -23.39 6.94 41.00
N GLY A 676 -23.02 7.30 39.77
CA GLY A 676 -23.79 6.88 38.62
C GLY A 676 -24.44 7.94 37.75
N LYS A 677 -23.99 9.19 37.92
CA LYS A 677 -24.54 10.33 37.13
C LYS A 677 -24.39 10.04 35.63
N SER A 678 -23.15 9.88 35.14
CA SER A 678 -22.91 9.63 33.74
C SER A 678 -23.65 8.39 33.25
N SER A 679 -23.83 7.40 34.13
CA SER A 679 -24.66 6.25 33.77
C SER A 679 -26.11 6.67 33.54
N LEU A 680 -26.62 7.57 34.38
CA LEU A 680 -27.98 8.07 34.19
C LEU A 680 -28.11 8.81 32.86
N ILE A 681 -27.14 9.65 32.52
CA ILE A 681 -27.20 10.42 31.25
C ILE A 681 -27.05 9.45 30.06
N SER A 682 -26.25 8.40 30.20
CA SER A 682 -26.14 7.41 29.13
C SER A 682 -27.45 6.63 28.96
N ALA A 683 -28.11 6.32 30.06
CA ALA A 683 -29.42 5.68 29.99
C ALA A 683 -30.43 6.59 29.31
N MET A 684 -30.33 7.89 29.58
CA MET A 684 -31.15 8.87 28.86
C MET A 684 -30.90 8.78 27.37
N LEU A 685 -29.62 8.61 27.00
CA LEU A 685 -29.26 8.45 25.56
C LEU A 685 -29.70 7.06 25.11
N GLY A 686 -29.83 6.11 26.04
CA GLY A 686 -30.23 4.73 25.69
C GLY A 686 -29.04 3.88 25.29
N GLU A 687 -27.98 3.86 26.12
CA GLU A 687 -26.77 3.04 25.81
C GLU A 687 -26.69 1.89 26.82
N MET A 688 -27.72 1.70 27.65
CA MET A 688 -27.73 0.61 28.66
C MET A 688 -28.91 -0.34 28.36
N GLU A 689 -28.89 -1.55 28.93
CA GLU A 689 -29.96 -2.50 28.70
C GLU A 689 -31.09 -2.31 29.71
N ASN A 690 -32.31 -2.17 29.22
CA ASN A 690 -33.45 -1.96 30.10
C ASN A 690 -33.76 -3.21 30.91
N VAL A 691 -34.27 -2.99 32.12
CA VAL A 691 -34.68 -4.09 33.00
C VAL A 691 -36.12 -3.89 33.43
N HIS A 692 -36.45 -2.68 33.86
CA HIS A 692 -37.79 -2.40 34.40
C HIS A 692 -38.04 -0.91 34.33
N GLY A 693 -39.06 -0.51 33.57
CA GLY A 693 -39.47 0.88 33.49
C GLY A 693 -39.39 1.41 32.07
N HIS A 694 -39.68 2.70 31.95
CA HIS A 694 -39.62 3.39 30.66
C HIS A 694 -39.29 4.86 30.90
N ILE A 695 -38.78 5.50 29.86
CA ILE A 695 -38.37 6.90 29.91
C ILE A 695 -39.05 7.65 28.78
N THR A 696 -39.64 8.80 29.09
CA THR A 696 -40.30 9.64 28.11
C THR A 696 -39.43 10.86 27.82
N ILE A 697 -39.14 11.09 26.54
CA ILE A 697 -38.30 12.20 26.10
C ILE A 697 -39.04 12.97 25.02
N LYS A 698 -39.09 14.30 25.16
CA LYS A 698 -39.71 15.17 24.19
C LYS A 698 -38.65 16.09 23.61
N GLY A 699 -38.54 16.10 22.28
CA GLY A 699 -37.56 16.93 21.60
C GLY A 699 -36.27 16.19 21.31
N THR A 700 -35.28 16.97 20.85
CA THR A 700 -33.98 16.44 20.52
C THR A 700 -33.07 16.47 21.76
N THR A 701 -31.80 16.13 21.59
CA THR A 701 -30.85 16.07 22.69
C THR A 701 -29.48 16.53 22.21
N ALA A 702 -28.69 17.04 23.16
CA ALA A 702 -27.31 17.43 22.90
C ALA A 702 -26.43 16.88 24.02
N TYR A 703 -25.20 16.53 23.67
CA TYR A 703 -24.31 15.82 24.58
C TYR A 703 -22.96 16.53 24.67
N VAL A 704 -22.45 16.64 25.90
CA VAL A 704 -21.11 17.14 26.17
C VAL A 704 -20.39 16.12 27.03
N PRO A 705 -19.65 15.18 26.45
CA PRO A 705 -19.08 14.08 27.23
C PRO A 705 -18.01 14.55 28.20
N GLN A 706 -17.81 13.74 29.25
CA GLN A 706 -16.77 14.04 30.23
C GLN A 706 -15.39 14.00 29.58
N GLN A 707 -15.15 13.02 28.71
CA GLN A 707 -13.90 12.93 27.95
C GLN A 707 -14.15 13.55 26.58
N SER A 708 -13.61 14.75 26.37
CA SER A 708 -13.89 15.50 25.16
C SER A 708 -13.35 14.78 23.93
N TRP A 709 -14.11 14.84 22.84
CA TRP A 709 -13.77 14.20 21.58
C TRP A 709 -13.60 15.27 20.51
N ILE A 710 -12.46 15.23 19.81
CA ILE A 710 -12.13 16.21 18.79
C ILE A 710 -11.78 15.48 17.50
N GLN A 711 -12.32 15.98 16.39
CA GLN A 711 -12.10 15.37 15.08
C GLN A 711 -10.79 15.89 14.49
N ASN A 712 -10.56 15.61 13.21
CA ASN A 712 -9.41 16.10 12.48
C ASN A 712 -9.86 17.16 11.48
N GLY A 713 -9.29 18.34 11.59
CA GLY A 713 -9.65 19.44 10.73
C GLY A 713 -9.48 20.76 11.45
N THR A 714 -10.00 21.81 10.84
CA THR A 714 -9.92 23.13 11.43
C THR A 714 -10.83 23.25 12.65
N ILE A 715 -10.64 24.31 13.41
CA ILE A 715 -11.54 24.58 14.54
C ILE A 715 -12.92 24.95 14.03
N LYS A 716 -12.99 25.68 12.92
CA LYS A 716 -14.29 26.07 12.36
C LYS A 716 -15.10 24.85 11.95
N ASP A 717 -14.45 23.85 11.34
CA ASP A 717 -15.16 22.64 10.95
C ASP A 717 -15.71 21.91 12.17
N ASN A 718 -14.92 21.83 13.24
CA ASN A 718 -15.38 21.17 14.46
C ASN A 718 -16.56 21.91 15.07
N ILE A 719 -16.48 23.24 15.11
CA ILE A 719 -17.59 24.05 15.73
C ILE A 719 -18.85 23.89 14.87
N LEU A 720 -18.71 23.92 13.55
CA LEU A 720 -19.89 23.81 12.69
C LEU A 720 -20.53 22.43 12.80
N PHE A 721 -19.72 21.38 12.69
CA PHE A 721 -20.21 20.00 12.77
C PHE A 721 -21.32 19.74 11.75
N GLY A 722 -21.11 20.20 10.52
CA GLY A 722 -22.11 19.97 9.45
C GLY A 722 -23.32 20.88 9.61
N THR A 723 -23.13 22.19 9.43
CA THR A 723 -24.24 23.16 9.56
C THR A 723 -23.93 24.38 8.68
N GLU A 724 -24.97 25.05 8.17
CA GLU A 724 -24.78 26.23 7.29
C GLU A 724 -24.07 27.35 8.08
N PHE A 725 -23.01 27.92 7.51
CA PHE A 725 -22.26 28.96 8.22
C PHE A 725 -23.07 30.23 8.34
N ASN A 726 -23.05 30.82 9.53
CA ASN A 726 -23.68 32.11 9.81
C ASN A 726 -22.63 33.09 10.33
N GLU A 727 -23.07 34.31 10.63
CA GLU A 727 -22.16 35.33 11.13
C GLU A 727 -22.68 35.97 12.40
N LYS A 728 -24.00 36.04 12.55
CA LYS A 728 -24.59 36.62 13.75
C LYS A 728 -24.61 35.66 14.93
N ARG A 729 -24.41 34.37 14.70
CA ARG A 729 -24.37 33.38 15.78
C ARG A 729 -23.00 32.78 16.00
N TYR A 730 -22.23 32.59 14.93
CA TYR A 730 -20.87 32.02 15.07
C TYR A 730 -20.06 32.92 16.01
N GLN A 731 -20.01 34.22 15.71
CA GLN A 731 -19.21 35.16 16.53
C GLN A 731 -19.70 35.12 17.98
N GLN A 732 -21.02 35.12 18.19
CA GLN A 732 -21.59 35.14 19.57
C GLN A 732 -21.10 33.90 20.31
N VAL A 733 -21.16 32.73 19.68
CA VAL A 733 -20.76 31.45 20.34
C VAL A 733 -19.29 31.55 20.75
N LEU A 734 -18.40 31.89 19.82
CA LEU A 734 -16.94 31.93 20.12
C LEU A 734 -16.69 32.89 21.28
N GLU A 735 -17.29 34.09 21.26
CA GLU A 735 -17.01 35.10 22.31
C GLU A 735 -17.56 34.64 23.66
N ALA A 736 -18.78 34.09 23.70
CA ALA A 736 -19.41 33.70 24.98
C ALA A 736 -18.60 32.59 25.66
N CYS A 737 -18.04 31.66 24.86
CA CYS A 737 -17.28 30.52 25.43
C CYS A 737 -15.84 30.94 25.74
N ALA A 738 -15.57 32.25 25.69
CA ALA A 738 -14.22 32.77 25.99
C ALA A 738 -13.17 31.99 25.20
N LEU A 739 -13.45 31.67 23.94
CA LEU A 739 -12.45 30.97 23.08
C LEU A 739 -11.80 32.00 22.16
N LEU A 740 -12.00 33.29 22.44
CA LEU A 740 -11.47 34.34 21.54
C LEU A 740 -9.99 34.62 21.82
N PRO A 741 -9.55 34.93 23.06
CA PRO A 741 -8.16 35.28 23.30
C PRO A 741 -7.22 34.17 22.84
N ASP A 742 -7.56 32.92 23.15
CA ASP A 742 -6.68 31.77 22.79
C ASP A 742 -6.61 31.66 21.26
N LEU A 743 -7.75 31.77 20.59
CA LEU A 743 -7.77 31.61 19.11
C LEU A 743 -6.82 32.64 18.50
N GLU A 744 -6.76 33.84 19.08
CA GLU A 744 -5.87 34.90 18.55
C GLU A 744 -4.42 34.44 18.67
N MET A 745 -4.09 33.66 19.70
CA MET A 745 -2.71 33.26 19.92
C MET A 745 -2.28 32.07 19.05
N LEU A 746 -3.23 31.34 18.48
CA LEU A 746 -2.89 30.21 17.63
C LEU A 746 -2.21 30.69 16.35
N PRO A 747 -1.29 29.88 15.79
CA PRO A 747 -0.58 30.33 14.58
C PRO A 747 -1.48 30.60 13.39
N GLY A 748 -2.54 29.80 13.22
CA GLY A 748 -3.45 29.97 12.12
C GLY A 748 -4.75 30.66 12.46
N GLY A 749 -4.96 31.05 13.71
CA GLY A 749 -6.22 31.65 14.10
C GLY A 749 -7.33 30.62 14.10
N ASP A 750 -8.47 30.95 13.50
CA ASP A 750 -9.62 30.00 13.47
C ASP A 750 -9.28 28.82 12.55
N LEU A 751 -8.53 29.06 11.47
CA LEU A 751 -8.23 28.01 10.50
C LEU A 751 -6.92 27.30 10.83
N ALA A 752 -6.81 26.78 12.04
CA ALA A 752 -5.63 26.06 12.49
C ALA A 752 -5.96 24.58 12.61
N GLU A 753 -5.15 23.72 11.97
CA GLU A 753 -5.44 22.26 11.97
C GLU A 753 -5.33 21.71 13.40
N ILE A 754 -6.41 21.09 13.89
CA ILE A 754 -6.41 20.49 15.26
C ILE A 754 -6.69 19.00 15.11
N GLY A 755 -6.20 18.18 16.04
CA GLY A 755 -6.47 16.72 15.99
C GLY A 755 -5.21 15.92 16.22
N GLU A 756 -5.24 14.63 15.88
CA GLU A 756 -4.07 13.74 16.08
C GLU A 756 -2.88 14.29 15.29
N LYS A 757 -3.10 14.75 14.06
CA LYS A 757 -1.99 15.23 13.20
C LYS A 757 -1.91 16.75 13.25
N GLY A 758 -2.12 17.35 14.42
CA GLY A 758 -1.98 18.82 14.54
C GLY A 758 -1.85 19.26 15.98
N ILE A 759 -1.97 20.56 16.23
CA ILE A 759 -1.82 21.10 17.61
C ILE A 759 -2.70 20.28 18.55
N ASN A 760 -2.10 19.62 19.54
CA ASN A 760 -2.88 18.84 20.54
C ASN A 760 -3.24 19.78 21.69
N LEU A 761 -4.50 20.22 21.76
CA LEU A 761 -4.90 21.22 22.79
C LEU A 761 -4.99 20.56 24.17
N SER A 762 -5.04 21.37 25.23
CA SER A 762 -5.10 20.83 26.62
C SER A 762 -6.55 20.67 27.06
N GLY A 763 -6.79 20.16 28.27
CA GLY A 763 -8.17 19.92 28.72
C GLY A 763 -8.98 21.21 28.72
N GLY A 764 -8.36 22.32 29.15
CA GLY A 764 -9.09 23.59 29.26
C GLY A 764 -9.68 24.02 27.94
N GLN A 765 -8.94 23.86 26.84
CA GLN A 765 -9.43 24.35 25.52
C GLN A 765 -10.39 23.31 24.95
N LYS A 766 -9.94 22.05 24.79
CA LYS A 766 -10.78 20.98 24.18
C LYS A 766 -12.16 20.97 24.83
N GLN A 767 -12.24 21.29 26.13
CA GLN A 767 -13.55 21.37 26.77
C GLN A 767 -14.37 22.54 26.24
N ARG A 768 -13.73 23.69 26.06
CA ARG A 768 -14.44 24.86 25.55
C ARG A 768 -14.85 24.67 24.10
N ILE A 769 -14.04 23.99 23.29
CA ILE A 769 -14.45 23.70 21.91
C ILE A 769 -15.68 22.81 21.90
N SER A 770 -15.70 21.78 22.76
CA SER A 770 -16.86 20.90 22.81
C SER A 770 -18.11 21.66 23.26
N LEU A 771 -17.96 22.52 24.28
CA LEU A 771 -19.11 23.31 24.75
C LEU A 771 -19.60 24.25 23.66
N ALA A 772 -18.68 24.87 22.92
CA ALA A 772 -19.07 25.78 21.85
C ALA A 772 -19.82 25.04 20.75
N ARG A 773 -19.36 23.84 20.38
CA ARG A 773 -20.06 23.06 19.38
C ARG A 773 -21.47 22.73 19.85
N ALA A 774 -21.60 22.27 21.09
CA ALA A 774 -22.92 21.91 21.60
C ALA A 774 -23.85 23.11 21.64
N THR A 775 -23.34 24.27 22.05
CA THR A 775 -24.20 25.45 22.12
C THR A 775 -24.49 26.05 20.75
N TYR A 776 -23.63 25.84 19.76
CA TYR A 776 -23.90 26.35 18.42
C TYR A 776 -24.89 25.48 17.67
N GLN A 777 -24.88 24.16 17.91
CA GLN A 777 -25.81 23.28 17.19
C GLN A 777 -27.25 23.64 17.50
N ASN A 778 -27.53 24.21 18.68
CA ASN A 778 -28.83 24.77 19.03
C ASN A 778 -30.01 23.80 19.07
N LEU A 779 -29.80 22.70 19.80
CA LEU A 779 -30.85 21.73 20.05
C LEU A 779 -31.76 22.13 21.21
N ASP A 780 -32.63 21.22 21.64
CA ASP A 780 -33.65 21.52 22.64
C ASP A 780 -33.25 21.11 24.06
N ILE A 781 -32.76 19.88 24.25
CA ILE A 781 -32.41 19.37 25.56
C ILE A 781 -30.90 19.24 25.64
N TYR A 782 -30.32 19.83 26.68
CA TYR A 782 -28.86 19.83 26.88
C TYR A 782 -28.53 18.98 28.10
N LEU A 783 -27.59 18.05 27.93
CA LEU A 783 -27.14 17.17 29.00
C LEU A 783 -25.65 17.38 29.19
N LEU A 784 -25.29 18.37 30.00
CA LEU A 784 -23.87 18.71 30.21
C LEU A 784 -23.31 17.79 31.30
N ASP A 785 -22.14 17.18 31.08
CA ASP A 785 -21.50 16.32 32.11
C ASP A 785 -20.18 16.96 32.55
N ASP A 786 -20.22 17.82 33.58
CA ASP A 786 -19.00 18.50 34.11
C ASP A 786 -18.29 19.24 32.98
N PRO A 787 -18.78 20.40 32.53
CA PRO A 787 -18.11 21.17 31.48
C PRO A 787 -17.24 22.31 32.04
N LEU A 788 -17.16 22.46 33.37
CA LEU A 788 -16.40 23.55 33.98
C LEU A 788 -15.41 23.00 34.99
N SER A 789 -14.69 21.95 34.61
CA SER A 789 -13.70 21.34 35.47
C SER A 789 -12.27 21.71 35.10
N ALA A 790 -11.94 21.68 33.80
CA ALA A 790 -10.59 21.99 33.36
C ALA A 790 -10.27 23.48 33.41
N VAL A 791 -11.28 24.35 33.34
CA VAL A 791 -11.04 25.78 33.32
C VAL A 791 -10.89 26.31 34.74
N ASP A 792 -10.34 27.52 34.85
CA ASP A 792 -10.07 28.14 36.13
C ASP A 792 -11.31 28.89 36.62
N ALA A 793 -11.15 29.72 37.65
CA ALA A 793 -12.28 30.41 38.24
C ALA A 793 -12.83 31.50 37.31
N HIS A 794 -11.95 32.30 36.72
CA HIS A 794 -12.41 33.40 35.87
C HIS A 794 -13.16 32.90 34.66
N VAL A 795 -12.57 31.95 33.93
CA VAL A 795 -13.21 31.42 32.73
C VAL A 795 -14.50 30.71 33.08
N GLY A 796 -14.50 29.95 34.17
CA GLY A 796 -15.72 29.26 34.57
C GLY A 796 -16.85 30.21 34.91
N LYS A 797 -16.53 31.26 35.68
CA LYS A 797 -17.55 32.25 36.02
C LYS A 797 -18.06 32.97 34.77
N HIS A 798 -17.15 33.33 33.87
CA HIS A 798 -17.56 34.00 32.64
C HIS A 798 -18.48 33.11 31.80
N ILE A 799 -18.11 31.84 31.66
CA ILE A 799 -18.93 30.92 30.87
C ILE A 799 -20.29 30.72 31.52
N PHE A 800 -20.33 30.55 32.84
CA PHE A 800 -21.61 30.33 33.51
C PHE A 800 -22.50 31.56 33.40
N ASN A 801 -21.93 32.76 33.54
CA ASN A 801 -22.75 33.97 33.47
C ASN A 801 -23.08 34.38 32.05
N LYS A 802 -22.43 33.80 31.03
CA LYS A 802 -22.66 34.22 29.67
C LYS A 802 -23.29 33.17 28.77
N VAL A 803 -23.19 31.89 29.12
CA VAL A 803 -23.66 30.81 28.25
C VAL A 803 -24.85 30.08 28.88
N LEU A 804 -24.65 29.45 30.03
CA LEU A 804 -25.68 28.63 30.67
C LEU A 804 -25.93 29.17 32.07
N GLY A 805 -27.14 29.67 32.30
CA GLY A 805 -27.50 30.25 33.58
C GLY A 805 -28.81 31.00 33.52
N PRO A 806 -29.07 31.82 34.54
CA PRO A 806 -30.33 32.59 34.55
C PRO A 806 -30.44 33.55 33.38
N ASN A 807 -29.33 34.14 32.92
CA ASN A 807 -29.32 35.07 31.80
C ASN A 807 -28.17 34.67 30.89
N GLY A 808 -28.44 33.81 29.91
CA GLY A 808 -27.42 33.35 29.00
C GLY A 808 -27.97 32.96 27.64
N LEU A 809 -27.14 32.34 26.81
CA LEU A 809 -27.59 31.94 25.48
C LEU A 809 -28.70 30.90 25.56
N LEU A 810 -28.54 29.90 26.43
CA LEU A 810 -29.54 28.86 26.61
C LEU A 810 -30.49 29.18 27.75
N LYS A 811 -31.09 30.36 27.72
CA LYS A 811 -32.01 30.78 28.78
C LYS A 811 -33.39 30.16 28.65
N GLY A 812 -33.71 29.55 27.51
CA GLY A 812 -35.02 28.95 27.33
C GLY A 812 -34.98 27.43 27.32
N LYS A 813 -33.92 26.86 26.76
CA LYS A 813 -33.80 25.42 26.67
C LYS A 813 -33.56 24.82 28.05
N THR A 814 -34.04 23.60 28.25
CA THR A 814 -33.79 22.89 29.49
C THR A 814 -32.33 22.47 29.59
N ARG A 815 -31.78 22.58 30.80
CA ARG A 815 -30.37 22.25 31.04
C ARG A 815 -30.28 21.26 32.18
N LEU A 816 -29.49 20.20 31.99
CA LEU A 816 -29.23 19.23 33.09
C LEU A 816 -27.71 19.12 33.25
N LEU A 817 -27.16 19.72 34.31
CA LEU A 817 -25.67 19.75 34.44
C LEU A 817 -25.23 18.89 35.63
N VAL A 818 -24.20 18.07 35.42
CA VAL A 818 -23.62 17.25 36.53
C VAL A 818 -22.36 17.98 37.01
N THR A 819 -22.23 18.22 38.31
CA THR A 819 -21.09 19.05 38.79
C THR A 819 -20.43 18.49 40.05
N HIS A 820 -19.26 19.01 40.41
CA HIS A 820 -18.57 18.61 41.62
C HIS A 820 -18.22 19.79 42.52
N SER A 821 -18.41 21.02 42.04
CA SER A 821 -18.13 22.22 42.82
C SER A 821 -19.44 22.88 43.22
N MET A 822 -19.50 23.34 44.47
CA MET A 822 -20.69 23.94 45.03
C MET A 822 -20.70 25.46 44.90
N HIS A 823 -20.06 26.01 43.86
CA HIS A 823 -19.95 27.46 43.74
C HIS A 823 -21.18 28.06 43.07
N PHE A 824 -21.75 27.38 42.08
CA PHE A 824 -22.88 27.90 41.33
C PHE A 824 -24.22 27.32 41.76
N LEU A 825 -24.25 26.63 42.91
CA LEU A 825 -25.50 26.04 43.37
C LEU A 825 -26.60 27.05 43.66
N PRO A 826 -26.36 28.22 44.28
CA PRO A 826 -27.49 29.12 44.58
C PRO A 826 -28.22 29.63 43.36
N GLN A 827 -27.62 29.57 42.16
CA GLN A 827 -28.25 30.09 40.95
C GLN A 827 -28.93 28.98 40.14
N VAL A 828 -29.33 27.89 40.78
CA VAL A 828 -30.02 26.81 40.11
C VAL A 828 -31.47 26.76 40.58
N ASP A 829 -32.26 25.92 39.92
CA ASP A 829 -33.68 25.81 40.23
C ASP A 829 -33.99 24.63 41.15
N GLU A 830 -33.36 23.48 40.87
CA GLU A 830 -33.62 22.26 41.67
C GLU A 830 -32.33 21.43 41.69
N ILE A 831 -32.00 20.84 42.84
CA ILE A 831 -30.79 19.97 42.93
C ILE A 831 -31.20 18.57 43.37
N VAL A 832 -30.47 17.56 42.91
CA VAL A 832 -30.68 16.17 43.28
C VAL A 832 -29.35 15.58 43.73
N VAL A 833 -29.38 14.79 44.80
CA VAL A 833 -28.19 14.16 45.36
C VAL A 833 -28.32 12.66 45.11
N LEU A 834 -27.50 12.14 44.19
CA LEU A 834 -27.52 10.74 43.87
C LEU A 834 -26.68 9.95 44.87
N GLY A 835 -27.17 8.76 45.23
CA GLY A 835 -26.43 7.88 46.11
C GLY A 835 -26.64 6.42 45.79
N ASN A 836 -25.56 5.69 45.54
CA ASN A 836 -25.60 4.26 45.23
C ASN A 836 -26.50 3.97 44.03
N GLY A 837 -26.57 4.91 43.09
CA GLY A 837 -27.39 4.74 41.90
C GLY A 837 -28.84 5.15 42.05
N THR A 838 -29.26 5.58 43.23
CA THR A 838 -30.64 5.96 43.47
C THR A 838 -30.69 7.36 44.09
N ILE A 839 -31.84 8.00 43.96
CA ILE A 839 -32.02 9.36 44.43
C ILE A 839 -32.28 9.36 45.93
N VAL A 840 -31.47 10.10 46.67
CA VAL A 840 -31.62 10.19 48.12
C VAL A 840 -32.53 11.34 48.51
N GLU A 841 -32.20 12.54 48.01
CA GLU A 841 -33.02 13.74 48.30
C GLU A 841 -33.17 14.59 47.05
N LYS A 842 -34.37 15.08 46.76
CA LYS A 842 -34.57 15.99 45.59
C LYS A 842 -35.28 17.25 46.09
N GLY A 843 -34.67 18.42 45.91
CA GLY A 843 -35.26 19.66 46.44
C GLY A 843 -34.55 20.91 45.94
N SER A 844 -35.06 22.08 46.32
CA SER A 844 -34.43 23.37 45.91
C SER A 844 -33.24 23.67 46.83
N TYR A 845 -32.44 24.68 46.48
CA TYR A 845 -31.23 25.00 47.28
C TYR A 845 -31.63 25.32 48.72
N SER A 846 -32.55 26.26 48.91
CA SER A 846 -32.94 26.68 50.27
C SER A 846 -33.57 25.51 51.03
N ALA A 847 -34.43 24.73 50.37
CA ALA A 847 -35.12 23.61 51.04
C ALA A 847 -34.08 22.62 51.58
N LEU A 848 -33.12 22.23 50.75
CA LEU A 848 -32.10 21.24 51.18
C LEU A 848 -31.34 21.81 52.38
N LEU A 849 -30.97 23.09 52.31
CA LEU A 849 -30.20 23.73 53.42
C LEU A 849 -31.05 23.71 54.69
N ALA A 850 -32.36 23.95 54.56
CA ALA A 850 -33.27 23.93 55.73
C ALA A 850 -33.43 22.50 56.25
N LYS A 851 -33.39 21.52 55.36
CA LYS A 851 -33.59 20.09 55.75
C LYS A 851 -32.54 19.70 56.80
N LYS A 852 -31.37 20.35 56.77
CA LYS A 852 -30.32 20.12 57.80
C LYS A 852 -30.02 18.62 57.93
N GLY A 853 -29.26 18.06 56.98
CA GLY A 853 -28.88 16.64 57.05
C GLY A 853 -27.56 16.40 56.33
N GLU A 854 -27.61 15.64 55.23
CA GLU A 854 -26.36 15.30 54.47
C GLU A 854 -25.83 16.56 53.79
N PHE A 855 -26.72 17.41 53.29
CA PHE A 855 -26.27 18.60 52.54
C PHE A 855 -25.29 19.41 53.39
N ALA A 856 -25.55 19.53 54.69
CA ALA A 856 -24.69 20.35 55.57
C ALA A 856 -23.24 19.87 55.45
N LYS A 857 -23.01 18.57 55.63
CA LYS A 857 -21.65 18.00 55.50
C LYS A 857 -21.21 18.07 54.03
N ASN A 858 -22.11 17.75 53.11
CA ASN A 858 -21.78 17.78 51.66
C ASN A 858 -21.29 19.19 51.30
N LEU A 859 -22.02 20.22 51.73
CA LEU A 859 -21.63 21.62 51.41
C LEU A 859 -20.54 22.07 52.38
N GLY A 886 2.73 -4.26 -4.64
CA GLY A 886 1.91 -3.27 -5.37
C GLY A 886 1.87 -3.56 -6.86
N LEU A 887 0.84 -3.07 -7.55
CA LEU A 887 0.71 -3.25 -9.02
C LEU A 887 0.68 -4.74 -9.37
N ILE A 888 0.73 -5.63 -8.39
CA ILE A 888 0.61 -7.09 -8.65
C ILE A 888 -0.70 -7.57 -8.01
N SER A 889 -1.56 -8.24 -8.78
CA SER A 889 -2.90 -8.64 -8.25
C SER A 889 -2.92 -10.14 -7.89
N SER A 890 -2.36 -11.00 -8.73
CA SER A 890 -2.34 -12.46 -8.45
C SER A 890 -0.96 -13.04 -8.82
N VAL A 891 -0.77 -14.33 -8.57
CA VAL A 891 0.52 -15.00 -8.90
C VAL A 891 0.33 -15.79 -10.20
N GLU A 892 -0.78 -15.53 -10.91
CA GLU A 892 -1.02 -16.21 -12.21
C GLU A 892 -0.51 -15.31 -13.34
N GLU A 893 -0.43 -14.00 -13.09
CA GLU A 893 0.01 -13.05 -14.15
C GLU A 893 1.52 -13.17 -14.35
N ILE A 894 2.29 -13.32 -13.27
CA ILE A 894 3.77 -13.54 -13.38
C ILE A 894 4.08 -14.88 -12.74
N PRO A 895 3.87 -16.02 -13.42
CA PRO A 895 4.03 -17.34 -12.79
C PRO A 895 5.47 -17.71 -12.42
N GLU A 896 6.47 -17.13 -13.08
CA GLU A 896 7.87 -17.55 -12.81
C GLU A 896 8.28 -17.14 -11.39
N ASP A 897 7.92 -15.92 -10.98
CA ASP A 897 8.31 -15.42 -9.63
C ASP A 897 7.20 -15.79 -8.65
N ALA A 898 6.76 -17.04 -8.66
CA ALA A 898 5.62 -17.46 -7.83
C ALA A 898 5.93 -17.28 -6.33
N ALA A 899 7.18 -17.49 -5.92
CA ALA A 899 7.48 -17.46 -4.47
C ALA A 899 7.59 -16.03 -3.95
N SER A 900 8.57 -15.27 -4.45
CA SER A 900 8.81 -13.92 -3.87
C SER A 900 7.48 -13.19 -3.67
N ILE A 901 6.58 -13.25 -4.65
CA ILE A 901 5.31 -12.48 -4.55
C ILE A 901 4.56 -12.93 -3.28
N THR A 902 4.45 -14.23 -3.05
CA THR A 902 3.71 -14.73 -1.87
C THR A 902 4.37 -14.20 -0.59
N MET A 903 5.70 -14.28 -0.51
CA MET A 903 6.42 -13.83 0.72
C MET A 903 6.15 -12.35 0.95
N ARG A 904 6.20 -11.53 -0.10
CA ARG A 904 6.02 -10.06 0.05
C ARG A 904 4.63 -9.80 0.65
N ARG A 905 3.60 -10.44 0.11
CA ARG A 905 2.23 -10.27 0.66
C ARG A 905 2.26 -10.61 2.15
N GLU A 906 2.77 -11.78 2.51
CA GLU A 906 2.74 -12.18 3.91
C GLU A 906 3.50 -11.19 4.79
N ASN A 907 4.64 -10.71 4.31
CA ASN A 907 5.44 -9.76 5.09
C ASN A 907 4.67 -8.47 5.29
N SER A 908 4.00 -7.97 4.24
CA SER A 908 3.23 -6.75 4.39
C SER A 908 2.07 -6.93 5.35
N PHE A 909 1.38 -8.06 5.28
CA PHE A 909 0.28 -8.31 6.20
C PHE A 909 0.76 -8.38 7.64
N ARG A 910 1.90 -9.02 7.87
CA ARG A 910 2.46 -9.08 9.22
C ARG A 910 2.90 -7.72 9.70
N ARG A 911 3.46 -6.90 8.81
CA ARG A 911 3.94 -5.58 9.20
C ARG A 911 2.79 -4.61 9.48
N THR A 912 1.62 -4.84 8.90
CA THR A 912 0.48 -3.97 9.16
C THR A 912 0.09 -3.98 10.63
N LEU A 913 0.04 -5.17 11.24
CA LEU A 913 -0.42 -5.28 12.65
C LEU A 913 0.52 -4.51 13.59
N SER A 914 1.83 -4.74 13.45
CA SER A 914 2.82 -4.09 14.35
C SER A 914 2.58 -2.58 14.38
N ARG A 915 2.54 -1.94 13.22
CA ARG A 915 2.37 -0.46 13.19
C ARG A 915 1.09 -0.08 13.92
N LYS A 963 20.30 9.18 -12.01
CA LYS A 963 21.23 9.50 -13.10
C LYS A 963 22.28 8.41 -13.30
N PHE A 964 21.96 7.17 -12.94
CA PHE A 964 22.82 6.00 -13.13
C PHE A 964 24.05 6.03 -12.26
N SER A 965 24.25 7.12 -11.52
CA SER A 965 25.39 7.17 -10.60
C SER A 965 25.13 6.34 -9.35
N ILE A 966 23.87 6.24 -8.92
CA ILE A 966 23.56 5.47 -7.71
C ILE A 966 23.76 3.98 -7.95
N TYR A 967 23.49 3.50 -9.16
CA TYR A 967 23.80 2.11 -9.47
C TYR A 967 25.30 1.84 -9.32
N LEU A 968 26.13 2.77 -9.81
CA LEU A 968 27.57 2.63 -9.64
C LEU A 968 27.96 2.67 -8.17
N GLU A 969 27.31 3.54 -7.39
CA GLU A 969 27.63 3.62 -5.97
C GLU A 969 27.28 2.31 -5.26
N TYR A 970 26.11 1.75 -5.56
CA TYR A 970 25.73 0.49 -4.93
C TYR A 970 26.66 -0.64 -5.34
N LEU A 971 27.05 -0.68 -6.62
CA LEU A 971 27.98 -1.72 -7.05
C LEU A 971 29.34 -1.55 -6.38
N GLN A 972 29.80 -0.31 -6.21
CA GLN A 972 31.06 -0.07 -5.52
C GLN A 972 30.97 -0.51 -4.06
N ALA A 973 29.81 -0.31 -3.44
CA ALA A 973 29.63 -0.75 -2.04
C ALA A 973 29.68 -2.28 -2.00
N ILE A 974 29.06 -2.93 -2.99
CA ILE A 974 29.11 -4.39 -3.05
C ILE A 974 30.53 -4.87 -3.30
N GLY A 975 31.24 -4.22 -4.22
CA GLY A 975 32.57 -4.66 -4.61
C GLY A 975 32.60 -5.17 -6.04
N LEU A 976 33.26 -4.41 -6.93
CA LEU A 976 33.26 -4.78 -8.34
C LEU A 976 34.00 -6.09 -8.59
N PHE A 977 34.95 -6.43 -7.73
CA PHE A 977 35.71 -7.66 -7.89
C PHE A 977 34.80 -8.88 -7.88
N SER A 978 33.84 -8.91 -6.95
CA SER A 978 32.89 -10.02 -6.92
C SER A 978 31.84 -9.91 -8.01
N ILE A 979 31.48 -8.68 -8.40
CA ILE A 979 30.48 -8.48 -9.46
C ILE A 979 30.96 -9.10 -10.76
N PHE A 980 32.23 -8.90 -11.09
CA PHE A 980 32.78 -9.45 -12.32
C PHE A 980 32.65 -10.98 -12.33
N PHE A 981 33.02 -11.63 -11.23
CA PHE A 981 32.97 -13.08 -11.18
C PHE A 981 31.54 -13.60 -11.21
N ILE A 982 30.61 -12.89 -10.57
CA ILE A 982 29.22 -13.33 -10.60
C ILE A 982 28.67 -13.26 -12.02
N ILE A 983 28.95 -12.16 -12.72
CA ILE A 983 28.50 -12.05 -14.11
C ILE A 983 29.13 -13.14 -14.97
N LEU A 984 30.41 -13.43 -14.73
CA LEU A 984 31.07 -14.50 -15.47
C LEU A 984 30.39 -15.84 -15.25
N ALA A 985 29.99 -16.11 -14.00
CA ALA A 985 29.35 -17.40 -13.68
C ALA A 985 28.00 -17.51 -14.40
N PHE A 986 27.15 -16.50 -14.27
CA PHE A 986 25.81 -16.53 -14.90
C PHE A 986 25.95 -16.71 -16.41
N VAL A 987 26.85 -15.95 -17.04
CA VAL A 987 27.06 -16.04 -18.52
C VAL A 987 27.51 -17.46 -18.87
N MET A 988 28.44 -18.01 -18.10
CA MET A 988 28.98 -19.37 -18.39
C MET A 988 27.84 -20.39 -18.29
N ASN A 989 26.92 -20.19 -17.35
CA ASN A 989 25.74 -21.10 -17.22
C ASN A 989 24.94 -21.07 -18.51
N SER A 990 24.70 -19.88 -19.07
CA SER A 990 23.91 -19.76 -20.33
C SER A 990 24.58 -20.55 -21.45
N VAL A 991 25.92 -20.48 -21.55
CA VAL A 991 26.66 -21.21 -22.61
C VAL A 991 26.43 -22.71 -22.42
N ALA A 992 26.55 -23.21 -21.19
CA ALA A 992 26.36 -24.65 -20.92
C ALA A 992 24.94 -25.05 -21.29
N PHE A 993 23.98 -24.13 -21.15
CA PHE A 993 22.58 -24.42 -21.56
C PHE A 993 22.51 -24.65 -23.08
N ILE A 994 22.96 -23.66 -23.86
CA ILE A 994 22.92 -23.79 -25.35
C ILE A 994 23.67 -25.06 -25.74
N GLY A 995 24.80 -25.35 -25.08
CA GLY A 995 25.59 -26.55 -25.38
C GLY A 995 24.77 -27.82 -25.21
N SER A 996 24.03 -27.94 -24.11
CA SER A 996 23.23 -29.17 -23.86
C SER A 996 22.19 -29.33 -24.98
N ASN A 997 21.53 -28.24 -25.36
CA ASN A 997 20.46 -28.34 -26.40
C ASN A 997 21.09 -28.87 -27.70
N LEU A 998 22.29 -28.39 -28.04
CA LEU A 998 22.94 -28.81 -29.31
C LEU A 998 23.32 -30.30 -29.21
N TRP A 999 23.72 -30.77 -28.02
CA TRP A 999 24.05 -32.21 -27.85
C TRP A 999 22.79 -33.05 -28.08
N LEU A 1000 21.66 -32.66 -27.50
CA LEU A 1000 20.40 -33.39 -27.76
C LEU A 1000 20.08 -33.29 -29.25
N SER A 1001 20.16 -32.08 -29.81
CA SER A 1001 19.85 -31.89 -31.25
C SER A 1001 20.73 -32.83 -32.07
N ALA A 1002 21.99 -33.02 -31.65
CA ALA A 1002 22.82 -33.99 -32.37
C ALA A 1002 22.43 -35.42 -32.02
N TRP A 1003 22.12 -35.67 -30.75
CA TRP A 1003 21.71 -37.02 -30.34
C TRP A 1003 20.43 -37.44 -31.07
N THR A 1004 19.46 -36.53 -31.17
CA THR A 1004 18.25 -36.86 -31.91
C THR A 1004 18.52 -37.04 -33.40
N SER A 1005 19.44 -36.25 -33.96
CA SER A 1005 19.80 -36.42 -35.37
C SER A 1005 20.40 -37.79 -35.62
N ASP A 1006 21.08 -38.34 -34.62
CA ASP A 1006 21.78 -39.61 -34.79
C ASP A 1006 20.84 -40.75 -35.23
N SER A 1007 19.55 -40.64 -34.94
CA SER A 1007 18.65 -41.78 -35.12
C SER A 1007 18.51 -42.18 -36.58
N LYS A 1008 18.53 -41.21 -37.49
CA LYS A 1008 18.24 -41.51 -38.90
C LYS A 1008 19.29 -42.42 -39.51
N ILE A 1009 20.53 -42.35 -39.01
CA ILE A 1009 21.60 -43.17 -39.58
C ILE A 1009 21.38 -44.65 -39.27
N PHE A 1010 21.05 -44.95 -38.02
CA PHE A 1010 20.88 -46.33 -37.59
C PHE A 1010 19.40 -46.73 -37.71
N ASN A 1011 19.06 -47.89 -37.17
CA ASN A 1011 17.69 -48.40 -37.24
C ASN A 1011 17.42 -49.19 -35.97
N SER A 1012 16.36 -50.00 -35.98
CA SER A 1012 15.97 -50.73 -34.78
C SER A 1012 17.04 -51.73 -34.37
N THR A 1013 17.62 -52.45 -35.34
CA THR A 1013 18.56 -53.53 -35.01
C THR A 1013 19.97 -53.19 -35.46
N ASP A 1014 20.37 -51.93 -35.32
CA ASP A 1014 21.72 -51.51 -35.68
C ASP A 1014 22.37 -50.59 -34.66
N TYR A 1015 21.74 -50.30 -33.54
CA TYR A 1015 22.27 -49.34 -32.59
C TYR A 1015 23.36 -49.98 -31.75
N PRO A 1016 24.58 -49.46 -31.76
CA PRO A 1016 25.63 -50.02 -30.91
C PRO A 1016 25.51 -49.55 -29.46
N ALA A 1017 26.19 -50.28 -28.58
CA ALA A 1017 26.15 -49.94 -27.17
C ALA A 1017 27.02 -48.74 -26.85
N SER A 1018 28.17 -48.62 -27.52
CA SER A 1018 29.09 -47.52 -27.25
C SER A 1018 28.44 -46.17 -27.53
N GLN A 1019 27.73 -46.07 -28.67
CA GLN A 1019 27.01 -44.83 -28.98
C GLN A 1019 25.94 -44.56 -27.94
N ARG A 1020 25.22 -45.60 -27.50
CA ARG A 1020 24.17 -45.43 -26.52
C ARG A 1020 24.71 -44.88 -25.21
N ASP A 1021 25.88 -45.36 -24.78
CA ASP A 1021 26.45 -44.86 -23.53
C ASP A 1021 27.03 -43.46 -23.68
N MET A 1022 27.69 -43.21 -24.82
CA MET A 1022 28.32 -41.91 -25.03
C MET A 1022 27.28 -40.80 -25.16
N ARG A 1023 26.14 -41.10 -25.80
CA ARG A 1023 25.14 -40.06 -26.02
C ARG A 1023 24.44 -39.63 -24.74
N VAL A 1024 24.62 -40.36 -23.64
CA VAL A 1024 23.98 -40.00 -22.39
C VAL A 1024 24.99 -39.54 -21.33
N GLY A 1025 26.21 -40.10 -21.33
CA GLY A 1025 27.20 -39.63 -20.37
C GLY A 1025 27.51 -38.15 -20.51
N VAL A 1026 27.65 -37.68 -21.76
CA VAL A 1026 27.95 -36.27 -21.99
C VAL A 1026 26.77 -35.39 -21.57
N TYR A 1027 25.55 -35.85 -21.82
CA TYR A 1027 24.37 -35.11 -21.37
C TYR A 1027 24.37 -34.94 -19.86
N GLY A 1028 24.64 -36.03 -19.14
CA GLY A 1028 24.75 -35.93 -17.69
C GLY A 1028 25.84 -34.98 -17.24
N ALA A 1029 27.00 -35.02 -17.90
CA ALA A 1029 28.11 -34.14 -17.52
C ALA A 1029 27.73 -32.68 -17.72
N LEU A 1030 27.08 -32.37 -18.84
CA LEU A 1030 26.67 -30.99 -19.09
C LEU A 1030 25.64 -30.50 -18.08
N GLY A 1031 24.68 -31.36 -17.73
CA GLY A 1031 23.74 -30.99 -16.68
C GLY A 1031 24.43 -30.69 -15.37
N LEU A 1032 25.40 -31.54 -14.99
CA LEU A 1032 26.14 -31.30 -13.75
C LEU A 1032 26.90 -29.97 -13.80
N ALA A 1033 27.54 -29.67 -14.93
CA ALA A 1033 28.28 -28.41 -15.03
C ALA A 1033 27.35 -27.22 -14.89
N GLN A 1034 26.18 -27.31 -15.52
CA GLN A 1034 25.18 -26.21 -15.42
C GLN A 1034 24.80 -26.01 -13.95
N GLY A 1035 24.52 -27.11 -13.23
CA GLY A 1035 24.14 -27.00 -11.83
C GLY A 1035 25.24 -26.37 -10.98
N ILE A 1036 26.48 -26.82 -11.18
CA ILE A 1036 27.59 -26.30 -10.38
C ILE A 1036 27.76 -24.80 -10.59
N PHE A 1037 27.74 -24.36 -11.85
CA PHE A 1037 28.00 -22.92 -12.12
C PHE A 1037 26.90 -22.05 -11.52
N VAL A 1038 25.64 -22.47 -11.63
CA VAL A 1038 24.54 -21.70 -10.96
C VAL A 1038 24.81 -21.68 -9.46
N PHE A 1039 25.05 -22.83 -8.84
CA PHE A 1039 25.23 -22.84 -7.39
C PHE A 1039 26.32 -21.87 -6.96
N ILE A 1040 27.45 -21.84 -7.69
CA ILE A 1040 28.53 -20.93 -7.32
C ILE A 1040 28.07 -19.48 -7.43
N ALA A 1041 27.38 -19.17 -8.52
CA ALA A 1041 26.89 -17.77 -8.73
C ALA A 1041 25.99 -17.37 -7.55
N HIS A 1042 25.06 -18.24 -7.17
CA HIS A 1042 24.11 -17.92 -6.06
C HIS A 1042 24.87 -17.86 -4.73
N PHE A 1043 25.84 -18.76 -4.55
CA PHE A 1043 26.59 -18.82 -3.26
C PHE A 1043 27.27 -17.48 -2.99
N TRP A 1044 27.97 -16.93 -3.98
CA TRP A 1044 28.69 -15.65 -3.80
C TRP A 1044 27.68 -14.50 -3.70
N SER A 1045 26.64 -14.51 -4.54
CA SER A 1045 25.67 -13.38 -4.55
C SER A 1045 25.19 -13.08 -3.12
N ALA A 1046 24.83 -14.12 -2.36
CA ALA A 1046 24.30 -13.90 -1.00
C ALA A 1046 25.27 -13.07 -0.18
N PHE A 1047 26.55 -13.44 -0.16
CA PHE A 1047 27.55 -12.72 0.66
C PHE A 1047 27.77 -11.30 0.12
N GLY A 1048 27.86 -11.17 -1.21
CA GLY A 1048 28.12 -9.84 -1.82
C GLY A 1048 27.18 -8.76 -1.32
N PHE A 1049 26.08 -9.15 -0.67
CA PHE A 1049 25.08 -8.15 -0.22
C PHE A 1049 25.23 -7.88 1.28
N VAL A 1050 25.29 -8.92 2.10
CA VAL A 1050 25.37 -8.72 3.58
C VAL A 1050 26.44 -7.67 3.88
N HIS A 1051 27.55 -7.70 3.15
CA HIS A 1051 28.63 -6.70 3.35
C HIS A 1051 28.10 -5.31 3.00
N ALA A 1052 27.33 -5.21 1.91
CA ALA A 1052 26.85 -3.87 1.48
C ALA A 1052 26.03 -3.24 2.60
N SER A 1053 25.06 -3.96 3.15
CA SER A 1053 24.18 -3.38 4.20
C SER A 1053 25.06 -2.89 5.36
N ASN A 1054 26.08 -3.68 5.73
CA ASN A 1054 26.95 -3.29 6.87
C ASN A 1054 27.66 -1.97 6.56
N ILE A 1055 28.37 -1.89 5.43
CA ILE A 1055 29.16 -0.65 5.16
C ILE A 1055 28.20 0.53 4.99
N LEU A 1056 27.08 0.36 4.29
CA LEU A 1056 26.17 1.50 4.03
C LEU A 1056 25.69 2.08 5.37
N HIS A 1057 25.15 1.23 6.24
CA HIS A 1057 24.59 1.72 7.54
C HIS A 1057 25.72 2.31 8.39
N LYS A 1058 26.80 1.56 8.57
CA LYS A 1058 27.88 2.04 9.46
C LYS A 1058 28.37 3.39 8.95
N GLN A 1059 28.71 3.45 7.66
CA GLN A 1059 29.24 4.72 7.08
C GLN A 1059 28.19 5.80 7.33
N LEU A 1060 26.91 5.47 7.10
CA LEU A 1060 25.88 6.55 7.25
C LEU A 1060 25.77 7.00 8.69
N LEU A 1061 25.88 6.08 9.65
CA LEU A 1061 25.60 6.45 11.04
C LEU A 1061 26.64 7.42 11.57
N ASN A 1062 27.93 7.14 11.33
CA ASN A 1062 28.97 7.99 11.87
C ASN A 1062 28.85 9.42 11.35
N ASN A 1063 28.45 9.54 10.08
CA ASN A 1063 28.39 10.91 9.48
C ASN A 1063 27.15 11.63 10.01
N ILE A 1064 26.01 10.94 10.08
CA ILE A 1064 24.80 11.64 10.50
C ILE A 1064 24.87 12.01 11.98
N LEU A 1065 25.57 11.21 12.78
CA LEU A 1065 25.70 11.49 14.21
C LEU A 1065 26.67 12.63 14.50
N ARG A 1066 27.39 13.13 13.50
CA ARG A 1066 28.38 14.18 13.68
C ARG A 1066 27.95 15.51 13.08
N ALA A 1067 26.71 15.62 12.61
CA ALA A 1067 26.26 16.81 11.92
C ALA A 1067 26.11 17.98 12.88
N PRO A 1068 26.22 19.22 12.39
CA PRO A 1068 26.00 20.38 13.26
C PRO A 1068 24.53 20.56 13.59
N MET A 1069 24.22 21.51 14.48
CA MET A 1069 22.81 21.63 14.95
C MET A 1069 21.90 22.17 13.84
N ARG A 1070 22.42 23.03 12.98
CA ARG A 1070 21.55 23.64 11.93
C ARG A 1070 20.77 22.52 11.24
N PHE A 1071 21.46 21.49 10.75
CA PHE A 1071 20.80 20.41 10.02
C PHE A 1071 19.76 19.74 10.90
N PHE A 1072 20.08 19.51 12.17
CA PHE A 1072 19.13 18.89 13.08
C PHE A 1072 17.92 19.78 13.35
N ASP A 1073 18.11 21.10 13.21
CA ASP A 1073 17.01 22.05 13.49
C ASP A 1073 16.10 22.16 12.26
N THR A 1074 16.68 22.21 11.06
CA THR A 1074 15.88 22.39 9.86
C THR A 1074 15.05 21.16 9.55
N THR A 1075 15.64 19.97 9.62
CA THR A 1075 14.96 18.74 9.23
C THR A 1075 14.21 18.15 10.42
N PRO A 1076 12.89 17.81 10.25
CA PRO A 1076 12.12 17.20 11.32
C PRO A 1076 12.70 15.83 11.71
N THR A 1077 12.57 15.46 12.99
CA THR A 1077 13.12 14.17 13.48
C THR A 1077 12.49 13.02 12.69
N GLY A 1078 11.21 13.12 12.37
CA GLY A 1078 10.53 12.02 11.66
C GLY A 1078 11.28 11.65 10.40
N ARG A 1079 11.75 12.62 9.63
CA ARG A 1079 12.41 12.27 8.35
C ARG A 1079 13.71 11.51 8.65
N ILE A 1080 14.52 12.03 9.57
CA ILE A 1080 15.85 11.41 9.88
C ILE A 1080 15.68 9.97 10.36
N VAL A 1081 14.73 9.70 11.26
CA VAL A 1081 14.60 8.32 11.86
C VAL A 1081 14.05 7.34 10.81
N ASN A 1082 13.24 7.83 9.86
CA ASN A 1082 12.63 6.92 8.86
C ASN A 1082 13.73 6.28 8.02
N ARG A 1083 14.78 7.04 7.67
CA ARG A 1083 15.90 6.51 6.84
C ARG A 1083 16.55 5.33 7.56
N PHE A 1084 16.73 5.43 8.88
CA PHE A 1084 17.41 4.36 9.66
C PHE A 1084 16.52 3.12 9.78
N ALA A 1085 15.24 3.23 9.45
CA ALA A 1085 14.32 2.09 9.66
C ALA A 1085 13.84 1.52 8.32
N GLY A 1086 13.08 2.30 7.55
CA GLY A 1086 12.51 1.80 6.28
C GLY A 1086 13.56 1.51 5.24
N ASP A 1087 14.42 2.48 4.92
CA ASP A 1087 15.40 2.28 3.81
C ASP A 1087 16.31 1.09 4.13
N ILE A 1088 16.90 1.04 5.32
CA ILE A 1088 17.84 -0.07 5.64
C ILE A 1088 17.12 -1.40 5.44
N SER A 1089 15.84 -1.50 5.82
CA SER A 1089 15.08 -2.73 5.60
C SER A 1089 14.89 -3.00 4.12
N THR A 1090 14.61 -1.96 3.34
CA THR A 1090 14.46 -2.13 1.90
C THR A 1090 15.77 -2.55 1.25
N VAL A 1091 16.87 -1.91 1.64
CA VAL A 1091 18.19 -2.16 0.97
C VAL A 1091 18.67 -3.60 1.24
N ASP A 1092 18.21 -4.25 2.30
CA ASP A 1092 18.77 -5.60 2.63
C ASP A 1092 17.70 -6.70 2.51
N ASP A 1093 16.53 -6.38 1.94
CA ASP A 1093 15.44 -7.39 1.87
C ASP A 1093 15.06 -7.65 0.40
N THR A 1094 14.10 -6.88 -0.13
CA THR A 1094 13.63 -7.12 -1.53
C THR A 1094 14.74 -6.78 -2.53
N LEU A 1095 15.51 -5.72 -2.27
CA LEU A 1095 16.55 -5.27 -3.24
C LEU A 1095 17.28 -6.50 -3.82
N PRO A 1096 18.00 -7.33 -3.03
CA PRO A 1096 18.75 -8.47 -3.62
C PRO A 1096 17.91 -9.40 -4.48
N GLN A 1097 16.66 -9.66 -4.08
CA GLN A 1097 15.83 -10.58 -4.84
C GLN A 1097 15.62 -10.09 -6.26
N SER A 1098 15.23 -8.83 -6.41
CA SER A 1098 15.01 -8.28 -7.75
C SER A 1098 16.32 -8.16 -8.51
N LEU A 1099 17.39 -7.73 -7.84
CA LEU A 1099 18.68 -7.59 -8.50
C LEU A 1099 19.18 -8.93 -9.01
N ARG A 1100 18.71 -10.04 -8.44
CA ARG A 1100 19.20 -11.38 -8.86
C ARG A 1100 18.21 -12.02 -9.83
N SER A 1101 16.94 -11.60 -9.83
CA SER A 1101 15.99 -12.12 -10.81
C SER A 1101 16.12 -11.44 -12.17
N TRP A 1102 16.41 -10.14 -12.18
CA TRP A 1102 16.48 -9.43 -13.45
C TRP A 1102 17.58 -9.98 -14.35
N ILE A 1103 18.74 -10.28 -13.77
CA ILE A 1103 19.86 -10.79 -14.59
C ILE A 1103 19.51 -12.15 -15.17
N THR A 1104 18.81 -12.99 -14.41
CA THR A 1104 18.41 -14.29 -14.92
C THR A 1104 17.46 -14.13 -16.10
N CYS A 1105 16.47 -13.25 -15.98
CA CYS A 1105 15.54 -13.05 -17.08
C CYS A 1105 16.24 -12.53 -18.32
N PHE A 1106 17.12 -11.53 -18.15
CA PHE A 1106 17.81 -10.96 -19.30
C PHE A 1106 18.69 -11.99 -19.98
N LEU A 1107 19.42 -12.80 -19.20
CA LEU A 1107 20.29 -13.80 -19.81
C LEU A 1107 19.47 -14.88 -20.51
N GLY A 1108 18.31 -15.26 -19.97
CA GLY A 1108 17.47 -16.21 -20.68
C GLY A 1108 17.03 -15.68 -22.03
N ILE A 1109 16.55 -14.44 -22.07
CA ILE A 1109 16.13 -13.86 -23.35
C ILE A 1109 17.29 -13.81 -24.33
N ILE A 1110 18.47 -13.38 -23.86
CA ILE A 1110 19.62 -13.23 -24.76
C ILE A 1110 20.04 -14.60 -25.30
N SER A 1111 20.04 -15.62 -24.44
CA SER A 1111 20.41 -16.96 -24.91
C SER A 1111 19.44 -17.48 -25.96
N THR A 1112 18.14 -17.25 -25.77
CA THR A 1112 17.13 -17.73 -26.75
C THR A 1112 17.40 -17.13 -28.13
N LEU A 1113 17.69 -15.82 -28.20
CA LEU A 1113 17.88 -15.14 -29.51
C LEU A 1113 19.17 -15.61 -30.21
N VAL A 1114 20.24 -15.87 -29.44
CA VAL A 1114 21.49 -16.40 -30.06
C VAL A 1114 21.16 -17.70 -30.79
N MET A 1115 20.39 -18.59 -30.16
CA MET A 1115 20.07 -19.91 -30.76
C MET A 1115 19.35 -19.74 -32.10
N ILE A 1116 18.30 -18.92 -32.15
CA ILE A 1116 17.52 -18.78 -33.41
C ILE A 1116 18.40 -18.12 -34.48
N CYS A 1117 19.17 -17.08 -34.11
CA CYS A 1117 20.01 -16.36 -35.09
C CYS A 1117 21.14 -17.28 -35.58
N MET A 1118 21.67 -18.11 -34.68
CA MET A 1118 22.73 -19.07 -35.07
C MET A 1118 22.21 -19.96 -36.20
N ALA A 1119 21.05 -20.58 -35.99
CA ALA A 1119 20.47 -21.49 -37.00
C ALA A 1119 20.17 -20.70 -38.29
N THR A 1120 19.65 -19.48 -38.14
CA THR A 1120 19.31 -18.63 -39.32
C THR A 1120 20.05 -17.30 -39.21
N PRO A 1121 21.34 -17.20 -39.62
CA PRO A 1121 22.12 -15.97 -39.49
C PRO A 1121 21.27 -14.80 -40.00
N VAL A 1122 20.31 -15.09 -40.88
CA VAL A 1122 19.41 -14.03 -41.44
C VAL A 1122 18.56 -13.39 -40.34
N PHE A 1123 18.20 -14.13 -39.29
CA PHE A 1123 17.29 -13.58 -38.26
C PHE A 1123 17.85 -12.30 -37.64
N THR A 1124 19.18 -12.14 -37.66
CA THR A 1124 19.80 -10.95 -37.01
C THR A 1124 19.03 -9.68 -37.39
N ILE A 1125 18.48 -9.64 -38.61
CA ILE A 1125 17.81 -8.39 -39.10
C ILE A 1125 16.62 -8.05 -38.20
N ILE A 1126 15.71 -9.00 -37.97
CA ILE A 1126 14.47 -8.71 -37.18
C ILE A 1126 14.84 -8.20 -35.79
N VAL A 1127 16.00 -8.56 -35.26
CA VAL A 1127 16.35 -8.17 -33.86
C VAL A 1127 16.29 -6.65 -33.70
N ILE A 1128 16.88 -5.88 -34.63
CA ILE A 1128 16.94 -4.40 -34.47
C ILE A 1128 15.52 -3.82 -34.36
N PRO A 1129 14.61 -4.02 -35.33
CA PRO A 1129 13.27 -3.41 -35.26
C PRO A 1129 12.56 -3.73 -33.94
N LEU A 1130 12.54 -5.01 -33.55
CA LEU A 1130 11.82 -5.40 -32.31
C LEU A 1130 12.37 -4.62 -31.12
N GLY A 1131 13.70 -4.50 -31.04
CA GLY A 1131 14.33 -3.76 -29.93
C GLY A 1131 13.81 -2.33 -29.85
N ILE A 1132 13.79 -1.62 -30.98
CA ILE A 1132 13.31 -0.22 -31.00
C ILE A 1132 11.86 -0.19 -30.52
N ILE A 1133 11.04 -1.16 -30.94
CA ILE A 1133 9.63 -1.24 -30.48
C ILE A 1133 9.60 -1.60 -28.99
N TYR A 1134 10.37 -2.61 -28.58
CA TYR A 1134 10.36 -3.07 -27.17
C TYR A 1134 10.75 -1.92 -26.24
N VAL A 1135 11.91 -1.29 -26.48
CA VAL A 1135 12.39 -0.21 -25.57
C VAL A 1135 11.40 0.95 -25.63
N SER A 1136 10.81 1.21 -26.80
CA SER A 1136 9.77 2.27 -26.88
C SER A 1136 8.57 1.84 -26.05
N VAL A 1137 7.94 0.71 -26.39
CA VAL A 1137 6.71 0.29 -25.64
C VAL A 1137 7.05 0.28 -24.14
N GLN A 1138 8.32 0.05 -23.80
CA GLN A 1138 8.71 -0.07 -22.36
C GLN A 1138 8.64 1.29 -21.64
N MET A 1139 9.31 2.32 -22.17
CA MET A 1139 9.36 3.62 -21.44
C MET A 1139 7.94 4.11 -21.14
N PHE A 1140 7.04 4.07 -22.11
CA PHE A 1140 5.67 4.49 -21.88
C PHE A 1140 5.00 3.93 -20.64
N TYR A 1141 4.95 2.60 -20.54
CA TYR A 1141 4.31 1.95 -19.37
C TYR A 1141 4.86 2.51 -18.07
N VAL A 1142 6.19 2.50 -17.87
CA VAL A 1142 6.76 2.94 -16.56
C VAL A 1142 6.47 4.44 -16.35
N SER A 1143 6.46 5.24 -17.42
CA SER A 1143 6.26 6.66 -17.27
C SER A 1143 4.88 6.97 -16.74
N THR A 1144 3.95 6.01 -16.79
CA THR A 1144 2.58 6.22 -16.25
C THR A 1144 2.34 5.37 -14.99
N SER A 1145 2.66 4.07 -15.03
CA SER A 1145 2.34 3.19 -13.88
C SER A 1145 2.93 3.77 -12.59
N ARG A 1146 4.14 4.32 -12.65
CA ARG A 1146 4.81 4.85 -11.43
C ARG A 1146 3.90 5.86 -10.74
N GLN A 1147 3.34 6.79 -11.50
CA GLN A 1147 2.49 7.87 -10.91
C GLN A 1147 1.25 7.25 -10.26
N LEU A 1148 0.62 6.27 -10.92
CA LEU A 1148 -0.64 5.69 -10.38
C LEU A 1148 -0.34 4.92 -9.09
N ARG A 1149 0.86 4.35 -8.97
CA ARG A 1149 1.25 3.61 -7.75
C ARG A 1149 1.21 4.57 -6.56
N ARG A 1150 1.70 5.79 -6.74
CA ARG A 1150 1.67 6.80 -5.64
C ARG A 1150 0.22 7.16 -5.34
N LEU A 1151 -0.54 7.63 -6.33
CA LEU A 1151 -1.92 8.10 -6.08
C LEU A 1151 -2.64 7.07 -5.21
N ASP A 1152 -2.49 5.77 -5.50
CA ASP A 1152 -3.23 4.73 -4.75
C ASP A 1152 -2.92 4.83 -3.25
N SER A 1153 -1.64 4.97 -2.89
CA SER A 1153 -1.26 4.98 -1.45
C SER A 1153 -1.81 6.23 -0.75
N VAL A 1154 -1.75 7.39 -1.41
CA VAL A 1154 -2.24 8.66 -0.82
C VAL A 1154 -3.76 8.57 -0.59
N THR A 1155 -4.49 7.88 -1.47
CA THR A 1155 -5.97 7.83 -1.37
C THR A 1155 -6.43 6.56 -0.64
N ARG A 1156 -5.61 6.00 0.26
CA ARG A 1156 -6.05 4.83 1.06
C ARG A 1156 -6.14 5.21 2.54
N SER A 1157 -5.04 5.68 3.13
CA SER A 1157 -5.05 5.97 4.58
C SER A 1157 -6.29 6.72 5.05
N PRO A 1158 -6.80 7.76 4.34
CA PRO A 1158 -8.03 8.42 4.76
C PRO A 1158 -9.13 7.46 5.24
N ILE A 1159 -9.40 6.40 4.51
CA ILE A 1159 -10.53 5.51 4.85
C ILE A 1159 -10.35 4.97 6.27
N TYR A 1160 -9.18 4.42 6.56
CA TYR A 1160 -8.95 3.83 7.88
C TYR A 1160 -8.91 4.90 8.96
N SER A 1161 -8.40 6.09 8.61
CA SER A 1161 -8.45 7.20 9.60
C SER A 1161 -9.90 7.48 9.98
N HIS A 1162 -10.78 7.60 8.99
CA HIS A 1162 -12.21 7.93 9.26
C HIS A 1162 -12.84 6.85 10.14
N PHE A 1163 -12.62 5.57 9.82
CA PHE A 1163 -13.26 4.49 10.59
C PHE A 1163 -12.81 4.57 12.05
N SER A 1164 -11.51 4.77 12.28
CA SER A 1164 -10.99 4.87 13.67
C SER A 1164 -11.69 6.03 14.39
N GLU A 1165 -11.83 7.18 13.72
CA GLU A 1165 -12.44 8.37 14.35
C GLU A 1165 -13.89 8.06 14.73
N THR A 1166 -14.69 7.53 13.79
CA THR A 1166 -16.12 7.30 14.08
C THR A 1166 -16.26 6.26 15.20
N VAL A 1167 -15.43 5.20 15.18
CA VAL A 1167 -15.55 4.11 16.20
C VAL A 1167 -15.27 4.70 17.58
N SER A 1168 -14.30 5.62 17.68
CA SER A 1168 -13.91 6.21 18.99
C SER A 1168 -15.00 7.15 19.50
N GLY A 1169 -15.68 7.86 18.60
CA GLY A 1169 -16.67 8.86 19.05
C GLY A 1169 -18.09 8.49 18.68
N LEU A 1170 -18.48 7.23 18.94
CA LEU A 1170 -19.83 6.79 18.60
C LEU A 1170 -20.93 7.44 19.41
N PRO A 1171 -20.85 7.55 20.75
CA PRO A 1171 -21.98 8.14 21.49
C PRO A 1171 -22.31 9.56 21.07
N VAL A 1172 -21.31 10.38 20.78
CA VAL A 1172 -21.58 11.74 20.32
C VAL A 1172 -22.23 11.72 18.95
N ILE A 1173 -21.82 10.79 18.10
CA ILE A 1173 -22.41 10.66 16.77
C ILE A 1173 -23.89 10.32 16.89
N ARG A 1174 -24.22 9.34 17.72
CA ARG A 1174 -25.59 8.88 17.82
C ARG A 1174 -26.48 9.77 18.69
N ALA A 1175 -25.88 10.65 19.48
CA ALA A 1175 -26.70 11.58 20.28
C ALA A 1175 -27.24 12.72 19.43
N PHE A 1176 -26.52 13.13 18.39
CA PHE A 1176 -26.92 14.24 17.53
C PHE A 1176 -27.73 13.79 16.33
N GLU A 1177 -27.89 12.48 16.11
CA GLU A 1177 -28.57 11.93 14.94
C GLU A 1177 -27.92 12.43 13.64
N HIS A 1178 -26.66 12.07 13.47
CA HIS A 1178 -25.84 12.52 12.35
C HIS A 1178 -25.14 11.34 11.68
N GLN A 1179 -25.91 10.29 11.37
CA GLN A 1179 -25.33 9.09 10.80
C GLN A 1179 -25.30 9.10 9.27
N GLN A 1180 -26.32 9.68 8.63
CA GLN A 1180 -26.37 9.68 7.18
C GLN A 1180 -25.18 10.43 6.57
N ARG A 1181 -24.80 11.55 7.18
CA ARG A 1181 -23.67 12.31 6.68
C ARG A 1181 -22.39 11.49 6.72
N PHE A 1182 -22.16 10.77 7.81
CA PHE A 1182 -20.94 9.96 7.90
C PHE A 1182 -20.97 8.80 6.93
N LEU A 1183 -22.14 8.19 6.72
CA LEU A 1183 -22.22 7.12 5.74
C LEU A 1183 -21.89 7.65 4.35
N LYS A 1184 -22.41 8.82 4.00
CA LYS A 1184 -22.09 9.41 2.70
C LYS A 1184 -20.60 9.72 2.57
N HIS A 1185 -20.00 10.24 3.64
CA HIS A 1185 -18.57 10.52 3.61
C HIS A 1185 -17.76 9.26 3.36
N ASN A 1186 -18.11 8.17 4.04
CA ASN A 1186 -17.39 6.93 3.84
C ASN A 1186 -17.57 6.42 2.42
N GLU A 1187 -18.77 6.56 1.87
CA GLU A 1187 -19.04 6.07 0.49
C GLU A 1187 -18.20 6.86 -0.52
N VAL A 1188 -18.06 8.18 -0.33
CA VAL A 1188 -17.22 8.99 -1.22
C VAL A 1188 -15.76 8.58 -1.09
N ARG A 1189 -15.30 8.40 0.15
CA ARG A 1189 -13.90 8.06 0.36
C ARG A 1189 -13.56 6.70 -0.22
N ILE A 1190 -14.52 5.77 -0.27
CA ILE A 1190 -14.26 4.45 -0.89
C ILE A 1190 -14.27 4.60 -2.42
N ASP A 1191 -15.15 5.43 -2.96
CA ASP A 1191 -15.27 5.58 -4.44
C ASP A 1191 -14.07 6.35 -4.99
N THR A 1192 -13.32 7.06 -4.15
CA THR A 1192 -12.10 7.71 -4.63
C THR A 1192 -10.97 6.70 -4.86
N ASN A 1193 -10.82 5.72 -3.96
CA ASN A 1193 -9.79 4.70 -4.14
C ASN A 1193 -10.20 3.64 -5.17
N GLN A 1194 -11.49 3.33 -5.23
CA GLN A 1194 -11.97 2.33 -6.21
C GLN A 1194 -11.75 2.87 -7.62
N LYS A 1195 -11.74 4.20 -7.79
CA LYS A 1195 -11.47 4.76 -9.11
C LYS A 1195 -10.00 4.61 -9.49
N CYS A 1196 -9.09 4.67 -8.51
CA CYS A 1196 -7.67 4.65 -8.81
C CYS A 1196 -7.11 3.24 -8.98
N VAL A 1197 -7.71 2.24 -8.32
CA VAL A 1197 -7.21 0.88 -8.48
C VAL A 1197 -7.40 0.37 -9.91
N PHE A 1198 -8.59 0.61 -10.46
CA PHE A 1198 -8.88 0.17 -11.82
C PHE A 1198 -7.92 0.77 -12.84
N SER A 1199 -7.39 1.96 -12.54
CA SER A 1199 -6.59 2.67 -13.53
C SER A 1199 -5.24 2.00 -13.77
N TRP A 1200 -4.82 1.14 -12.83
CA TRP A 1200 -3.57 0.37 -13.02
C TRP A 1200 -3.92 -1.08 -13.36
N ILE A 1201 -5.07 -1.57 -12.90
CA ILE A 1201 -5.52 -2.91 -13.29
C ILE A 1201 -5.69 -2.98 -14.81
N THR A 1202 -6.14 -1.89 -15.43
CA THR A 1202 -6.28 -1.87 -16.89
C THR A 1202 -4.94 -1.70 -17.60
N SER A 1203 -4.08 -0.85 -17.04
CA SER A 1203 -2.77 -0.54 -17.68
C SER A 1203 -1.95 -1.82 -17.88
N ASN A 1204 -1.94 -2.71 -16.88
CA ASN A 1204 -1.14 -3.95 -16.98
C ASN A 1204 -1.66 -4.76 -18.17
N ARG A 1205 -2.98 -4.80 -18.37
CA ARG A 1205 -3.57 -5.56 -19.49
C ARG A 1205 -3.19 -4.90 -20.82
N TRP A 1206 -3.11 -3.57 -20.86
CA TRP A 1206 -2.68 -2.84 -22.08
C TRP A 1206 -1.30 -3.36 -22.50
N LEU A 1207 -0.34 -3.36 -21.57
CA LEU A 1207 1.05 -3.78 -21.90
C LEU A 1207 1.02 -5.22 -22.44
N ALA A 1208 0.28 -6.12 -21.80
CA ALA A 1208 0.30 -7.54 -22.21
C ALA A 1208 -0.04 -7.67 -23.69
N ILE A 1209 -1.17 -7.12 -24.13
CA ILE A 1209 -1.60 -7.29 -25.54
C ILE A 1209 -0.47 -6.81 -26.46
N ARG A 1210 0.21 -5.72 -26.09
CA ARG A 1210 1.29 -5.15 -26.95
C ARG A 1210 2.51 -6.06 -26.94
N LEU A 1211 2.93 -6.54 -25.76
CA LEU A 1211 4.16 -7.37 -25.66
C LEU A 1211 3.86 -8.81 -26.09
N GLU A 1212 2.72 -9.38 -25.68
CA GLU A 1212 2.40 -10.74 -26.21
C GLU A 1212 2.29 -10.70 -27.74
N LEU A 1213 1.80 -9.60 -28.33
CA LEU A 1213 1.81 -9.51 -29.78
C LEU A 1213 3.24 -9.48 -30.32
N VAL A 1214 4.12 -8.71 -29.69
CA VAL A 1214 5.52 -8.68 -30.14
C VAL A 1214 6.16 -10.06 -30.03
N GLY A 1215 5.94 -10.73 -28.90
CA GLY A 1215 6.53 -12.04 -28.68
C GLY A 1215 6.00 -13.10 -29.62
N ASN A 1216 4.75 -13.00 -30.03
CA ASN A 1216 4.22 -13.96 -30.99
C ASN A 1216 4.72 -13.65 -32.40
N LEU A 1217 4.88 -12.36 -32.74
CA LEU A 1217 5.45 -12.02 -34.03
C LEU A 1217 6.87 -12.55 -34.16
N THR A 1218 7.65 -12.51 -33.09
CA THR A 1218 9.08 -12.91 -33.21
C THR A 1218 9.22 -14.43 -33.35
N VAL A 1219 8.14 -15.19 -33.13
CA VAL A 1219 8.22 -16.63 -33.34
C VAL A 1219 7.60 -16.98 -34.69
N PHE A 1220 6.58 -16.24 -35.11
CA PHE A 1220 6.00 -16.49 -36.46
C PHE A 1220 7.11 -16.37 -37.52
N PHE A 1221 7.85 -15.26 -37.50
CA PHE A 1221 8.89 -15.03 -38.54
C PHE A 1221 9.88 -16.20 -38.52
N SER A 1222 10.40 -16.54 -37.34
CA SER A 1222 11.37 -17.67 -37.24
C SER A 1222 10.85 -18.87 -38.01
N ALA A 1223 9.59 -19.26 -37.78
CA ALA A 1223 9.02 -20.47 -38.43
C ALA A 1223 9.10 -20.32 -39.94
N LEU A 1224 8.69 -19.17 -40.46
CA LEU A 1224 8.67 -18.97 -41.93
C LEU A 1224 10.11 -19.01 -42.46
N MET A 1225 11.05 -18.41 -41.73
CA MET A 1225 12.46 -18.33 -42.22
C MET A 1225 13.07 -19.73 -42.33
N MET A 1226 12.46 -20.71 -41.67
CA MET A 1226 13.01 -22.09 -41.68
C MET A 1226 12.21 -22.94 -42.68
N VAL A 1227 11.29 -22.33 -43.41
CA VAL A 1227 10.54 -23.06 -44.46
C VAL A 1227 11.11 -22.64 -45.82
N ILE A 1228 11.69 -21.43 -45.89
CA ILE A 1228 12.27 -20.92 -47.16
C ILE A 1228 13.73 -21.42 -47.28
N TYR A 1229 14.32 -21.83 -46.16
CA TYR A 1229 15.70 -22.38 -46.16
C TYR A 1229 15.64 -23.84 -45.69
N ARG A 1230 14.43 -24.42 -45.63
CA ARG A 1230 14.27 -25.81 -45.12
C ARG A 1230 15.10 -26.78 -45.99
N ASP A 1231 15.37 -26.40 -47.25
CA ASP A 1231 16.21 -27.24 -48.12
C ASP A 1231 17.53 -27.54 -47.41
N THR A 1232 18.04 -26.55 -46.65
CA THR A 1232 19.33 -26.72 -45.94
C THR A 1232 19.08 -26.97 -44.45
N LEU A 1233 17.84 -27.26 -44.05
CA LEU A 1233 17.54 -27.42 -42.60
C LEU A 1233 17.06 -28.84 -42.31
N SER A 1234 17.39 -29.37 -41.13
CA SER A 1234 16.94 -30.68 -40.72
C SER A 1234 15.77 -30.55 -39.75
N GLY A 1235 15.18 -31.70 -39.39
CA GLY A 1235 14.04 -31.68 -38.49
C GLY A 1235 14.39 -31.18 -37.10
N ASP A 1236 15.57 -31.59 -36.61
CA ASP A 1236 16.03 -31.19 -35.26
C ASP A 1236 16.34 -29.69 -35.22
N THR A 1237 16.96 -29.15 -36.26
CA THR A 1237 17.30 -27.70 -36.31
C THR A 1237 16.01 -26.88 -36.23
N VAL A 1238 14.89 -27.43 -36.73
CA VAL A 1238 13.58 -26.74 -36.63
C VAL A 1238 12.94 -27.12 -35.29
N GLY A 1239 13.69 -27.82 -34.45
CA GLY A 1239 13.17 -28.19 -33.11
C GLY A 1239 13.71 -27.27 -32.03
N PHE A 1240 15.03 -27.12 -31.93
CA PHE A 1240 15.62 -26.31 -30.84
C PHE A 1240 15.29 -24.83 -31.04
N VAL A 1241 15.09 -24.40 -32.29
CA VAL A 1241 14.73 -22.99 -32.57
C VAL A 1241 13.31 -22.70 -32.08
N LEU A 1242 12.34 -23.56 -32.40
CA LEU A 1242 10.92 -23.29 -32.03
C LEU A 1242 10.63 -23.72 -30.59
N SER A 1243 11.19 -24.83 -30.13
CA SER A 1243 10.86 -25.34 -28.77
C SER A 1243 11.16 -24.25 -27.73
N ASN A 1244 12.19 -23.44 -27.97
CA ASN A 1244 12.57 -22.36 -27.02
C ASN A 1244 11.78 -21.10 -27.34
N ALA A 1245 11.78 -20.65 -28.60
CA ALA A 1245 11.11 -19.38 -28.94
C ALA A 1245 9.63 -19.44 -28.55
N LEU A 1246 9.11 -20.63 -28.24
CA LEU A 1246 7.67 -20.75 -27.93
C LEU A 1246 7.39 -20.09 -26.57
N ASN A 1247 8.42 -19.86 -25.76
CA ASN A 1247 8.21 -19.30 -24.39
C ASN A 1247 8.94 -17.95 -24.27
N ILE A 1248 8.98 -17.18 -25.36
CA ILE A 1248 9.59 -15.85 -25.30
C ILE A 1248 8.55 -14.75 -25.18
N THR A 1249 7.27 -15.06 -25.37
CA THR A 1249 6.25 -14.02 -25.29
C THR A 1249 6.11 -13.48 -23.87
N GLN A 1250 5.96 -14.37 -22.88
CA GLN A 1250 5.76 -13.93 -21.51
C GLN A 1250 7.02 -13.41 -20.84
N THR A 1251 8.19 -13.85 -21.30
CA THR A 1251 9.42 -13.41 -20.65
C THR A 1251 9.64 -11.91 -20.83
N LEU A 1252 9.20 -11.35 -21.95
CA LEU A 1252 9.30 -9.90 -22.13
C LEU A 1252 8.46 -9.16 -21.10
N ASN A 1253 7.23 -9.62 -20.91
CA ASN A 1253 6.32 -8.98 -19.91
C ASN A 1253 7.00 -9.06 -18.55
N TRP A 1254 7.58 -10.21 -18.22
CA TRP A 1254 8.23 -10.38 -16.90
C TRP A 1254 9.39 -9.39 -16.78
N LEU A 1255 10.20 -9.25 -17.82
CA LEU A 1255 11.38 -8.34 -17.73
C LEU A 1255 10.90 -6.90 -17.52
N VAL A 1256 9.89 -6.47 -18.27
CA VAL A 1256 9.41 -5.06 -18.16
C VAL A 1256 8.85 -4.83 -16.75
N ARG A 1257 8.05 -5.78 -16.25
CA ARG A 1257 7.43 -5.64 -14.91
C ARG A 1257 8.54 -5.62 -13.85
N MET A 1258 9.54 -6.50 -13.98
CA MET A 1258 10.61 -6.62 -12.96
C MET A 1258 11.52 -5.38 -13.02
N THR A 1259 11.74 -4.83 -14.21
CA THR A 1259 12.60 -3.61 -14.35
C THR A 1259 11.79 -2.38 -13.96
N SER A 1260 10.49 -2.53 -13.74
CA SER A 1260 9.66 -1.38 -13.27
C SER A 1260 9.61 -1.41 -11.75
N GLU A 1261 10.12 -2.48 -11.14
CA GLU A 1261 10.17 -2.57 -9.66
C GLU A 1261 11.59 -2.20 -9.20
N ILE A 1262 12.63 -2.77 -9.81
CA ILE A 1262 14.03 -2.41 -9.43
C ILE A 1262 14.21 -0.89 -9.55
N GLU A 1263 13.64 -0.27 -10.59
CA GLU A 1263 13.77 1.16 -10.79
C GLU A 1263 13.06 1.93 -9.68
N THR A 1264 11.92 1.42 -9.22
CA THR A 1264 11.19 2.09 -8.12
C THR A 1264 11.89 1.86 -6.78
N ASN A 1265 12.58 0.73 -6.62
CA ASN A 1265 13.20 0.43 -5.32
C ASN A 1265 14.57 1.07 -5.12
N ILE A 1266 15.24 1.52 -6.18
CA ILE A 1266 16.62 2.08 -6.02
C ILE A 1266 16.54 3.42 -5.28
N VAL A 1267 15.33 3.94 -5.10
CA VAL A 1267 15.14 5.27 -4.41
C VAL A 1267 15.71 5.20 -3.00
N ALA A 1268 15.68 4.02 -2.38
CA ALA A 1268 16.22 3.85 -1.01
C ALA A 1268 17.69 4.29 -0.98
N VAL A 1269 18.53 3.67 -1.80
CA VAL A 1269 20.00 3.99 -1.76
C VAL A 1269 20.19 5.50 -1.92
N GLU A 1270 19.42 6.14 -2.81
CA GLU A 1270 19.65 7.58 -3.07
C GLU A 1270 19.49 8.39 -1.78
N ARG A 1271 18.38 8.18 -1.07
CA ARG A 1271 18.12 8.94 0.19
C ARG A 1271 19.30 8.70 1.14
N ILE A 1272 19.55 7.44 1.48
CA ILE A 1272 20.64 7.14 2.45
C ILE A 1272 21.89 7.94 2.05
N THR A 1273 22.24 7.92 0.76
CA THR A 1273 23.48 8.59 0.30
C THR A 1273 23.48 10.08 0.66
N GLU A 1274 22.35 10.77 0.46
CA GLU A 1274 22.31 12.24 0.72
C GLU A 1274 22.77 12.52 2.15
N TYR A 1275 22.27 11.77 3.13
CA TYR A 1275 22.60 12.05 4.55
C TYR A 1275 24.02 11.57 4.87
N THR A 1276 24.54 10.59 4.13
CA THR A 1276 25.94 10.16 4.36
C THR A 1276 26.90 11.29 3.94
N LYS A 1277 26.41 12.25 3.14
CA LYS A 1277 27.28 13.33 2.62
C LYS A 1277 26.84 14.68 3.20
N VAL A 1278 26.23 14.68 4.39
CA VAL A 1278 25.79 15.95 5.04
C VAL A 1278 27.02 16.67 5.60
N GLU A 1279 27.02 18.00 5.57
CA GLU A 1279 28.13 18.78 6.10
C GLU A 1279 28.43 18.37 7.54
N ASN A 1280 29.71 18.35 7.87
CA ASN A 1280 30.16 18.04 9.22
C ASN A 1280 30.66 19.30 9.91
N GLU A 1281 30.82 19.20 11.23
CA GLU A 1281 31.28 20.29 12.06
C GLU A 1281 32.78 20.14 12.30
N ALA A 1282 33.31 21.01 13.18
CA ALA A 1282 34.77 21.03 13.46
C ALA A 1282 35.24 19.68 13.99
N PRO A 1283 36.49 19.26 13.70
CA PRO A 1283 37.00 17.96 14.13
C PRO A 1283 36.94 17.81 15.65
N TRP A 1284 36.67 16.57 16.09
CA TRP A 1284 36.56 16.30 17.51
C TRP A 1284 37.89 16.51 18.23
N VAL A 1285 38.97 15.96 17.67
CA VAL A 1285 40.29 16.04 18.28
C VAL A 1285 41.28 16.55 17.25
N THR A 1286 42.05 17.56 17.62
CA THR A 1286 43.15 18.06 16.82
C THR A 1286 44.47 17.84 17.55
N ASP A 1287 45.57 18.18 16.87
CA ASP A 1287 46.89 18.01 17.46
C ASP A 1287 47.10 18.96 18.63
N LYS A 1288 46.51 20.15 18.58
CA LYS A 1288 46.67 21.13 19.65
C LYS A 1288 46.01 20.62 20.92
N ARG A 1289 46.84 20.22 21.88
CA ARG A 1289 46.37 19.73 23.17
C ARG A 1289 46.51 20.81 24.23
N PRO A 1290 45.61 20.86 25.21
CA PRO A 1290 45.70 21.89 26.24
C PRO A 1290 46.73 21.52 27.30
N PRO A 1291 47.19 22.48 28.08
CA PRO A 1291 48.06 22.14 29.20
C PRO A 1291 47.34 21.24 30.18
N PRO A 1292 48.07 20.37 30.87
CA PRO A 1292 47.43 19.45 31.82
C PRO A 1292 46.64 20.22 32.87
N ASP A 1293 45.43 19.72 33.17
CA ASP A 1293 44.46 20.43 34.01
C ASP A 1293 44.28 21.86 33.49
N TRP A 1294 43.84 21.94 32.24
CA TRP A 1294 43.63 23.26 31.58
C TRP A 1294 42.70 24.13 32.44
N PRO A 1295 41.47 23.72 32.82
CA PRO A 1295 40.60 24.64 33.58
C PRO A 1295 41.04 24.77 35.03
N SER A 1296 42.28 25.25 35.21
CA SER A 1296 42.81 25.42 36.57
C SER A 1296 42.03 26.46 37.34
N LYS A 1297 41.75 27.61 36.71
CA LYS A 1297 40.99 28.68 37.33
C LYS A 1297 39.85 29.09 36.41
N GLY A 1298 38.77 29.58 37.02
CA GLY A 1298 37.60 29.99 36.26
C GLY A 1298 37.72 31.39 35.68
N LYS A 1299 38.63 31.56 34.71
CA LYS A 1299 38.86 32.89 34.11
C LYS A 1299 38.33 32.91 32.67
N ILE A 1300 37.17 33.54 32.47
CA ILE A 1300 36.59 33.65 31.09
C ILE A 1300 36.62 35.13 30.67
N GLN A 1301 36.85 35.40 29.38
CA GLN A 1301 36.84 36.81 28.89
C GLN A 1301 36.28 36.83 27.47
N PHE A 1302 35.52 37.87 27.12
CA PHE A 1302 34.92 37.97 25.77
C PHE A 1302 35.50 39.20 25.06
N ASN A 1303 35.99 39.02 23.82
CA ASN A 1303 36.54 40.15 23.03
C ASN A 1303 35.63 40.42 21.83
N ASN A 1304 34.69 41.36 21.97
CA ASN A 1304 33.79 41.74 20.85
C ASN A 1304 33.25 40.47 20.19
N TYR A 1305 32.65 39.58 20.98
CA TYR A 1305 32.14 38.30 20.44
C TYR A 1305 30.84 38.54 19.65
N GLN A 1306 30.86 38.24 18.35
CA GLN A 1306 29.66 38.44 17.49
C GLN A 1306 29.34 37.12 16.78
N VAL A 1307 28.06 36.68 16.80
CA VAL A 1307 27.74 35.34 16.21
C VAL A 1307 26.38 35.38 15.50
N ARG A 1308 26.13 34.40 14.62
CA ARG A 1308 24.83 34.31 13.90
C ARG A 1308 24.46 32.82 13.82
N TYR A 1309 23.17 32.50 13.98
CA TYR A 1309 22.75 31.07 13.98
C TYR A 1309 22.96 30.44 12.61
N ARG A 1310 22.52 31.12 11.54
CA ARG A 1310 22.64 30.56 10.18
C ARG A 1310 23.15 31.65 9.23
N PRO A 1311 23.93 31.31 8.18
CA PRO A 1311 24.48 32.32 7.26
C PRO A 1311 23.44 33.26 6.67
N GLU A 1312 22.23 32.76 6.39
CA GLU A 1312 21.20 33.61 5.82
C GLU A 1312 20.57 34.52 6.87
N LEU A 1313 20.85 34.26 8.16
CA LEU A 1313 20.28 35.07 9.26
C LEU A 1313 21.32 36.06 9.79
N ASP A 1314 20.88 37.22 10.28
CA ASP A 1314 21.79 38.23 10.88
C ASP A 1314 22.47 37.90 12.22
N LEU A 1315 23.42 38.74 12.65
CA LEU A 1315 24.08 38.53 13.96
C LEU A 1315 23.02 38.60 15.07
N VAL A 1316 23.00 37.61 15.96
CA VAL A 1316 22.04 37.62 17.11
C VAL A 1316 22.72 38.31 18.30
N LEU A 1317 24.00 37.97 18.55
CA LEU A 1317 24.76 38.59 19.65
C LEU A 1317 25.89 39.43 19.05
N ARG A 1318 26.10 40.65 19.54
CA ARG A 1318 27.14 41.54 18.93
C ARG A 1318 27.79 42.40 20.02
N GLY A 1319 28.98 42.95 19.72
CA GLY A 1319 29.69 43.82 20.68
C GLY A 1319 29.58 43.32 22.11
N ILE A 1320 30.22 42.18 22.41
CA ILE A 1320 30.22 41.63 23.79
C ILE A 1320 31.63 41.72 24.37
N THR A 1321 31.80 42.51 25.44
CA THR A 1321 33.13 42.66 26.09
C THR A 1321 32.97 42.67 27.61
N CYS A 1322 33.16 41.52 28.23
CA CYS A 1322 33.01 41.40 29.71
C CYS A 1322 34.15 40.55 30.26
N ASP A 1323 34.38 40.65 31.57
CA ASP A 1323 35.43 39.90 32.24
C ASP A 1323 34.82 39.01 33.33
N ILE A 1324 35.29 37.78 33.42
CA ILE A 1324 34.81 36.80 34.39
C ILE A 1324 35.98 36.45 35.30
N GLY A 1325 35.79 36.64 36.61
CA GLY A 1325 36.82 36.31 37.58
C GLY A 1325 36.66 34.91 38.14
N SER A 1326 37.75 34.40 38.70
CA SER A 1326 37.75 33.07 39.27
C SER A 1326 36.95 33.04 40.58
N MET A 1327 36.30 31.90 40.83
CA MET A 1327 35.51 31.70 42.04
C MET A 1327 34.46 32.80 42.21
N GLU A 1328 33.82 33.16 41.12
CA GLU A 1328 32.87 34.26 41.08
C GLU A 1328 31.50 33.75 40.62
N LYS A 1329 30.44 34.27 41.23
CA LYS A 1329 29.08 33.91 40.89
C LYS A 1329 28.46 35.05 40.10
N ILE A 1330 27.96 34.75 38.90
CA ILE A 1330 27.43 35.83 38.01
C ILE A 1330 25.97 35.53 37.67
N GLY A 1331 25.13 36.57 37.63
CA GLY A 1331 23.71 36.39 37.25
C GLY A 1331 23.42 37.09 35.94
N VAL A 1332 23.07 36.34 34.89
CA VAL A 1332 22.71 36.95 33.59
C VAL A 1332 21.20 37.14 33.56
N VAL A 1333 20.73 38.37 33.31
CA VAL A 1333 19.27 38.66 33.32
C VAL A 1333 18.97 39.64 32.18
N GLY A 1334 17.77 39.54 31.58
CA GLY A 1334 17.45 40.41 30.48
C GLY A 1334 16.00 40.25 30.09
N ARG A 1335 15.64 40.89 28.97
CA ARG A 1335 14.29 40.86 28.45
C ARG A 1335 14.17 39.73 27.44
N THR A 1336 12.95 39.55 26.92
CA THR A 1336 12.71 38.53 25.90
C THR A 1336 13.41 38.90 24.60
N GLY A 1337 13.91 37.89 23.91
CA GLY A 1337 14.63 38.14 22.66
C GLY A 1337 15.90 38.94 22.85
N ALA A 1338 16.64 38.69 23.93
CA ALA A 1338 17.90 39.36 24.19
C ALA A 1338 19.10 38.45 24.01
N GLY A 1339 18.90 37.18 23.66
CA GLY A 1339 20.01 36.28 23.45
C GLY A 1339 20.67 35.79 24.72
N LYS A 1340 19.90 35.72 25.81
CA LYS A 1340 20.46 35.22 27.10
C LYS A 1340 20.90 33.77 26.92
N SER A 1341 20.03 32.92 26.38
CA SER A 1341 20.34 31.51 26.21
C SER A 1341 21.42 31.28 25.17
N SER A 1342 21.60 32.23 24.25
CA SER A 1342 22.66 32.12 23.22
C SER A 1342 24.03 32.12 23.90
N LEU A 1343 24.16 32.89 24.99
CA LEU A 1343 25.48 33.00 25.66
C LEU A 1343 25.97 31.60 26.04
N THR A 1344 25.10 30.77 26.62
CA THR A 1344 25.50 29.40 27.00
C THR A 1344 25.89 28.62 25.74
N ASN A 1345 25.04 28.66 24.71
CA ASN A 1345 25.30 27.90 23.47
C ASN A 1345 26.50 28.49 22.72
N CYS A 1346 27.19 29.46 23.32
CA CYS A 1346 28.40 30.06 22.67
C CYS A 1346 29.66 29.58 23.39
N LEU A 1347 29.52 29.09 24.62
CA LEU A 1347 30.71 28.66 25.43
C LEU A 1347 31.01 27.18 25.11
N PHE A 1348 30.00 26.43 24.67
CA PHE A 1348 30.20 25.00 24.31
C PHE A 1348 30.47 24.91 22.81
N ARG A 1349 30.78 26.05 22.18
CA ARG A 1349 31.12 26.06 20.73
C ARG A 1349 30.02 25.36 19.93
N ILE A 1350 28.77 25.41 20.42
CA ILE A 1350 27.65 24.82 19.65
C ILE A 1350 27.56 25.55 18.31
N LEU A 1351 27.76 26.87 18.33
CA LEU A 1351 27.78 27.67 17.07
C LEU A 1351 29.22 28.12 16.79
N GLU A 1352 29.42 28.96 15.77
CA GLU A 1352 30.79 29.40 15.39
C GLU A 1352 31.10 30.75 16.06
N ALA A 1353 32.02 31.53 15.47
CA ALA A 1353 32.36 32.87 16.01
C ALA A 1353 32.45 33.86 14.85
N ALA A 1354 31.32 34.41 14.40
CA ALA A 1354 31.32 35.34 13.26
C ALA A 1354 32.29 36.48 13.56
N GLY A 1355 32.34 36.95 14.80
CA GLY A 1355 33.28 38.01 15.20
C GLY A 1355 33.78 37.80 16.62
N GLY A 1356 35.01 38.23 16.91
CA GLY A 1356 35.55 38.14 18.28
C GLY A 1356 35.97 36.74 18.66
N GLN A 1357 36.31 36.53 19.95
CA GLN A 1357 36.79 35.21 20.41
C GLN A 1357 36.46 35.02 21.89
N ILE A 1358 36.61 33.80 22.40
CA ILE A 1358 36.39 33.53 23.86
C ILE A 1358 37.67 32.92 24.42
N ILE A 1359 38.25 33.54 25.45
CA ILE A 1359 39.55 33.06 25.99
C ILE A 1359 39.35 32.56 27.44
N ILE A 1360 39.73 31.30 27.70
CA ILE A 1360 39.61 30.75 29.09
C ILE A 1360 40.97 30.17 29.47
N ASP A 1361 41.48 30.53 30.65
CA ASP A 1361 42.81 30.02 31.12
C ASP A 1361 43.90 30.38 30.11
N GLY A 1362 43.72 31.50 29.40
CA GLY A 1362 44.74 31.96 28.43
C GLY A 1362 44.69 31.17 27.14
N VAL A 1363 43.71 30.27 27.00
CA VAL A 1363 43.62 29.41 25.78
C VAL A 1363 42.31 29.71 25.05
N ASP A 1364 42.38 30.18 23.80
CA ASP A 1364 41.15 30.42 23.02
C ASP A 1364 40.44 29.08 22.78
N ILE A 1365 39.11 29.07 22.91
CA ILE A 1365 38.35 27.80 22.77
C ILE A 1365 38.57 27.23 21.37
N ALA A 1366 38.81 28.08 20.38
CA ALA A 1366 38.95 27.60 18.97
C ALA A 1366 40.12 26.61 18.86
N SER A 1367 41.28 26.96 19.42
CA SER A 1367 42.48 26.10 19.28
C SER A 1367 42.19 24.71 19.87
N ILE A 1368 41.61 24.67 21.07
CA ILE A 1368 41.35 23.36 21.74
C ILE A 1368 40.34 22.56 20.91
N GLY A 1369 40.52 21.24 20.83
CA GLY A 1369 39.59 20.40 20.10
C GLY A 1369 38.21 20.39 20.71
N LEU A 1370 37.24 19.97 19.89
CA LEU A 1370 35.84 20.01 20.30
C LEU A 1370 35.59 19.10 21.49
N HIS A 1371 35.83 17.80 21.34
CA HIS A 1371 35.61 16.87 22.43
C HIS A 1371 36.62 17.05 23.55
N ASP A 1372 37.66 17.85 23.33
CA ASP A 1372 38.63 18.14 24.38
C ASP A 1372 38.20 19.29 25.28
N LEU A 1373 37.16 20.02 24.88
CA LEU A 1373 36.72 21.20 25.67
C LEU A 1373 35.51 20.83 26.52
N ARG A 1374 34.48 20.25 25.89
CA ARG A 1374 33.23 19.94 26.63
C ARG A 1374 33.50 19.07 27.87
N GLU A 1375 34.40 18.09 27.78
CA GLU A 1375 34.60 17.21 28.92
C GLU A 1375 34.77 18.00 30.21
N LYS A 1376 35.55 19.08 30.17
CA LYS A 1376 35.90 19.84 31.36
C LYS A 1376 34.90 20.95 31.68
N LEU A 1377 33.67 20.82 31.19
CA LEU A 1377 32.62 21.80 31.46
C LEU A 1377 31.35 21.07 31.87
N THR A 1378 30.58 21.70 32.74
CA THR A 1378 29.35 21.12 33.27
C THR A 1378 28.20 22.09 33.06
N ILE A 1379 27.01 21.55 32.77
CA ILE A 1379 25.82 22.42 32.54
C ILE A 1379 24.56 21.66 32.98
N ILE A 1380 23.66 22.32 33.70
CA ILE A 1380 22.37 21.67 34.10
C ILE A 1380 21.38 21.85 32.94
N PRO A 1381 20.84 20.75 32.37
CA PRO A 1381 19.94 20.85 31.22
C PRO A 1381 18.68 21.67 31.57
N GLN A 1382 18.17 22.43 30.59
CA GLN A 1382 16.96 23.25 30.80
C GLN A 1382 15.78 22.32 31.10
N ASP A 1383 15.57 21.30 30.25
CA ASP A 1383 14.48 20.32 30.50
C ASP A 1383 15.11 18.97 30.82
N PRO A 1384 15.22 18.58 32.11
CA PRO A 1384 15.87 17.33 32.47
C PRO A 1384 15.38 16.17 31.60
N ILE A 1385 16.30 15.53 30.86
CA ILE A 1385 15.90 14.35 30.04
C ILE A 1385 16.61 13.11 30.58
N LEU A 1386 15.87 11.98 30.65
CA LEU A 1386 16.46 10.72 31.14
C LEU A 1386 16.39 9.69 30.02
N PHE A 1387 17.53 9.10 29.65
CA PHE A 1387 17.54 8.05 28.59
C PHE A 1387 17.05 6.73 29.18
N SER A 1388 16.77 5.75 28.32
CA SER A 1388 16.32 4.42 28.79
C SER A 1388 17.51 3.63 29.32
N GLY A 1389 17.28 2.39 29.72
CA GLY A 1389 18.34 1.55 30.25
C GLY A 1389 18.30 1.44 31.76
N SER A 1390 19.47 1.40 32.39
CA SER A 1390 19.59 1.28 33.82
C SER A 1390 19.95 2.62 34.44
N LEU A 1391 19.93 2.66 35.77
CA LEU A 1391 20.28 3.89 36.48
C LEU A 1391 21.76 4.21 36.34
N ARG A 1392 22.61 3.20 36.17
CA ARG A 1392 24.03 3.45 35.94
C ARG A 1392 24.25 4.12 34.59
N MET A 1393 23.50 3.71 33.56
CA MET A 1393 23.70 4.27 32.23
C MET A 1393 23.36 5.76 32.20
N ASN A 1394 22.26 6.16 32.84
CA ASN A 1394 21.91 7.58 32.87
C ASN A 1394 22.94 8.39 33.64
N LEU A 1395 23.43 7.87 34.76
CA LEU A 1395 24.37 8.62 35.58
C LEU A 1395 25.77 8.59 35.01
N ASP A 1396 26.16 7.49 34.36
CA ASP A 1396 27.53 7.36 33.82
C ASP A 1396 27.53 6.31 32.73
N PRO A 1397 27.25 6.70 31.48
CA PRO A 1397 27.32 5.72 30.39
C PRO A 1397 28.70 5.16 30.17
N PHE A 1398 29.75 5.92 30.49
CA PHE A 1398 31.12 5.54 30.19
C PHE A 1398 31.74 4.64 31.26
N ASN A 1399 30.95 4.20 32.23
CA ASN A 1399 31.45 3.29 33.31
C ASN A 1399 32.89 3.64 33.68
N ASN A 1400 33.18 4.91 33.93
CA ASN A 1400 34.50 5.32 34.37
C ASN A 1400 34.61 5.32 35.89
N TYR A 1401 33.56 5.74 36.57
CA TYR A 1401 33.54 5.85 38.03
C TYR A 1401 33.34 4.47 38.63
N SER A 1402 33.37 4.42 39.96
CA SER A 1402 33.09 3.19 40.68
C SER A 1402 31.80 3.48 41.45
N ASP A 1403 31.21 2.40 41.98
CA ASP A 1403 29.94 2.55 42.69
C ASP A 1403 30.10 3.33 44.00
N GLU A 1404 31.27 3.25 44.62
CA GLU A 1404 31.47 3.91 45.91
C GLU A 1404 31.32 5.43 45.78
N GLU A 1405 32.03 6.03 44.83
CA GLU A 1405 31.91 7.48 44.64
C GLU A 1405 30.52 7.86 44.14
N ILE A 1406 29.88 6.99 43.36
CA ILE A 1406 28.50 7.22 42.95
C ILE A 1406 27.59 7.23 44.17
N TRP A 1407 27.77 6.27 45.08
CA TRP A 1407 26.91 6.17 46.25
C TRP A 1407 27.00 7.41 47.12
N LYS A 1408 28.12 8.13 47.07
CA LYS A 1408 28.23 9.39 47.78
C LYS A 1408 27.38 10.48 47.11
N ALA A 1409 27.26 10.42 45.78
CA ALA A 1409 26.59 11.49 45.05
C ALA A 1409 25.11 11.58 45.44
N LEU A 1410 24.41 10.44 45.47
CA LEU A 1410 23.00 10.48 45.84
C LEU A 1410 22.82 10.91 47.29
N GLU A 1411 23.80 10.63 48.14
CA GLU A 1411 23.77 11.13 49.51
C GLU A 1411 23.79 12.66 49.54
N LEU A 1412 24.65 13.26 48.70
CA LEU A 1412 24.67 14.71 48.60
C LEU A 1412 23.42 15.25 47.93
N ALA A 1413 22.82 14.48 47.03
CA ALA A 1413 21.64 14.91 46.31
C ALA A 1413 20.34 14.63 47.05
N HIS A 1414 20.41 14.06 48.25
CA HIS A 1414 19.22 13.69 49.03
C HIS A 1414 18.33 12.74 48.23
N LEU A 1415 18.94 11.82 47.51
CA LEU A 1415 18.22 10.82 46.74
C LEU A 1415 18.61 9.39 47.11
N LYS A 1416 19.52 9.21 48.08
CA LYS A 1416 19.95 7.86 48.44
C LYS A 1416 18.83 7.06 49.08
N SER A 1417 17.83 7.74 49.68
CA SER A 1417 16.72 7.02 50.29
C SER A 1417 15.89 6.28 49.25
N PHE A 1418 15.59 6.94 48.12
CA PHE A 1418 14.82 6.31 47.07
C PHE A 1418 15.59 5.18 46.40
N VAL A 1419 16.89 5.39 46.16
CA VAL A 1419 17.65 4.45 45.35
C VAL A 1419 18.09 3.24 46.18
N ALA A 1420 18.31 3.44 47.48
CA ALA A 1420 18.73 2.32 48.32
C ALA A 1420 17.61 1.32 48.53
N SER A 1421 16.39 1.82 48.75
CA SER A 1421 15.23 0.98 49.01
C SER A 1421 14.52 0.55 47.74
N LEU A 1422 15.07 0.86 46.56
CA LEU A 1422 14.44 0.48 45.30
C LEU A 1422 14.48 -1.03 45.12
N GLN A 1423 13.89 -1.50 44.02
CA GLN A 1423 13.90 -2.92 43.72
C GLN A 1423 15.32 -3.45 43.59
N LEU A 1424 16.19 -2.69 42.96
CA LEU A 1424 17.61 -2.98 42.85
C LEU A 1424 18.39 -1.77 43.38
N GLY A 1425 19.70 -1.79 43.19
CA GLY A 1425 20.52 -0.66 43.58
C GLY A 1425 20.74 0.29 42.42
N LEU A 1426 21.94 0.28 41.85
CA LEU A 1426 22.23 1.06 40.66
C LEU A 1426 21.86 0.33 39.37
N SER A 1427 21.34 -0.90 39.48
CA SER A 1427 20.99 -1.70 38.30
C SER A 1427 19.51 -1.66 37.98
N HIS A 1428 18.74 -0.79 38.64
CA HIS A 1428 17.31 -0.69 38.35
C HIS A 1428 17.10 -0.11 36.97
N GLU A 1429 16.12 -0.67 36.24
CA GLU A 1429 15.82 -0.19 34.90
C GLU A 1429 14.91 1.03 34.96
N VAL A 1430 14.87 1.76 33.85
CA VAL A 1430 14.01 2.93 33.70
C VAL A 1430 13.25 2.81 32.39
N THR A 1431 12.00 3.27 32.40
CA THR A 1431 11.18 3.22 31.16
C THR A 1431 11.49 4.45 30.31
N GLU A 1432 10.61 4.78 29.36
CA GLU A 1432 10.86 5.93 28.45
C GLU A 1432 10.98 7.23 29.25
N ALA A 1433 12.01 8.02 28.98
CA ALA A 1433 12.17 9.33 29.67
C ALA A 1433 11.87 9.18 31.15
N GLY A 1434 12.35 8.09 31.77
CA GLY A 1434 12.11 7.88 33.18
C GLY A 1434 10.64 7.86 33.55
N GLY A 1435 9.81 7.20 32.73
CA GLY A 1435 8.39 7.14 33.02
C GLY A 1435 8.08 6.43 34.33
N ASN A 1436 8.85 5.40 34.67
CA ASN A 1436 8.66 4.71 35.94
C ASN A 1436 8.88 5.65 37.11
N LEU A 1437 9.93 6.46 37.04
CA LEU A 1437 10.18 7.46 38.08
C LEU A 1437 9.16 8.58 37.99
N SER A 1438 8.88 9.19 39.14
CA SER A 1438 7.96 10.32 39.18
C SER A 1438 8.70 11.62 38.90
N ILE A 1439 7.92 12.68 38.68
CA ILE A 1439 8.49 13.96 38.24
C ILE A 1439 9.45 14.52 39.27
N GLY A 1440 9.18 14.27 40.56
CA GLY A 1440 9.98 14.88 41.61
C GLY A 1440 11.45 14.52 41.51
N GLN A 1441 11.76 13.27 41.21
CA GLN A 1441 13.15 12.84 41.15
C GLN A 1441 13.77 13.02 39.76
N ARG A 1442 12.97 13.17 38.71
CA ARG A 1442 13.51 13.36 37.38
C ARG A 1442 14.36 14.62 37.31
N GLN A 1443 13.80 15.73 37.81
CA GLN A 1443 14.57 16.99 37.86
C GLN A 1443 15.71 16.83 38.87
N LEU A 1444 15.45 16.11 39.96
CA LEU A 1444 16.47 15.96 41.02
C LEU A 1444 17.65 15.13 40.50
N LEU A 1445 17.37 14.09 39.70
CA LEU A 1445 18.45 13.20 39.26
C LEU A 1445 19.46 13.95 38.41
N CYS A 1446 18.97 14.81 37.51
CA CYS A 1446 19.88 15.55 36.61
C CYS A 1446 20.81 16.44 37.45
N LEU A 1447 20.36 16.85 38.63
CA LEU A 1447 21.26 17.63 39.52
C LEU A 1447 22.43 16.73 39.91
N GLY A 1448 22.11 15.50 40.33
CA GLY A 1448 23.16 14.57 40.71
C GLY A 1448 24.06 14.18 39.56
N ARG A 1449 23.50 14.12 38.36
CA ARG A 1449 24.29 13.76 37.15
C ARG A 1449 25.46 14.74 37.02
N ALA A 1450 25.16 16.05 37.07
CA ALA A 1450 26.21 17.05 36.94
C ALA A 1450 27.14 17.09 38.15
N LEU A 1451 26.68 16.59 39.31
CA LEU A 1451 27.49 16.64 40.52
C LEU A 1451 28.70 15.72 40.42
N LEU A 1452 28.54 14.57 39.77
CA LEU A 1452 29.62 13.58 39.73
C LEU A 1452 30.85 14.11 39.02
N ARG A 1453 30.66 14.87 37.94
CA ARG A 1453 31.79 15.33 37.14
C ARG A 1453 32.70 16.28 37.92
N LYS A 1454 32.17 16.98 38.92
CA LYS A 1454 32.90 17.94 39.75
C LYS A 1454 33.92 18.74 38.94
N SER A 1455 33.42 19.41 37.91
CA SER A 1455 34.26 20.21 37.04
C SER A 1455 34.61 21.53 37.73
N LYS A 1456 35.27 22.43 37.01
CA LYS A 1456 35.70 23.71 37.57
C LYS A 1456 34.76 24.85 37.23
N ILE A 1457 34.26 24.86 35.99
CA ILE A 1457 33.33 25.96 35.55
C ILE A 1457 31.94 25.35 35.36
N LEU A 1458 30.96 25.87 36.09
CA LEU A 1458 29.57 25.34 36.01
C LEU A 1458 28.64 26.41 35.41
N VAL A 1459 27.94 26.07 34.33
CA VAL A 1459 26.97 27.01 33.70
C VAL A 1459 25.56 26.58 34.09
N LEU A 1460 24.95 27.26 35.06
CA LEU A 1460 23.58 26.91 35.50
C LEU A 1460 22.55 27.56 34.56
N ASP A 1461 21.28 27.14 34.67
CA ASP A 1461 20.20 27.74 33.82
C ASP A 1461 18.94 27.74 34.68
N GLU A 1462 17.88 28.41 34.20
CA GLU A 1462 16.59 28.44 34.95
C GLU A 1462 15.87 27.11 34.71
N ALA A 1463 16.07 26.14 35.61
CA ALA A 1463 15.47 24.80 35.40
C ALA A 1463 14.79 24.33 36.69
N THR A 1464 14.64 25.23 37.68
CA THR A 1464 13.99 24.87 38.97
C THR A 1464 12.54 25.36 38.94
N ALA A 1465 12.02 25.72 37.76
CA ALA A 1465 10.65 26.26 37.65
C ALA A 1465 9.62 25.23 38.13
N ALA A 1466 9.76 23.97 37.71
CA ALA A 1466 8.74 22.94 38.06
C ALA A 1466 9.15 22.21 39.35
N VAL A 1467 10.31 22.56 39.90
CA VAL A 1467 10.78 21.92 41.17
C VAL A 1467 9.91 22.44 42.33
N ASP A 1468 9.44 21.55 43.19
CA ASP A 1468 8.52 21.96 44.30
C ASP A 1468 9.27 22.85 45.31
N LEU A 1469 8.55 23.72 46.01
CA LEU A 1469 9.19 24.68 46.96
C LEU A 1469 10.28 23.97 47.78
N GLU A 1470 9.90 23.00 48.61
CA GLU A 1470 10.88 22.34 49.51
C GLU A 1470 12.07 21.85 48.68
N THR A 1471 11.80 21.06 47.63
CA THR A 1471 12.89 20.54 46.76
C THR A 1471 13.68 21.72 46.19
N ASP A 1472 12.99 22.72 45.63
CA ASP A 1472 13.67 23.92 45.09
C ASP A 1472 14.68 24.40 46.13
N ASN A 1473 14.19 24.71 47.34
CA ASN A 1473 15.08 25.22 48.41
C ASN A 1473 16.30 24.30 48.51
N LEU A 1474 16.07 22.99 48.66
CA LEU A 1474 17.19 22.01 48.76
C LEU A 1474 18.14 22.23 47.58
N ILE A 1475 17.60 22.26 46.36
CA ILE A 1475 18.46 22.45 45.16
C ILE A 1475 19.27 23.74 45.34
N GLN A 1476 18.58 24.84 45.68
CA GLN A 1476 19.27 26.16 45.79
C GLN A 1476 20.42 26.05 46.80
N THR A 1477 20.14 25.58 48.01
CA THR A 1477 21.20 25.54 49.06
C THR A 1477 22.29 24.56 48.61
N THR A 1478 21.89 23.41 48.06
CA THR A 1478 22.89 22.39 47.63
C THR A 1478 23.94 23.08 46.76
N ILE A 1479 23.49 23.87 45.78
CA ILE A 1479 24.43 24.61 44.90
C ILE A 1479 25.43 25.35 45.78
N GLN A 1480 24.96 26.07 46.80
CA GLN A 1480 25.87 26.88 47.59
C GLN A 1480 26.82 26.02 48.43
N ASN A 1481 26.30 24.97 49.07
CA ASN A 1481 27.13 24.16 49.96
C ASN A 1481 28.21 23.41 49.18
N GLU A 1482 27.85 22.86 48.02
CA GLU A 1482 28.80 22.06 47.24
C GLU A 1482 29.69 22.92 46.36
N PHE A 1483 29.10 23.70 45.47
CA PHE A 1483 29.87 24.55 44.55
C PHE A 1483 30.27 25.82 45.27
N ALA A 1484 31.47 25.82 45.83
CA ALA A 1484 32.06 27.00 46.43
C ALA A 1484 33.41 27.35 45.81
N HIS A 1485 34.23 26.34 45.50
CA HIS A 1485 35.51 26.54 44.84
C HIS A 1485 35.39 26.43 43.33
N CYS A 1486 34.44 27.17 42.75
CA CYS A 1486 34.15 27.06 41.33
C CYS A 1486 33.53 28.37 40.86
N THR A 1487 33.47 28.52 39.54
CA THR A 1487 32.83 29.66 38.90
C THR A 1487 31.45 29.24 38.43
N VAL A 1488 30.43 30.03 38.78
CA VAL A 1488 29.02 29.66 38.41
C VAL A 1488 28.37 30.81 37.64
N ILE A 1489 27.94 30.56 36.41
CA ILE A 1489 27.20 31.60 35.62
C ILE A 1489 25.76 31.10 35.47
N THR A 1490 24.77 31.88 35.92
CA THR A 1490 23.37 31.38 35.90
C THR A 1490 22.45 32.30 35.09
N ILE A 1491 21.78 31.75 34.06
CA ILE A 1491 20.77 32.55 33.31
C ILE A 1491 19.43 32.26 33.98
N ALA A 1492 18.78 33.27 34.55
CA ALA A 1492 17.54 32.98 35.32
C ALA A 1492 16.44 34.03 35.06
N HIS A 1493 15.25 33.80 35.62
CA HIS A 1493 14.11 34.74 35.45
C HIS A 1493 13.59 35.14 36.83
N ARG A 1494 14.01 34.42 37.88
CA ARG A 1494 13.63 34.77 39.27
C ARG A 1494 14.51 35.93 39.74
N LEU A 1495 14.18 37.16 39.35
CA LEU A 1495 15.00 38.33 39.72
C LEU A 1495 15.31 38.29 41.22
N HIS A 1496 14.34 37.87 42.02
CA HIS A 1496 14.54 37.78 43.50
C HIS A 1496 15.71 36.84 43.78
N THR A 1497 15.70 35.66 43.15
CA THR A 1497 16.77 34.66 43.38
C THR A 1497 18.12 35.31 43.07
N ILE A 1498 18.17 36.11 42.00
CA ILE A 1498 19.43 36.80 41.61
C ILE A 1498 19.71 37.92 42.61
N MET A 1499 20.39 37.61 43.73
CA MET A 1499 20.75 38.65 44.66
C MET A 1499 22.18 38.59 45.14
N ASP A 1500 22.83 37.42 45.11
CA ASP A 1500 24.16 37.24 45.66
C ASP A 1500 25.25 37.25 44.59
N SER A 1501 24.91 37.52 43.33
CA SER A 1501 25.91 37.54 42.28
C SER A 1501 26.90 38.67 42.50
N ASP A 1502 28.19 38.36 42.32
CA ASP A 1502 29.22 39.39 42.47
C ASP A 1502 29.07 40.47 41.41
N LYS A 1503 28.76 40.05 40.18
CA LYS A 1503 28.53 41.03 39.08
C LYS A 1503 27.27 40.60 38.33
N VAL A 1504 26.33 41.52 38.11
CA VAL A 1504 25.08 41.21 37.35
C VAL A 1504 25.22 41.79 35.95
N MET A 1505 25.15 40.95 34.91
CA MET A 1505 25.28 41.42 33.51
C MET A 1505 23.87 41.58 32.92
N VAL A 1506 23.64 42.67 32.17
CA VAL A 1506 22.29 42.93 31.61
C VAL A 1506 22.39 42.96 30.08
N LEU A 1507 21.52 42.21 29.39
CA LEU A 1507 21.50 42.22 27.90
C LEU A 1507 20.18 42.85 27.45
N ASP A 1508 20.24 43.73 26.45
CA ASP A 1508 19.01 44.42 25.95
C ASP A 1508 18.50 43.69 24.69
N ASN A 1509 19.21 43.82 23.58
CA ASN A 1509 18.83 43.15 22.31
C ASN A 1509 20.10 42.52 21.71
N GLY A 1510 21.05 42.13 22.57
CA GLY A 1510 22.31 41.56 22.09
C GLY A 1510 23.49 42.47 22.38
N LYS A 1511 23.37 43.31 23.41
CA LYS A 1511 24.48 44.23 23.79
C LYS A 1511 24.60 44.29 25.31
N ILE A 1512 25.81 44.12 25.85
CA ILE A 1512 26.02 44.23 27.31
C ILE A 1512 25.66 45.65 27.74
N ILE A 1513 24.89 45.80 28.82
CA ILE A 1513 24.42 47.15 29.26
C ILE A 1513 24.99 47.46 30.65
N GLU A 1514 24.45 46.83 31.68
CA GLU A 1514 24.90 47.13 33.07
C GLU A 1514 25.75 45.98 33.62
N CYS A 1515 26.94 46.30 34.16
CA CYS A 1515 27.76 45.24 34.79
C CYS A 1515 28.22 45.76 36.16
N GLY A 1516 27.54 45.33 37.24
CA GLY A 1516 27.87 45.82 38.56
C GLY A 1516 27.22 44.96 39.62
N SER A 1517 27.57 45.25 40.87
CA SER A 1517 27.00 44.52 41.98
C SER A 1517 25.51 44.84 42.11
N PRO A 1518 24.70 43.89 42.58
CA PRO A 1518 23.26 44.16 42.71
C PRO A 1518 22.95 45.32 43.65
N GLU A 1519 23.74 45.48 44.71
CA GLU A 1519 23.55 46.62 45.60
C GLU A 1519 23.80 47.93 44.88
N GLU A 1520 24.88 47.99 44.08
CA GLU A 1520 25.14 49.19 43.28
C GLU A 1520 24.06 49.40 42.23
N LEU A 1521 23.61 48.32 41.59
CA LEU A 1521 22.58 48.45 40.56
C LEU A 1521 21.28 48.99 41.13
N LEU A 1522 20.98 48.69 42.39
CA LEU A 1522 19.78 49.20 43.04
C LEU A 1522 20.00 50.55 43.70
N GLN A 1523 21.22 50.81 44.18
CA GLN A 1523 21.51 52.11 44.80
C GLN A 1523 21.37 53.23 43.78
N ILE A 1524 21.93 53.04 42.59
CA ILE A 1524 21.86 54.03 41.52
C ILE A 1524 20.71 53.65 40.60
N PRO A 1525 19.73 54.52 40.39
CA PRO A 1525 18.61 54.18 39.49
C PRO A 1525 19.09 53.88 38.09
N GLY A 1526 18.44 52.90 37.45
CA GLY A 1526 18.79 52.48 36.12
C GLY A 1526 17.84 51.42 35.60
N PRO A 1527 18.15 50.87 34.42
CA PRO A 1527 17.28 49.81 33.87
C PRO A 1527 17.14 48.60 34.79
N PHE A 1528 18.23 48.21 35.46
CA PHE A 1528 18.13 47.11 36.42
C PHE A 1528 17.26 47.51 37.62
N TYR A 1529 17.44 48.73 38.13
CA TYR A 1529 16.62 49.21 39.23
C TYR A 1529 15.17 49.34 38.81
N PHE A 1530 14.91 49.78 37.58
CA PHE A 1530 13.54 49.85 37.07
C PHE A 1530 12.93 48.46 37.01
N MET A 1531 13.70 47.47 36.55
CA MET A 1531 13.20 46.10 36.53
C MET A 1531 12.92 45.59 37.94
N ALA A 1532 13.81 45.88 38.87
CA ALA A 1532 13.57 45.48 40.26
C ALA A 1532 12.37 46.21 40.85
N LYS A 1533 12.22 47.50 40.50
CA LYS A 1533 11.04 48.24 40.93
C LYS A 1533 9.78 47.62 40.37
N GLU A 1534 9.81 47.23 39.09
CA GLU A 1534 8.68 46.51 38.51
C GLU A 1534 8.50 45.15 39.18
N ALA A 1535 9.60 44.45 39.43
CA ALA A 1535 9.52 43.16 40.10
C ALA A 1535 9.10 43.31 41.55
N GLY A 1536 9.58 44.36 42.23
CA GLY A 1536 9.23 44.58 43.61
C GLY A 1536 9.91 43.66 44.60
N ILE A 1537 11.09 43.13 44.25
CA ILE A 1537 11.81 42.26 45.17
C ILE A 1537 12.21 43.02 46.43
N GLU A 1538 12.71 44.24 46.27
CA GLU A 1538 13.12 45.06 47.40
C GLU A 1538 12.44 46.42 47.38
C39 UNL B . -6.24 -10.22 -61.93
C3A UNL B . -7.14 -9.19 -61.28
C3B UNL B . -6.74 -8.85 -59.85
C3C UNL B . -7.60 -7.74 -59.24
C3D UNL B . -7.26 -7.45 -57.79
C3E UNL B . -8.14 -6.36 -57.18
C3F UNL B . -8.00 -6.24 -55.67
C33 UNL C . -9.68 -12.87 -34.07
C34 UNL C . -10.77 -13.40 -33.14
C35 UNL C . -10.60 -12.97 -31.69
C36 UNL C . -11.70 -13.51 -30.78
C37 UNL C . -11.53 -13.10 -29.33
C38 UNL C . -12.72 -13.50 -28.46
C39 UNL C . -12.62 -13.01 -27.02
C3A UNL C . -13.92 -13.16 -26.25
C37 UNL D . -3.36 -33.45 -36.41
C38 UNL D . -3.17 -31.95 -36.30
C39 UNL D . -4.26 -31.25 -35.50
C3A UNL D . -4.15 -29.73 -35.57
C3B UNL D . -5.43 -29.00 -35.15
C3C UNL D . -5.55 -27.64 -35.80
C3D UNL D . -6.55 -26.70 -35.15
C3E UNL D . -6.27 -25.24 -35.49
C3F UNL D . -7.32 -24.27 -34.95
C3G UNL D . -6.95 -22.82 -35.20
C3H UNL D . -8.12 -21.85 -35.04
C33 UNL E . 12.91 -9.10 -29.09
C34 UNL E . 13.78 -7.93 -28.68
C35 UNL E . 14.44 -8.11 -27.31
C36 UNL E . 15.35 -6.95 -26.94
C37 UNL E . 15.87 -7.02 -25.51
C38 UNL E . 16.58 -5.75 -25.08
C39 UNL E . 16.73 -5.61 -23.57
C3A UNL E . 17.28 -4.24 -23.16
C3B UNL E . 17.29 -4.01 -21.67
C3C UNL E . 17.78 -2.62 -21.28
C1 CLR F . 18.95 0.33 -17.84
C2 CLR F . 18.04 1.40 -18.45
C3 CLR F . 16.60 1.17 -18.04
C4 CLR F . 16.49 1.15 -16.53
C5 CLR F . 17.42 0.15 -15.90
C6 CLR F . 16.95 -0.73 -15.03
C7 CLR F . 17.77 -1.79 -14.36
C8 CLR F . 19.27 -1.54 -14.47
C9 CLR F . 19.62 -1.08 -15.88
C10 CLR F . 18.88 0.22 -16.31
C11 CLR F . 21.14 -1.01 -16.05
C12 CLR F . 21.86 -2.31 -15.68
C13 CLR F . 21.54 -2.76 -14.25
C14 CLR F . 20.01 -2.83 -14.16
C15 CLR F . 19.76 -3.50 -12.81
C16 CLR F . 20.84 -4.58 -12.77
C17 CLR F . 21.87 -4.24 -13.88
C18 CLR F . 22.15 -1.80 -13.23
C19 CLR F . 19.50 1.47 -15.67
C20 CLR F . 23.28 -4.65 -13.42
C21 CLR F . 24.39 -4.43 -14.45
C22 CLR F . 23.24 -6.14 -13.02
C23 CLR F . 23.75 -6.48 -11.63
C24 CLR F . 23.66 -7.96 -11.34
C25 CLR F . 23.69 -8.35 -9.85
C26 CLR F . 23.88 -9.85 -9.70
C27 CLR F . 24.78 -7.60 -9.10
O1 CLR F . 15.80 2.18 -18.62
C1 CLR G . -0.82 -22.11 -54.31
C2 CLR G . -0.10 -22.81 -55.45
C3 CLR G . 1.39 -22.86 -55.20
C4 CLR G . 1.67 -23.55 -53.87
C5 CLR G . 0.93 -22.92 -52.74
C6 CLR G . 1.57 -22.53 -51.64
C7 CLR G . 0.94 -21.93 -50.43
C8 CLR G . -0.59 -22.05 -50.44
C9 CLR G . -1.12 -21.75 -51.85
C10 CLR G . -0.57 -22.73 -52.92
C11 CLR G . -2.65 -21.65 -51.85
C12 CLR G . -3.19 -20.66 -50.81
C13 CLR G . -2.71 -21.03 -49.39
C14 CLR G . -1.18 -21.07 -49.45
C15 CLR G . -0.76 -21.18 -47.99
C16 CLR G . -1.82 -20.35 -47.25
C17 CLR G . -2.92 -19.97 -48.28
C18 CLR G . -3.31 -22.37 -48.95
C19 CLR G . -1.24 -24.10 -52.83
C20 CLR G . -4.30 -19.81 -47.63
C21 CLR G . -5.29 -19.00 -48.47
C22 CLR G . -4.17 -19.18 -46.24
C23 CLR G . -5.40 -19.34 -45.36
C24 CLR G . -5.24 -18.66 -44.00
C25 CLR G . -6.34 -18.98 -42.98
C26 CLR G . -6.20 -20.43 -42.49
C27 CLR G . -6.35 -18.02 -41.80
O1 CLR G . 2.01 -23.51 -56.29
C1 CLR H . 6.28 -19.67 -52.84
C2 CLR H . 7.02 -20.07 -54.12
C3 CLR H . 6.04 -20.56 -55.18
C4 CLR H . 5.00 -19.48 -55.45
C5 CLR H . 4.30 -19.04 -54.19
C6 CLR H . 2.97 -19.05 -54.13
C7 CLR H . 2.18 -18.61 -52.95
C8 CLR H . 3.00 -17.82 -51.95
C9 CLR H . 4.37 -18.48 -51.73
C10 CLR H . 5.18 -18.60 -53.05
C11 CLR H . 5.13 -17.80 -50.60
C12 CLR H . 4.32 -17.64 -49.31
C13 CLR H . 3.00 -16.91 -49.54
C14 CLR H . 2.27 -17.72 -50.62
C15 CLR H . 0.86 -17.17 -50.63
C16 CLR H . 0.60 -16.87 -49.14
C17 CLR H . 1.95 -16.97 -48.39
C18 CLR H . 3.24 -15.46 -49.96
C19 CLR H . 5.83 -17.26 -53.42
C20 CLR H . 2.00 -15.94 -47.25
C21 CLR H . 3.21 -16.08 -46.32
C22 CLR H . 0.70 -16.05 -46.42
C23 CLR H . 0.29 -14.77 -45.70
C24 CLR H . -1.01 -14.96 -44.93
C25 CLR H . -2.24 -14.23 -45.50
C26 CLR H . -2.68 -14.87 -46.80
C27 CLR H . -3.39 -14.18 -44.50
O1 CLR H . 6.77 -20.90 -56.33
C1 CLR I . 2.10 -16.85 -57.61
C2 CLR I . 2.73 -17.18 -58.95
C3 CLR I . 2.24 -18.51 -59.48
C4 CLR I . 0.72 -18.50 -59.57
C5 CLR I . 0.09 -18.13 -58.24
C6 CLR I . -0.78 -18.95 -57.67
C7 CLR I . -1.50 -18.67 -56.40
C8 CLR I . -1.41 -17.19 -56.01
C9 CLR I . 0.05 -16.73 -56.14
C10 CLR I . 0.56 -16.83 -57.60
C11 CLR I . 0.24 -15.34 -55.52
C12 CLR I . -0.33 -15.19 -54.10
C13 CLR I . -1.81 -15.58 -54.05
C14 CLR I . -1.89 -17.02 -54.59
C15 CLR I . -3.30 -17.47 -54.25
C16 CLR I . -3.60 -16.76 -52.92
C17 CLR I . -2.42 -15.79 -52.64
C18 CLR I . -2.66 -14.60 -54.85
C19 CLR I . 0.06 -15.66 -58.46
C20 CLR I . -2.85 -14.58 -51.80
C21 CLR I . -1.81 -14.22 -50.73
C22 CLR I . -4.22 -14.81 -51.16
C23 CLR I . -4.52 -14.07 -49.86
C24 CLR I . -5.10 -12.68 -50.09
C25 CLR I . -5.21 -11.81 -48.83
C26 CLR I . -5.66 -10.40 -49.18
C27 CLR I . -6.15 -12.44 -47.80
O1 CLR I . 2.83 -18.74 -60.75
C1 CLR J . -4.13 -36.16 -48.04
C2 CLR J . -4.35 -37.47 -48.80
C3 CLR J . -3.10 -38.33 -48.74
C4 CLR J . -2.73 -38.61 -47.29
C5 CLR J . -2.58 -37.33 -46.49
C6 CLR J . -1.48 -37.11 -45.76
C7 CLR J . -1.26 -35.94 -44.89
C8 CLR J . -2.54 -35.11 -44.67
C9 CLR J . -3.30 -34.98 -45.99
C10 CLR J . -3.73 -36.35 -46.56
C11 CLR J . -4.44 -33.97 -45.87
C12 CLR J . -4.04 -32.63 -45.27
C13 CLR J . -3.39 -32.81 -43.90
C14 CLR J . -2.19 -33.74 -44.10
C15 CLR J . -1.43 -33.67 -42.79
C16 CLR J . -1.64 -32.22 -42.32
C17 CLR J . -2.66 -31.57 -43.29
C18 CLR J . -4.40 -33.36 -42.89
C19 CLR J . -4.91 -36.93 -45.78
C20 CLR J . -3.49 -30.47 -42.59
C21 CLR J . -4.23 -29.56 -43.57
C22 CLR J . -2.60 -29.66 -41.65
C23 CLR J . -3.15 -29.44 -40.24
C24 CLR J . -4.22 -28.36 -40.18
C25 CLR J . -5.67 -28.85 -40.18
C26 CLR J . -5.94 -29.70 -38.94
C27 CLR J . -6.67 -27.71 -40.27
O1 CLR J . -3.36 -39.53 -49.46
C39 UNL K . -0.16 -11.46 -58.89
C3A UNL K . -1.54 -11.30 -58.25
C3B UNL K . -1.51 -10.54 -56.93
C3C UNL K . -2.89 -10.39 -56.31
C3D UNL K . -2.88 -9.60 -55.01
C3E UNL K . -4.28 -9.37 -54.44
C3F UNL K . -4.29 -8.48 -53.20
C39 UNL L . 4.80 -13.65 -57.22
C3A UNL L . 4.28 -13.96 -55.82
C3B UNL L . 4.39 -12.79 -54.85
C3C UNL L . 3.46 -12.92 -53.65
C3D UNL L . 3.43 -11.69 -52.76
C3E UNL L . 2.31 -11.74 -51.72
C3F UNL L . 2.33 -10.56 -50.76
C39 UNL M . 11.09 -16.30 -52.29
C3A UNL M . 9.76 -15.65 -51.91
C3B UNL M . 9.76 -15.06 -50.50
C3C UNL M . 8.38 -14.59 -50.07
C3D UNL M . 8.32 -14.15 -48.61
C3E UNL M . 6.94 -13.68 -48.18
C3F UNL M . 6.88 -13.20 -46.74
C3G UNL M . 5.51 -12.63 -46.36
C3H UNL M . 5.42 -12.16 -44.91
C39 UNL N . -6.62 -4.16 -34.43
C3A UNL N . -7.02 -3.13 -33.37
C3B UNL N . -7.29 -1.75 -33.94
C3C UNL N . -7.69 -0.74 -32.86
C3D UNL N . -8.07 0.63 -33.40
C3E UNL N . -8.62 1.55 -32.32
C3F UNL N . -9.05 2.92 -32.84
C3G UNL N . -9.68 3.78 -31.75
C3H UNL N . -10.02 5.19 -32.22
#